data_1WCJ
# 
_entry.id   1WCJ 
# 
_audit_conform.dict_name       mmcif_pdbx.dic 
_audit_conform.dict_version    5.392 
_audit_conform.dict_location   http://mmcif.pdb.org/dictionaries/ascii/mmcif_pdbx.dic 
# 
loop_
_database_2.database_id 
_database_2.database_code 
_database_2.pdbx_database_accession 
_database_2.pdbx_DOI 
PDB   1WCJ         pdb_00001wcj 10.2210/pdb1wcj/pdb 
PDBE  EBI-16254    ?            ?                   
WWPDB D_1290016254 ?            ?                   
# 
loop_
_pdbx_audit_revision_history.ordinal 
_pdbx_audit_revision_history.data_content_type 
_pdbx_audit_revision_history.major_revision 
_pdbx_audit_revision_history.minor_revision 
_pdbx_audit_revision_history.revision_date 
1 'Structure model' 1 0 2004-12-14 
2 'Structure model' 1 1 2024-05-15 
# 
_pdbx_audit_revision_details.ordinal             1 
_pdbx_audit_revision_details.revision_ordinal    1 
_pdbx_audit_revision_details.data_content_type   'Structure model' 
_pdbx_audit_revision_details.provider            repository 
_pdbx_audit_revision_details.type                'Initial release' 
_pdbx_audit_revision_details.description         ? 
_pdbx_audit_revision_details.details             ? 
# 
loop_
_pdbx_audit_revision_group.ordinal 
_pdbx_audit_revision_group.revision_ordinal 
_pdbx_audit_revision_group.data_content_type 
_pdbx_audit_revision_group.group 
1 2 'Structure model' 'Data collection'     
2 2 'Structure model' 'Database references' 
3 2 'Structure model' Other                 
# 
loop_
_pdbx_audit_revision_category.ordinal 
_pdbx_audit_revision_category.revision_ordinal 
_pdbx_audit_revision_category.data_content_type 
_pdbx_audit_revision_category.category 
1 2 'Structure model' chem_comp_atom       
2 2 'Structure model' chem_comp_bond       
3 2 'Structure model' database_2           
4 2 'Structure model' pdbx_database_status 
5 2 'Structure model' pdbx_nmr_software    
# 
loop_
_pdbx_audit_revision_item.ordinal 
_pdbx_audit_revision_item.revision_ordinal 
_pdbx_audit_revision_item.data_content_type 
_pdbx_audit_revision_item.item 
1 2 'Structure model' '_database_2.pdbx_DOI'                 
2 2 'Structure model' '_database_2.pdbx_database_accession'  
3 2 'Structure model' '_pdbx_database_status.status_code_mr' 
4 2 'Structure model' '_pdbx_nmr_software.name'              
# 
_pdbx_database_status.status_code                     REL 
_pdbx_database_status.entry_id                        1WCJ 
_pdbx_database_status.deposit_site                    PDBE 
_pdbx_database_status.process_site                    PDBE 
_pdbx_database_status.SG_entry                        . 
_pdbx_database_status.recvd_initial_deposition_date   2004-11-17 
_pdbx_database_status.pdb_format_compatible           Y 
_pdbx_database_status.status_code_sf                  ? 
_pdbx_database_status.status_code_mr                  REL 
_pdbx_database_status.status_code_cs                  ? 
_pdbx_database_status.methods_development_category    ? 
_pdbx_database_status.status_code_nmr_data            ? 
# 
_pdbx_database_related.db_name        PDB 
_pdbx_database_related.db_id          1UWD 
_pdbx_database_related.content_type   unspecified 
_pdbx_database_related.details        'CONSERVED HYPOTHETICAL PROTEIN TM0487 FROM THERMOTOGA MARITIMA' 
# 
loop_
_audit_author.name 
_audit_author.pdbx_ordinal 
'Almeida, M.S.'                               1 
'Peti, W.'                                    2 
'Herrmann, T.'                                3 
'Wuthrich, K.'                                4 
'Joint Center for Structural Genomics (JCSG)' 5 
# 
loop_
_citation.id 
_citation.title 
_citation.journal_abbrev 
_citation.journal_volume 
_citation.page_first 
_citation.page_last 
_citation.year 
_citation.journal_id_ASTM 
_citation.country 
_citation.journal_id_ISSN 
_citation.journal_id_CSD 
_citation.book_publisher 
_citation.pdbx_database_id_PubMed 
_citation.pdbx_database_id_DOI 
primary 
;NMR Structure of the Conserved Hypothetical Protein Tm0487 from Thermotoga Maritima: Implications for 216 Homologous Duf59 Proteins.
;
'Protein Sci.' 14 2880 ? 2005 PRCIEI US 0961-8368 0795 ? 16199668 10.1110/PS.051755805               
1       '1H-, 13C- and 15N-NMR Assignment of the Conserved Hypothetical Protein Tm0487 from Thermotoga Maritima' J.Biomol.NMR   29 
453  ? 2004 JBNME9 NE 0925-2738 0800 ? 15213465 10.1023/B:JNMR.0000032522.43753.F1 
# 
loop_
_citation_author.citation_id 
_citation_author.name 
_citation_author.ordinal 
_citation_author.identifier_ORCID 
primary 'Almeida, M.S.' 1 ? 
primary 'Herrmann, T.'  2 ? 
primary 'Peti, W.'      3 ? 
primary 'Wilson, I.A.'  4 ? 
primary 'Wuthrich, K.'  5 ? 
1       'Almeida, M.S.' 6 ? 
1       'Peti, W.'      7 ? 
1       'Wuthrich, K.'  8 ? 
# 
_entity.id                         1 
_entity.type                       polymer 
_entity.src_method                 man 
_entity.pdbx_description           'HYPOTHETICAL PROTEIN TM0487' 
_entity.formula_weight             11517.340 
_entity.pdbx_number_of_molecules   1 
_entity.pdbx_ec                    ? 
_entity.pdbx_mutation              ? 
_entity.pdbx_fragment              'RESIDUES 2-104' 
_entity.details                    'CONFORMER WITH THE LOWEST R.M.S.D. TO THE MEAN STRUCTURE.' 
# 
_entity_poly.entity_id                      1 
_entity_poly.type                           'polypeptide(L)' 
_entity_poly.nstd_linkage                   no 
_entity_poly.nstd_monomer                   no 
_entity_poly.pdbx_seq_one_letter_code       
;PMSKKVTKEDVLNALKNVIDFELGLDVVSLGLVYDIQIDDQNNVKVLMTMTTPMCPLAGMILSDAEEAIKKIEGVNNVEV
ELTFDPPWTPERMSPELREKFGV
;
_entity_poly.pdbx_seq_one_letter_code_can   
;PMSKKVTKEDVLNALKNVIDFELGLDVVSLGLVYDIQIDDQNNVKVLMTMTTPMCPLAGMILSDAEEAIKKIEGVNNVEV
ELTFDPPWTPERMSPELREKFGV
;
_entity_poly.pdbx_strand_id                 A 
_entity_poly.pdbx_target_identifier         ? 
# 
loop_
_entity_poly_seq.entity_id 
_entity_poly_seq.num 
_entity_poly_seq.mon_id 
_entity_poly_seq.hetero 
1 1   PRO n 
1 2   MET n 
1 3   SER n 
1 4   LYS n 
1 5   LYS n 
1 6   VAL n 
1 7   THR n 
1 8   LYS n 
1 9   GLU n 
1 10  ASP n 
1 11  VAL n 
1 12  LEU n 
1 13  ASN n 
1 14  ALA n 
1 15  LEU n 
1 16  LYS n 
1 17  ASN n 
1 18  VAL n 
1 19  ILE n 
1 20  ASP n 
1 21  PHE n 
1 22  GLU n 
1 23  LEU n 
1 24  GLY n 
1 25  LEU n 
1 26  ASP n 
1 27  VAL n 
1 28  VAL n 
1 29  SER n 
1 30  LEU n 
1 31  GLY n 
1 32  LEU n 
1 33  VAL n 
1 34  TYR n 
1 35  ASP n 
1 36  ILE n 
1 37  GLN n 
1 38  ILE n 
1 39  ASP n 
1 40  ASP n 
1 41  GLN n 
1 42  ASN n 
1 43  ASN n 
1 44  VAL n 
1 45  LYS n 
1 46  VAL n 
1 47  LEU n 
1 48  MET n 
1 49  THR n 
1 50  MET n 
1 51  THR n 
1 52  THR n 
1 53  PRO n 
1 54  MET n 
1 55  CYS n 
1 56  PRO n 
1 57  LEU n 
1 58  ALA n 
1 59  GLY n 
1 60  MET n 
1 61  ILE n 
1 62  LEU n 
1 63  SER n 
1 64  ASP n 
1 65  ALA n 
1 66  GLU n 
1 67  GLU n 
1 68  ALA n 
1 69  ILE n 
1 70  LYS n 
1 71  LYS n 
1 72  ILE n 
1 73  GLU n 
1 74  GLY n 
1 75  VAL n 
1 76  ASN n 
1 77  ASN n 
1 78  VAL n 
1 79  GLU n 
1 80  VAL n 
1 81  GLU n 
1 82  LEU n 
1 83  THR n 
1 84  PHE n 
1 85  ASP n 
1 86  PRO n 
1 87  PRO n 
1 88  TRP n 
1 89  THR n 
1 90  PRO n 
1 91  GLU n 
1 92  ARG n 
1 93  MET n 
1 94  SER n 
1 95  PRO n 
1 96  GLU n 
1 97  LEU n 
1 98  ARG n 
1 99  GLU n 
1 100 LYS n 
1 101 PHE n 
1 102 GLY n 
1 103 VAL n 
# 
_entity_src_gen.entity_id                          1 
_entity_src_gen.pdbx_src_id                        1 
_entity_src_gen.pdbx_alt_source_flag               sample 
_entity_src_gen.pdbx_seq_type                      ? 
_entity_src_gen.pdbx_beg_seq_num                   ? 
_entity_src_gen.pdbx_end_seq_num                   ? 
_entity_src_gen.gene_src_common_name               ? 
_entity_src_gen.gene_src_genus                     ? 
_entity_src_gen.pdbx_gene_src_gene                 ? 
_entity_src_gen.gene_src_species                   ? 
_entity_src_gen.gene_src_strain                    ? 
_entity_src_gen.gene_src_tissue                    ? 
_entity_src_gen.gene_src_tissue_fraction           ? 
_entity_src_gen.gene_src_details                   ? 
_entity_src_gen.pdbx_gene_src_fragment             ? 
_entity_src_gen.pdbx_gene_src_scientific_name      'THERMOTOGA MARITIMA' 
_entity_src_gen.pdbx_gene_src_ncbi_taxonomy_id     2336 
_entity_src_gen.pdbx_gene_src_variant              ? 
_entity_src_gen.pdbx_gene_src_cell_line            ? 
_entity_src_gen.pdbx_gene_src_atcc                 ? 
_entity_src_gen.pdbx_gene_src_organ                ? 
_entity_src_gen.pdbx_gene_src_organelle            ? 
_entity_src_gen.pdbx_gene_src_cell                 ? 
_entity_src_gen.pdbx_gene_src_cellular_location    ? 
_entity_src_gen.host_org_common_name               ? 
_entity_src_gen.pdbx_host_org_scientific_name      'ESCHERICHIA COLI' 
_entity_src_gen.pdbx_host_org_ncbi_taxonomy_id     469008 
_entity_src_gen.host_org_genus                     ? 
_entity_src_gen.pdbx_host_org_gene                 ? 
_entity_src_gen.pdbx_host_org_organ                ? 
_entity_src_gen.host_org_species                   ? 
_entity_src_gen.pdbx_host_org_tissue               ? 
_entity_src_gen.pdbx_host_org_tissue_fraction      ? 
_entity_src_gen.pdbx_host_org_strain               'BL21(DE3)' 
_entity_src_gen.pdbx_host_org_variant              ? 
_entity_src_gen.pdbx_host_org_cell_line            ? 
_entity_src_gen.pdbx_host_org_atcc                 ? 
_entity_src_gen.pdbx_host_org_culture_collection   ? 
_entity_src_gen.pdbx_host_org_cell                 ? 
_entity_src_gen.pdbx_host_org_organelle            ? 
_entity_src_gen.pdbx_host_org_cellular_location    ? 
_entity_src_gen.pdbx_host_org_vector_type          ? 
_entity_src_gen.pdbx_host_org_vector               PET 
_entity_src_gen.host_org_details                   ? 
_entity_src_gen.expression_system_id               ? 
_entity_src_gen.plasmid_name                       ? 
_entity_src_gen.plasmid_details                    ? 
_entity_src_gen.pdbx_description                   ? 
# 
loop_
_chem_comp.id 
_chem_comp.type 
_chem_comp.mon_nstd_flag 
_chem_comp.name 
_chem_comp.pdbx_synonyms 
_chem_comp.formula 
_chem_comp.formula_weight 
ALA 'L-peptide linking' y ALANINE         ? 'C3 H7 N O2'     89.093  
ARG 'L-peptide linking' y ARGININE        ? 'C6 H15 N4 O2 1' 175.209 
ASN 'L-peptide linking' y ASPARAGINE      ? 'C4 H8 N2 O3'    132.118 
ASP 'L-peptide linking' y 'ASPARTIC ACID' ? 'C4 H7 N O4'     133.103 
CYS 'L-peptide linking' y CYSTEINE        ? 'C3 H7 N O2 S'   121.158 
GLN 'L-peptide linking' y GLUTAMINE       ? 'C5 H10 N2 O3'   146.144 
GLU 'L-peptide linking' y 'GLUTAMIC ACID' ? 'C5 H9 N O4'     147.129 
GLY 'peptide linking'   y GLYCINE         ? 'C2 H5 N O2'     75.067  
ILE 'L-peptide linking' y ISOLEUCINE      ? 'C6 H13 N O2'    131.173 
LEU 'L-peptide linking' y LEUCINE         ? 'C6 H13 N O2'    131.173 
LYS 'L-peptide linking' y LYSINE          ? 'C6 H15 N2 O2 1' 147.195 
MET 'L-peptide linking' y METHIONINE      ? 'C5 H11 N O2 S'  149.211 
PHE 'L-peptide linking' y PHENYLALANINE   ? 'C9 H11 N O2'    165.189 
PRO 'L-peptide linking' y PROLINE         ? 'C5 H9 N O2'     115.130 
SER 'L-peptide linking' y SERINE          ? 'C3 H7 N O3'     105.093 
THR 'L-peptide linking' y THREONINE       ? 'C4 H9 N O3'     119.119 
TRP 'L-peptide linking' y TRYPTOPHAN      ? 'C11 H12 N2 O2'  204.225 
TYR 'L-peptide linking' y TYROSINE        ? 'C9 H11 N O3'    181.189 
VAL 'L-peptide linking' y VALINE          ? 'C5 H11 N O2'    117.146 
# 
loop_
_pdbx_poly_seq_scheme.asym_id 
_pdbx_poly_seq_scheme.entity_id 
_pdbx_poly_seq_scheme.seq_id 
_pdbx_poly_seq_scheme.mon_id 
_pdbx_poly_seq_scheme.ndb_seq_num 
_pdbx_poly_seq_scheme.pdb_seq_num 
_pdbx_poly_seq_scheme.auth_seq_num 
_pdbx_poly_seq_scheme.pdb_mon_id 
_pdbx_poly_seq_scheme.auth_mon_id 
_pdbx_poly_seq_scheme.pdb_strand_id 
_pdbx_poly_seq_scheme.pdb_ins_code 
_pdbx_poly_seq_scheme.hetero 
A 1 1   PRO 1   1   ?   ?   ?   A . n 
A 1 2   MET 2   2   2   MET MET A . n 
A 1 3   SER 3   3   3   SER SER A . n 
A 1 4   LYS 4   4   4   LYS LYS A . n 
A 1 5   LYS 5   5   5   LYS LYS A . n 
A 1 6   VAL 6   6   6   VAL VAL A . n 
A 1 7   THR 7   7   7   THR THR A . n 
A 1 8   LYS 8   8   8   LYS LYS A . n 
A 1 9   GLU 9   9   9   GLU GLU A . n 
A 1 10  ASP 10  10  10  ASP ASP A . n 
A 1 11  VAL 11  11  11  VAL VAL A . n 
A 1 12  LEU 12  12  12  LEU LEU A . n 
A 1 13  ASN 13  13  13  ASN ASN A . n 
A 1 14  ALA 14  14  14  ALA ALA A . n 
A 1 15  LEU 15  15  15  LEU LEU A . n 
A 1 16  LYS 16  16  16  LYS LYS A . n 
A 1 17  ASN 17  17  17  ASN ASN A . n 
A 1 18  VAL 18  18  18  VAL VAL A . n 
A 1 19  ILE 19  19  19  ILE ILE A . n 
A 1 20  ASP 20  20  20  ASP ASP A . n 
A 1 21  PHE 21  21  21  PHE PHE A . n 
A 1 22  GLU 22  22  22  GLU GLU A . n 
A 1 23  LEU 23  23  23  LEU LEU A . n 
A 1 24  GLY 24  24  24  GLY GLY A . n 
A 1 25  LEU 25  25  25  LEU LEU A . n 
A 1 26  ASP 26  26  26  ASP ASP A . n 
A 1 27  VAL 27  27  27  VAL VAL A . n 
A 1 28  VAL 28  28  28  VAL VAL A . n 
A 1 29  SER 29  29  29  SER SER A . n 
A 1 30  LEU 30  30  30  LEU LEU A . n 
A 1 31  GLY 31  31  31  GLY GLY A . n 
A 1 32  LEU 32  32  32  LEU LEU A . n 
A 1 33  VAL 33  33  33  VAL VAL A . n 
A 1 34  TYR 34  34  34  TYR TYR A . n 
A 1 35  ASP 35  35  35  ASP ASP A . n 
A 1 36  ILE 36  36  36  ILE ILE A . n 
A 1 37  GLN 37  37  37  GLN GLN A . n 
A 1 38  ILE 38  38  38  ILE ILE A . n 
A 1 39  ASP 39  39  39  ASP ASP A . n 
A 1 40  ASP 40  40  40  ASP ASP A . n 
A 1 41  GLN 41  41  41  GLN GLN A . n 
A 1 42  ASN 42  42  42  ASN ASN A . n 
A 1 43  ASN 43  43  43  ASN ASN A . n 
A 1 44  VAL 44  44  44  VAL VAL A . n 
A 1 45  LYS 45  45  45  LYS LYS A . n 
A 1 46  VAL 46  46  46  VAL VAL A . n 
A 1 47  LEU 47  47  47  LEU LEU A . n 
A 1 48  MET 48  48  48  MET MET A . n 
A 1 49  THR 49  49  49  THR THR A . n 
A 1 50  MET 50  50  50  MET MET A . n 
A 1 51  THR 51  51  51  THR THR A . n 
A 1 52  THR 52  52  52  THR THR A . n 
A 1 53  PRO 53  53  53  PRO PRO A . n 
A 1 54  MET 54  54  54  MET MET A . n 
A 1 55  CYS 55  55  55  CYS CYS A . n 
A 1 56  PRO 56  56  56  PRO PRO A . n 
A 1 57  LEU 57  57  57  LEU LEU A . n 
A 1 58  ALA 58  58  58  ALA ALA A . n 
A 1 59  GLY 59  59  59  GLY GLY A . n 
A 1 60  MET 60  60  60  MET MET A . n 
A 1 61  ILE 61  61  61  ILE ILE A . n 
A 1 62  LEU 62  62  62  LEU LEU A . n 
A 1 63  SER 63  63  63  SER SER A . n 
A 1 64  ASP 64  64  64  ASP ASP A . n 
A 1 65  ALA 65  65  65  ALA ALA A . n 
A 1 66  GLU 66  66  66  GLU GLU A . n 
A 1 67  GLU 67  67  67  GLU GLU A . n 
A 1 68  ALA 68  68  68  ALA ALA A . n 
A 1 69  ILE 69  69  69  ILE ILE A . n 
A 1 70  LYS 70  70  70  LYS LYS A . n 
A 1 71  LYS 71  71  71  LYS LYS A . n 
A 1 72  ILE 72  72  72  ILE ILE A . n 
A 1 73  GLU 73  73  73  GLU GLU A . n 
A 1 74  GLY 74  74  74  GLY GLY A . n 
A 1 75  VAL 75  75  75  VAL VAL A . n 
A 1 76  ASN 76  76  76  ASN ASN A . n 
A 1 77  ASN 77  77  77  ASN ASN A . n 
A 1 78  VAL 78  78  78  VAL VAL A . n 
A 1 79  GLU 79  79  79  GLU GLU A . n 
A 1 80  VAL 80  80  80  VAL VAL A . n 
A 1 81  GLU 81  81  81  GLU GLU A . n 
A 1 82  LEU 82  82  82  LEU LEU A . n 
A 1 83  THR 83  83  83  THR THR A . n 
A 1 84  PHE 84  84  84  PHE PHE A . n 
A 1 85  ASP 85  85  85  ASP ASP A . n 
A 1 86  PRO 86  86  86  PRO PRO A . n 
A 1 87  PRO 87  87  87  PRO PRO A . n 
A 1 88  TRP 88  88  88  TRP TRP A . n 
A 1 89  THR 89  89  89  THR THR A . n 
A 1 90  PRO 90  90  90  PRO PRO A . n 
A 1 91  GLU 91  91  91  GLU GLU A . n 
A 1 92  ARG 92  92  92  ARG ARG A . n 
A 1 93  MET 93  93  93  MET MET A . n 
A 1 94  SER 94  94  94  SER SER A . n 
A 1 95  PRO 95  95  95  PRO PRO A . n 
A 1 96  GLU 96  96  96  GLU GLU A . n 
A 1 97  LEU 97  97  97  LEU LEU A . n 
A 1 98  ARG 98  98  98  ARG ARG A . n 
A 1 99  GLU 99  99  99  GLU GLU A . n 
A 1 100 LYS 100 100 100 LYS LYS A . n 
A 1 101 PHE 101 101 101 PHE PHE A . n 
A 1 102 GLY 102 102 102 GLY GLY A . n 
A 1 103 VAL 103 103 103 VAL VAL A . n 
# 
_cell.entry_id           1WCJ 
_cell.length_a           1.000 
_cell.length_b           1.000 
_cell.length_c           1.000 
_cell.angle_alpha        90.00 
_cell.angle_beta         90.00 
_cell.angle_gamma        90.00 
_cell.Z_PDB              1 
_cell.pdbx_unique_axis   ? 
# 
_symmetry.entry_id                         1WCJ 
_symmetry.space_group_name_H-M             'P 1' 
_symmetry.pdbx_full_space_group_name_H-M   ? 
_symmetry.cell_setting                     ? 
_symmetry.Int_Tables_number                1 
# 
_exptl.entry_id          1WCJ 
_exptl.method            'SOLUTION NMR' 
_exptl.crystals_number   ? 
# 
_struct.entry_id                  1WCJ 
_struct.title                     'Conserved Hypothetical Protein TM0487 from Thermotoga maritima' 
_struct.pdbx_model_details        ? 
_struct.pdbx_CASP_flag            ? 
_struct.pdbx_model_type_details   'MINIMIZED AVERAGE' 
# 
_struct_keywords.entry_id        1WCJ 
_struct_keywords.pdbx_keywords   'STRUCTURAL GENOMICS, UNKNOWN FUNCTION' 
_struct_keywords.text            
;STRUCTURAL GENOMICS, UNKNOWN FUNCTION, CONTAINS PAAD DOMAIN, SIMILAR TO PAAD PROTEIN, UNKNOWN ACTIVITY, ALPHA/BETA FOLD, JCSG, HYPOTHETICAL PROTEIN, PSI, PROTEIN STRUCTURE INITIATIVE, JOINT CENTER FOR STRUCTURAL GENOMICS
;
# 
_struct_asym.id                            A 
_struct_asym.pdbx_blank_PDB_chainid_flag   N 
_struct_asym.pdbx_modified                 N 
_struct_asym.entity_id                     1 
_struct_asym.details                       ? 
# 
_struct_ref.id                         1 
_struct_ref.db_name                    UNP 
_struct_ref.db_code                    Q9WYV7 
_struct_ref.entity_id                  1 
_struct_ref.pdbx_seq_one_letter_code   ? 
_struct_ref.pdbx_align_begin           ? 
_struct_ref.pdbx_db_accession          Q9WYV7 
_struct_ref.pdbx_db_isoform            ? 
# 
_struct_ref_seq.align_id                      1 
_struct_ref_seq.ref_id                        1 
_struct_ref_seq.pdbx_PDB_id_code              1WCJ 
_struct_ref_seq.pdbx_strand_id                A 
_struct_ref_seq.seq_align_beg                 1 
_struct_ref_seq.pdbx_seq_align_beg_ins_code   ? 
_struct_ref_seq.seq_align_end                 103 
_struct_ref_seq.pdbx_seq_align_end_ins_code   ? 
_struct_ref_seq.pdbx_db_accession             Q9WYV7 
_struct_ref_seq.db_align_beg                  2 
_struct_ref_seq.pdbx_db_align_beg_ins_code    ? 
_struct_ref_seq.db_align_end                  104 
_struct_ref_seq.pdbx_db_align_end_ins_code    ? 
_struct_ref_seq.pdbx_auth_seq_align_beg       1 
_struct_ref_seq.pdbx_auth_seq_align_end       103 
# 
_pdbx_struct_assembly.id                   1 
_pdbx_struct_assembly.details              author_defined_assembly 
_pdbx_struct_assembly.method_details       ? 
_pdbx_struct_assembly.oligomeric_details   monomeric 
_pdbx_struct_assembly.oligomeric_count     1 
# 
_pdbx_struct_assembly_gen.assembly_id       1 
_pdbx_struct_assembly_gen.oper_expression   1 
_pdbx_struct_assembly_gen.asym_id_list      A 
# 
_pdbx_struct_oper_list.id                   1 
_pdbx_struct_oper_list.type                 'identity operation' 
_pdbx_struct_oper_list.name                 1_555 
_pdbx_struct_oper_list.symmetry_operation   x,y,z 
_pdbx_struct_oper_list.matrix[1][1]         1.0000000000 
_pdbx_struct_oper_list.matrix[1][2]         0.0000000000 
_pdbx_struct_oper_list.matrix[1][3]         0.0000000000 
_pdbx_struct_oper_list.vector[1]            0.0000000000 
_pdbx_struct_oper_list.matrix[2][1]         0.0000000000 
_pdbx_struct_oper_list.matrix[2][2]         1.0000000000 
_pdbx_struct_oper_list.matrix[2][3]         0.0000000000 
_pdbx_struct_oper_list.vector[2]            0.0000000000 
_pdbx_struct_oper_list.matrix[3][1]         0.0000000000 
_pdbx_struct_oper_list.matrix[3][2]         0.0000000000 
_pdbx_struct_oper_list.matrix[3][3]         1.0000000000 
_pdbx_struct_oper_list.vector[3]            0.0000000000 
# 
_struct_biol.id   1 
# 
loop_
_struct_conf.conf_type_id 
_struct_conf.id 
_struct_conf.pdbx_PDB_helix_id 
_struct_conf.beg_label_comp_id 
_struct_conf.beg_label_asym_id 
_struct_conf.beg_label_seq_id 
_struct_conf.pdbx_beg_PDB_ins_code 
_struct_conf.end_label_comp_id 
_struct_conf.end_label_asym_id 
_struct_conf.end_label_seq_id 
_struct_conf.pdbx_end_PDB_ins_code 
_struct_conf.beg_auth_comp_id 
_struct_conf.beg_auth_asym_id 
_struct_conf.beg_auth_seq_id 
_struct_conf.end_auth_comp_id 
_struct_conf.end_auth_asym_id 
_struct_conf.end_auth_seq_id 
_struct_conf.pdbx_PDB_helix_class 
_struct_conf.details 
_struct_conf.pdbx_PDB_helix_length 
HELX_P HELX_P1 1 THR A 7  ? LYS A 16  ? THR A 7  LYS A 16  1 ? 10 
HELX_P HELX_P2 2 ASP A 26 ? GLY A 31  ? ASP A 26 GLY A 31  1 ? 6  
HELX_P HELX_P3 3 LEU A 57 ? LYS A 70  ? LEU A 57 LYS A 70  1 ? 14 
HELX_P HELX_P4 4 THR A 89 ? MET A 93  ? THR A 89 MET A 93  5 ? 5  
HELX_P HELX_P5 5 SER A 94 ? GLY A 102 ? SER A 94 GLY A 102 1 ? 9  
# 
_struct_conf_type.id          HELX_P 
_struct_conf_type.criteria    ? 
_struct_conf_type.reference   ? 
# 
_struct_sheet.id               AA 
_struct_sheet.type             ? 
_struct_sheet.number_strands   3 
_struct_sheet.details          ? 
# 
loop_
_struct_sheet_order.sheet_id 
_struct_sheet_order.range_id_1 
_struct_sheet_order.range_id_2 
_struct_sheet_order.offset 
_struct_sheet_order.sense 
AA 1 2 ? anti-parallel 
AA 2 3 ? parallel      
# 
loop_
_struct_sheet_range.sheet_id 
_struct_sheet_range.id 
_struct_sheet_range.beg_label_comp_id 
_struct_sheet_range.beg_label_asym_id 
_struct_sheet_range.beg_label_seq_id 
_struct_sheet_range.pdbx_beg_PDB_ins_code 
_struct_sheet_range.end_label_comp_id 
_struct_sheet_range.end_label_asym_id 
_struct_sheet_range.end_label_seq_id 
_struct_sheet_range.pdbx_end_PDB_ins_code 
_struct_sheet_range.beg_auth_comp_id 
_struct_sheet_range.beg_auth_asym_id 
_struct_sheet_range.beg_auth_seq_id 
_struct_sheet_range.end_auth_comp_id 
_struct_sheet_range.end_auth_asym_id 
_struct_sheet_range.end_auth_seq_id 
AA 1 ASP A 35 ? ILE A 38 ? ASP A 35 ILE A 38 
AA 2 ASN A 43 ? MET A 48 ? ASN A 43 MET A 48 
AA 3 ASN A 77 ? LEU A 82 ? ASN A 77 LEU A 82 
# 
loop_
_pdbx_struct_sheet_hbond.sheet_id 
_pdbx_struct_sheet_hbond.range_id_1 
_pdbx_struct_sheet_hbond.range_id_2 
_pdbx_struct_sheet_hbond.range_1_label_atom_id 
_pdbx_struct_sheet_hbond.range_1_label_comp_id 
_pdbx_struct_sheet_hbond.range_1_label_asym_id 
_pdbx_struct_sheet_hbond.range_1_label_seq_id 
_pdbx_struct_sheet_hbond.range_1_PDB_ins_code 
_pdbx_struct_sheet_hbond.range_1_auth_atom_id 
_pdbx_struct_sheet_hbond.range_1_auth_comp_id 
_pdbx_struct_sheet_hbond.range_1_auth_asym_id 
_pdbx_struct_sheet_hbond.range_1_auth_seq_id 
_pdbx_struct_sheet_hbond.range_2_label_atom_id 
_pdbx_struct_sheet_hbond.range_2_label_comp_id 
_pdbx_struct_sheet_hbond.range_2_label_asym_id 
_pdbx_struct_sheet_hbond.range_2_label_seq_id 
_pdbx_struct_sheet_hbond.range_2_PDB_ins_code 
_pdbx_struct_sheet_hbond.range_2_auth_atom_id 
_pdbx_struct_sheet_hbond.range_2_auth_comp_id 
_pdbx_struct_sheet_hbond.range_2_auth_asym_id 
_pdbx_struct_sheet_hbond.range_2_auth_seq_id 
AA 1 2 N GLN A 37 ? N GLN A 37 O LYS A 45 ? O LYS A 45 
AA 2 3 N VAL A 44 ? N VAL A 44 O ASN A 77 ? O ASN A 77 
# 
loop_
_pdbx_validate_torsion.id 
_pdbx_validate_torsion.PDB_model_num 
_pdbx_validate_torsion.auth_comp_id 
_pdbx_validate_torsion.auth_asym_id 
_pdbx_validate_torsion.auth_seq_id 
_pdbx_validate_torsion.PDB_ins_code 
_pdbx_validate_torsion.label_alt_id 
_pdbx_validate_torsion.phi 
_pdbx_validate_torsion.psi 
1 1 LYS A 16 ? ? -58.10 10.98  
2 1 GLU A 73 ? ? 24.08  43.27  
3 1 VAL A 75 ? ? -45.67 64.30  
4 1 TRP A 88 ? ? -70.21 -93.85 
5 1 THR A 89 ? ? 158.64 114.39 
# 
_pdbx_validate_peptide_omega.id               1 
_pdbx_validate_peptide_omega.PDB_model_num    1 
_pdbx_validate_peptide_omega.auth_comp_id_1   CYS 
_pdbx_validate_peptide_omega.auth_asym_id_1   A 
_pdbx_validate_peptide_omega.auth_seq_id_1    55 
_pdbx_validate_peptide_omega.PDB_ins_code_1   ? 
_pdbx_validate_peptide_omega.label_alt_id_1   ? 
_pdbx_validate_peptide_omega.auth_comp_id_2   PRO 
_pdbx_validate_peptide_omega.auth_asym_id_2   A 
_pdbx_validate_peptide_omega.auth_seq_id_2    56 
_pdbx_validate_peptide_omega.PDB_ins_code_2   ? 
_pdbx_validate_peptide_omega.label_alt_id_2   ? 
_pdbx_validate_peptide_omega.omega            -146.87 
# 
_pdbx_entry_details.entry_id                 1WCJ 
_pdbx_entry_details.compound_details         ? 
_pdbx_entry_details.source_details           ? 
_pdbx_entry_details.nonpolymer_details       ? 
_pdbx_entry_details.sequence_details         
;MET 1 AND PRO 2 ARE NOT INCLUDED IN THESE STRUCTURES.
THE MET1 IS NOT PRESENT IN THE RECOMBINANT PROTEIN.
;
_pdbx_entry_details.has_ligand_of_interest   ? 
# 
_pdbx_nmr_ensemble.entry_id                             1WCJ 
_pdbx_nmr_ensemble.conformers_calculated_total_number   20 
_pdbx_nmr_ensemble.conformers_submitted_total_number    1 
_pdbx_nmr_ensemble.conformer_selection_criteria         'LOWEST R.M.S.D. TO THE MEAN STRUCTURE' 
# 
_pdbx_nmr_sample_details.solution_id   1 
_pdbx_nmr_sample_details.contents      '90% H2O/10% D2O, 20 MM SODIUM PHOSPHATE' 
# 
_pdbx_nmr_exptl_sample_conditions.conditions_id          1 
_pdbx_nmr_exptl_sample_conditions.temperature            313 
_pdbx_nmr_exptl_sample_conditions.pressure_units         atm 
_pdbx_nmr_exptl_sample_conditions.pressure               1 
_pdbx_nmr_exptl_sample_conditions.pH                     6.0 
_pdbx_nmr_exptl_sample_conditions.ionic_strength         ? 
_pdbx_nmr_exptl_sample_conditions.ionic_strength_units   ? 
_pdbx_nmr_exptl_sample_conditions.pH_units               pH 
_pdbx_nmr_exptl_sample_conditions.temperature_units      K 
# 
loop_
_pdbx_nmr_exptl.experiment_id 
_pdbx_nmr_exptl.conditions_id 
_pdbx_nmr_exptl.type 
_pdbx_nmr_exptl.solution_id 
1 1 '3D 15N-RESOLVED [1H' 1 
2 1 '1H]-NOESY'           1 
3 1 '3D 13C-RESOLVED [1H' 1 
4 1 '1H]-NOESY'           1 
# 
_pdbx_nmr_details.entry_id   1WCJ 
_pdbx_nmr_details.text       'IT REPRESENTS THE CLOSEST CONFORMER TO THE MEAN.. THE SAMPLE WAS 13C AND 15N-LABELED.' 
# 
_pdbx_nmr_refine.entry_id           1WCJ 
_pdbx_nmr_refine.method             'distance geometry' 
_pdbx_nmr_refine.details            'THIS STRUCTURE WAS ENERGY-MINIMIZED IN A WATER SHELL USING THE AMBER FORCE FIELD.' 
_pdbx_nmr_refine.software_ordinal   1 
# 
loop_
_pdbx_nmr_software.classification 
_pdbx_nmr_software.name 
_pdbx_nmr_software.version 
_pdbx_nmr_software.authors 
_pdbx_nmr_software.ordinal 
refinement           OPALp    ? R.KORADI,M.BILLETER,P.GUNTERT 1 
'structure solution' ATNOS/C  ? ?                             2 
'structure solution' ID/DYANA ? ?                             3 
# 
_pdbx_unobs_or_zero_occ_residues.id               1 
_pdbx_unobs_or_zero_occ_residues.PDB_model_num    1 
_pdbx_unobs_or_zero_occ_residues.polymer_flag     Y 
_pdbx_unobs_or_zero_occ_residues.occupancy_flag   1 
_pdbx_unobs_or_zero_occ_residues.auth_asym_id     A 
_pdbx_unobs_or_zero_occ_residues.auth_comp_id     PRO 
_pdbx_unobs_or_zero_occ_residues.auth_seq_id      1 
_pdbx_unobs_or_zero_occ_residues.PDB_ins_code     ? 
_pdbx_unobs_or_zero_occ_residues.label_asym_id    A 
_pdbx_unobs_or_zero_occ_residues.label_comp_id    PRO 
_pdbx_unobs_or_zero_occ_residues.label_seq_id     1 
# 
loop_
_chem_comp_atom.comp_id 
_chem_comp_atom.atom_id 
_chem_comp_atom.type_symbol 
_chem_comp_atom.pdbx_aromatic_flag 
_chem_comp_atom.pdbx_stereo_config 
_chem_comp_atom.pdbx_ordinal 
ALA N    N N N 1   
ALA CA   C N S 2   
ALA C    C N N 3   
ALA O    O N N 4   
ALA CB   C N N 5   
ALA OXT  O N N 6   
ALA H    H N N 7   
ALA H2   H N N 8   
ALA HA   H N N 9   
ALA HB1  H N N 10  
ALA HB2  H N N 11  
ALA HB3  H N N 12  
ALA HXT  H N N 13  
ARG N    N N N 14  
ARG CA   C N S 15  
ARG C    C N N 16  
ARG O    O N N 17  
ARG CB   C N N 18  
ARG CG   C N N 19  
ARG CD   C N N 20  
ARG NE   N N N 21  
ARG CZ   C N N 22  
ARG NH1  N N N 23  
ARG NH2  N N N 24  
ARG OXT  O N N 25  
ARG H    H N N 26  
ARG H2   H N N 27  
ARG HA   H N N 28  
ARG HB2  H N N 29  
ARG HB3  H N N 30  
ARG HG2  H N N 31  
ARG HG3  H N N 32  
ARG HD2  H N N 33  
ARG HD3  H N N 34  
ARG HE   H N N 35  
ARG HH11 H N N 36  
ARG HH12 H N N 37  
ARG HH21 H N N 38  
ARG HH22 H N N 39  
ARG HXT  H N N 40  
ASN N    N N N 41  
ASN CA   C N S 42  
ASN C    C N N 43  
ASN O    O N N 44  
ASN CB   C N N 45  
ASN CG   C N N 46  
ASN OD1  O N N 47  
ASN ND2  N N N 48  
ASN OXT  O N N 49  
ASN H    H N N 50  
ASN H2   H N N 51  
ASN HA   H N N 52  
ASN HB2  H N N 53  
ASN HB3  H N N 54  
ASN HD21 H N N 55  
ASN HD22 H N N 56  
ASN HXT  H N N 57  
ASP N    N N N 58  
ASP CA   C N S 59  
ASP C    C N N 60  
ASP O    O N N 61  
ASP CB   C N N 62  
ASP CG   C N N 63  
ASP OD1  O N N 64  
ASP OD2  O N N 65  
ASP OXT  O N N 66  
ASP H    H N N 67  
ASP H2   H N N 68  
ASP HA   H N N 69  
ASP HB2  H N N 70  
ASP HB3  H N N 71  
ASP HD2  H N N 72  
ASP HXT  H N N 73  
CYS N    N N N 74  
CYS CA   C N R 75  
CYS C    C N N 76  
CYS O    O N N 77  
CYS CB   C N N 78  
CYS SG   S N N 79  
CYS OXT  O N N 80  
CYS H    H N N 81  
CYS H2   H N N 82  
CYS HA   H N N 83  
CYS HB2  H N N 84  
CYS HB3  H N N 85  
CYS HG   H N N 86  
CYS HXT  H N N 87  
GLN N    N N N 88  
GLN CA   C N S 89  
GLN C    C N N 90  
GLN O    O N N 91  
GLN CB   C N N 92  
GLN CG   C N N 93  
GLN CD   C N N 94  
GLN OE1  O N N 95  
GLN NE2  N N N 96  
GLN OXT  O N N 97  
GLN H    H N N 98  
GLN H2   H N N 99  
GLN HA   H N N 100 
GLN HB2  H N N 101 
GLN HB3  H N N 102 
GLN HG2  H N N 103 
GLN HG3  H N N 104 
GLN HE21 H N N 105 
GLN HE22 H N N 106 
GLN HXT  H N N 107 
GLU N    N N N 108 
GLU CA   C N S 109 
GLU C    C N N 110 
GLU O    O N N 111 
GLU CB   C N N 112 
GLU CG   C N N 113 
GLU CD   C N N 114 
GLU OE1  O N N 115 
GLU OE2  O N N 116 
GLU OXT  O N N 117 
GLU H    H N N 118 
GLU H2   H N N 119 
GLU HA   H N N 120 
GLU HB2  H N N 121 
GLU HB3  H N N 122 
GLU HG2  H N N 123 
GLU HG3  H N N 124 
GLU HE2  H N N 125 
GLU HXT  H N N 126 
GLY N    N N N 127 
GLY CA   C N N 128 
GLY C    C N N 129 
GLY O    O N N 130 
GLY OXT  O N N 131 
GLY H    H N N 132 
GLY H2   H N N 133 
GLY HA2  H N N 134 
GLY HA3  H N N 135 
GLY HXT  H N N 136 
ILE N    N N N 137 
ILE CA   C N S 138 
ILE C    C N N 139 
ILE O    O N N 140 
ILE CB   C N S 141 
ILE CG1  C N N 142 
ILE CG2  C N N 143 
ILE CD1  C N N 144 
ILE OXT  O N N 145 
ILE H    H N N 146 
ILE H2   H N N 147 
ILE HA   H N N 148 
ILE HB   H N N 149 
ILE HG12 H N N 150 
ILE HG13 H N N 151 
ILE HG21 H N N 152 
ILE HG22 H N N 153 
ILE HG23 H N N 154 
ILE HD11 H N N 155 
ILE HD12 H N N 156 
ILE HD13 H N N 157 
ILE HXT  H N N 158 
LEU N    N N N 159 
LEU CA   C N S 160 
LEU C    C N N 161 
LEU O    O N N 162 
LEU CB   C N N 163 
LEU CG   C N N 164 
LEU CD1  C N N 165 
LEU CD2  C N N 166 
LEU OXT  O N N 167 
LEU H    H N N 168 
LEU H2   H N N 169 
LEU HA   H N N 170 
LEU HB2  H N N 171 
LEU HB3  H N N 172 
LEU HG   H N N 173 
LEU HD11 H N N 174 
LEU HD12 H N N 175 
LEU HD13 H N N 176 
LEU HD21 H N N 177 
LEU HD22 H N N 178 
LEU HD23 H N N 179 
LEU HXT  H N N 180 
LYS N    N N N 181 
LYS CA   C N S 182 
LYS C    C N N 183 
LYS O    O N N 184 
LYS CB   C N N 185 
LYS CG   C N N 186 
LYS CD   C N N 187 
LYS CE   C N N 188 
LYS NZ   N N N 189 
LYS OXT  O N N 190 
LYS H    H N N 191 
LYS H2   H N N 192 
LYS HA   H N N 193 
LYS HB2  H N N 194 
LYS HB3  H N N 195 
LYS HG2  H N N 196 
LYS HG3  H N N 197 
LYS HD2  H N N 198 
LYS HD3  H N N 199 
LYS HE2  H N N 200 
LYS HE3  H N N 201 
LYS HZ1  H N N 202 
LYS HZ2  H N N 203 
LYS HZ3  H N N 204 
LYS HXT  H N N 205 
MET N    N N N 206 
MET CA   C N S 207 
MET C    C N N 208 
MET O    O N N 209 
MET CB   C N N 210 
MET CG   C N N 211 
MET SD   S N N 212 
MET CE   C N N 213 
MET OXT  O N N 214 
MET H    H N N 215 
MET H2   H N N 216 
MET HA   H N N 217 
MET HB2  H N N 218 
MET HB3  H N N 219 
MET HG2  H N N 220 
MET HG3  H N N 221 
MET HE1  H N N 222 
MET HE2  H N N 223 
MET HE3  H N N 224 
MET HXT  H N N 225 
PHE N    N N N 226 
PHE CA   C N S 227 
PHE C    C N N 228 
PHE O    O N N 229 
PHE CB   C N N 230 
PHE CG   C Y N 231 
PHE CD1  C Y N 232 
PHE CD2  C Y N 233 
PHE CE1  C Y N 234 
PHE CE2  C Y N 235 
PHE CZ   C Y N 236 
PHE OXT  O N N 237 
PHE H    H N N 238 
PHE H2   H N N 239 
PHE HA   H N N 240 
PHE HB2  H N N 241 
PHE HB3  H N N 242 
PHE HD1  H N N 243 
PHE HD2  H N N 244 
PHE HE1  H N N 245 
PHE HE2  H N N 246 
PHE HZ   H N N 247 
PHE HXT  H N N 248 
PRO N    N N N 249 
PRO CA   C N S 250 
PRO C    C N N 251 
PRO O    O N N 252 
PRO CB   C N N 253 
PRO CG   C N N 254 
PRO CD   C N N 255 
PRO OXT  O N N 256 
PRO H    H N N 257 
PRO HA   H N N 258 
PRO HB2  H N N 259 
PRO HB3  H N N 260 
PRO HG2  H N N 261 
PRO HG3  H N N 262 
PRO HD2  H N N 263 
PRO HD3  H N N 264 
PRO HXT  H N N 265 
SER N    N N N 266 
SER CA   C N S 267 
SER C    C N N 268 
SER O    O N N 269 
SER CB   C N N 270 
SER OG   O N N 271 
SER OXT  O N N 272 
SER H    H N N 273 
SER H2   H N N 274 
SER HA   H N N 275 
SER HB2  H N N 276 
SER HB3  H N N 277 
SER HG   H N N 278 
SER HXT  H N N 279 
THR N    N N N 280 
THR CA   C N S 281 
THR C    C N N 282 
THR O    O N N 283 
THR CB   C N R 284 
THR OG1  O N N 285 
THR CG2  C N N 286 
THR OXT  O N N 287 
THR H    H N N 288 
THR H2   H N N 289 
THR HA   H N N 290 
THR HB   H N N 291 
THR HG1  H N N 292 
THR HG21 H N N 293 
THR HG22 H N N 294 
THR HG23 H N N 295 
THR HXT  H N N 296 
TRP N    N N N 297 
TRP CA   C N S 298 
TRP C    C N N 299 
TRP O    O N N 300 
TRP CB   C N N 301 
TRP CG   C Y N 302 
TRP CD1  C Y N 303 
TRP CD2  C Y N 304 
TRP NE1  N Y N 305 
TRP CE2  C Y N 306 
TRP CE3  C Y N 307 
TRP CZ2  C Y N 308 
TRP CZ3  C Y N 309 
TRP CH2  C Y N 310 
TRP OXT  O N N 311 
TRP H    H N N 312 
TRP H2   H N N 313 
TRP HA   H N N 314 
TRP HB2  H N N 315 
TRP HB3  H N N 316 
TRP HD1  H N N 317 
TRP HE1  H N N 318 
TRP HE3  H N N 319 
TRP HZ2  H N N 320 
TRP HZ3  H N N 321 
TRP HH2  H N N 322 
TRP HXT  H N N 323 
TYR N    N N N 324 
TYR CA   C N S 325 
TYR C    C N N 326 
TYR O    O N N 327 
TYR CB   C N N 328 
TYR CG   C Y N 329 
TYR CD1  C Y N 330 
TYR CD2  C Y N 331 
TYR CE1  C Y N 332 
TYR CE2  C Y N 333 
TYR CZ   C Y N 334 
TYR OH   O N N 335 
TYR OXT  O N N 336 
TYR H    H N N 337 
TYR H2   H N N 338 
TYR HA   H N N 339 
TYR HB2  H N N 340 
TYR HB3  H N N 341 
TYR HD1  H N N 342 
TYR HD2  H N N 343 
TYR HE1  H N N 344 
TYR HE2  H N N 345 
TYR HH   H N N 346 
TYR HXT  H N N 347 
VAL N    N N N 348 
VAL CA   C N S 349 
VAL C    C N N 350 
VAL O    O N N 351 
VAL CB   C N N 352 
VAL CG1  C N N 353 
VAL CG2  C N N 354 
VAL OXT  O N N 355 
VAL H    H N N 356 
VAL H2   H N N 357 
VAL HA   H N N 358 
VAL HB   H N N 359 
VAL HG11 H N N 360 
VAL HG12 H N N 361 
VAL HG13 H N N 362 
VAL HG21 H N N 363 
VAL HG22 H N N 364 
VAL HG23 H N N 365 
VAL HXT  H N N 366 
# 
loop_
_chem_comp_bond.comp_id 
_chem_comp_bond.atom_id_1 
_chem_comp_bond.atom_id_2 
_chem_comp_bond.value_order 
_chem_comp_bond.pdbx_aromatic_flag 
_chem_comp_bond.pdbx_stereo_config 
_chem_comp_bond.pdbx_ordinal 
ALA N   CA   sing N N 1   
ALA N   H    sing N N 2   
ALA N   H2   sing N N 3   
ALA CA  C    sing N N 4   
ALA CA  CB   sing N N 5   
ALA CA  HA   sing N N 6   
ALA C   O    doub N N 7   
ALA C   OXT  sing N N 8   
ALA CB  HB1  sing N N 9   
ALA CB  HB2  sing N N 10  
ALA CB  HB3  sing N N 11  
ALA OXT HXT  sing N N 12  
ARG N   CA   sing N N 13  
ARG N   H    sing N N 14  
ARG N   H2   sing N N 15  
ARG CA  C    sing N N 16  
ARG CA  CB   sing N N 17  
ARG CA  HA   sing N N 18  
ARG C   O    doub N N 19  
ARG C   OXT  sing N N 20  
ARG CB  CG   sing N N 21  
ARG CB  HB2  sing N N 22  
ARG CB  HB3  sing N N 23  
ARG CG  CD   sing N N 24  
ARG CG  HG2  sing N N 25  
ARG CG  HG3  sing N N 26  
ARG CD  NE   sing N N 27  
ARG CD  HD2  sing N N 28  
ARG CD  HD3  sing N N 29  
ARG NE  CZ   sing N N 30  
ARG NE  HE   sing N N 31  
ARG CZ  NH1  sing N N 32  
ARG CZ  NH2  doub N N 33  
ARG NH1 HH11 sing N N 34  
ARG NH1 HH12 sing N N 35  
ARG NH2 HH21 sing N N 36  
ARG NH2 HH22 sing N N 37  
ARG OXT HXT  sing N N 38  
ASN N   CA   sing N N 39  
ASN N   H    sing N N 40  
ASN N   H2   sing N N 41  
ASN CA  C    sing N N 42  
ASN CA  CB   sing N N 43  
ASN CA  HA   sing N N 44  
ASN C   O    doub N N 45  
ASN C   OXT  sing N N 46  
ASN CB  CG   sing N N 47  
ASN CB  HB2  sing N N 48  
ASN CB  HB3  sing N N 49  
ASN CG  OD1  doub N N 50  
ASN CG  ND2  sing N N 51  
ASN ND2 HD21 sing N N 52  
ASN ND2 HD22 sing N N 53  
ASN OXT HXT  sing N N 54  
ASP N   CA   sing N N 55  
ASP N   H    sing N N 56  
ASP N   H2   sing N N 57  
ASP CA  C    sing N N 58  
ASP CA  CB   sing N N 59  
ASP CA  HA   sing N N 60  
ASP C   O    doub N N 61  
ASP C   OXT  sing N N 62  
ASP CB  CG   sing N N 63  
ASP CB  HB2  sing N N 64  
ASP CB  HB3  sing N N 65  
ASP CG  OD1  doub N N 66  
ASP CG  OD2  sing N N 67  
ASP OD2 HD2  sing N N 68  
ASP OXT HXT  sing N N 69  
CYS N   CA   sing N N 70  
CYS N   H    sing N N 71  
CYS N   H2   sing N N 72  
CYS CA  C    sing N N 73  
CYS CA  CB   sing N N 74  
CYS CA  HA   sing N N 75  
CYS C   O    doub N N 76  
CYS C   OXT  sing N N 77  
CYS CB  SG   sing N N 78  
CYS CB  HB2  sing N N 79  
CYS CB  HB3  sing N N 80  
CYS SG  HG   sing N N 81  
CYS OXT HXT  sing N N 82  
GLN N   CA   sing N N 83  
GLN N   H    sing N N 84  
GLN N   H2   sing N N 85  
GLN CA  C    sing N N 86  
GLN CA  CB   sing N N 87  
GLN CA  HA   sing N N 88  
GLN C   O    doub N N 89  
GLN C   OXT  sing N N 90  
GLN CB  CG   sing N N 91  
GLN CB  HB2  sing N N 92  
GLN CB  HB3  sing N N 93  
GLN CG  CD   sing N N 94  
GLN CG  HG2  sing N N 95  
GLN CG  HG3  sing N N 96  
GLN CD  OE1  doub N N 97  
GLN CD  NE2  sing N N 98  
GLN NE2 HE21 sing N N 99  
GLN NE2 HE22 sing N N 100 
GLN OXT HXT  sing N N 101 
GLU N   CA   sing N N 102 
GLU N   H    sing N N 103 
GLU N   H2   sing N N 104 
GLU CA  C    sing N N 105 
GLU CA  CB   sing N N 106 
GLU CA  HA   sing N N 107 
GLU C   O    doub N N 108 
GLU C   OXT  sing N N 109 
GLU CB  CG   sing N N 110 
GLU CB  HB2  sing N N 111 
GLU CB  HB3  sing N N 112 
GLU CG  CD   sing N N 113 
GLU CG  HG2  sing N N 114 
GLU CG  HG3  sing N N 115 
GLU CD  OE1  doub N N 116 
GLU CD  OE2  sing N N 117 
GLU OE2 HE2  sing N N 118 
GLU OXT HXT  sing N N 119 
GLY N   CA   sing N N 120 
GLY N   H    sing N N 121 
GLY N   H2   sing N N 122 
GLY CA  C    sing N N 123 
GLY CA  HA2  sing N N 124 
GLY CA  HA3  sing N N 125 
GLY C   O    doub N N 126 
GLY C   OXT  sing N N 127 
GLY OXT HXT  sing N N 128 
ILE N   CA   sing N N 129 
ILE N   H    sing N N 130 
ILE N   H2   sing N N 131 
ILE CA  C    sing N N 132 
ILE CA  CB   sing N N 133 
ILE CA  HA   sing N N 134 
ILE C   O    doub N N 135 
ILE C   OXT  sing N N 136 
ILE CB  CG1  sing N N 137 
ILE CB  CG2  sing N N 138 
ILE CB  HB   sing N N 139 
ILE CG1 CD1  sing N N 140 
ILE CG1 HG12 sing N N 141 
ILE CG1 HG13 sing N N 142 
ILE CG2 HG21 sing N N 143 
ILE CG2 HG22 sing N N 144 
ILE CG2 HG23 sing N N 145 
ILE CD1 HD11 sing N N 146 
ILE CD1 HD12 sing N N 147 
ILE CD1 HD13 sing N N 148 
ILE OXT HXT  sing N N 149 
LEU N   CA   sing N N 150 
LEU N   H    sing N N 151 
LEU N   H2   sing N N 152 
LEU CA  C    sing N N 153 
LEU CA  CB   sing N N 154 
LEU CA  HA   sing N N 155 
LEU C   O    doub N N 156 
LEU C   OXT  sing N N 157 
LEU CB  CG   sing N N 158 
LEU CB  HB2  sing N N 159 
LEU CB  HB3  sing N N 160 
LEU CG  CD1  sing N N 161 
LEU CG  CD2  sing N N 162 
LEU CG  HG   sing N N 163 
LEU CD1 HD11 sing N N 164 
LEU CD1 HD12 sing N N 165 
LEU CD1 HD13 sing N N 166 
LEU CD2 HD21 sing N N 167 
LEU CD2 HD22 sing N N 168 
LEU CD2 HD23 sing N N 169 
LEU OXT HXT  sing N N 170 
LYS N   CA   sing N N 171 
LYS N   H    sing N N 172 
LYS N   H2   sing N N 173 
LYS CA  C    sing N N 174 
LYS CA  CB   sing N N 175 
LYS CA  HA   sing N N 176 
LYS C   O    doub N N 177 
LYS C   OXT  sing N N 178 
LYS CB  CG   sing N N 179 
LYS CB  HB2  sing N N 180 
LYS CB  HB3  sing N N 181 
LYS CG  CD   sing N N 182 
LYS CG  HG2  sing N N 183 
LYS CG  HG3  sing N N 184 
LYS CD  CE   sing N N 185 
LYS CD  HD2  sing N N 186 
LYS CD  HD3  sing N N 187 
LYS CE  NZ   sing N N 188 
LYS CE  HE2  sing N N 189 
LYS CE  HE3  sing N N 190 
LYS NZ  HZ1  sing N N 191 
LYS NZ  HZ2  sing N N 192 
LYS NZ  HZ3  sing N N 193 
LYS OXT HXT  sing N N 194 
MET N   CA   sing N N 195 
MET N   H    sing N N 196 
MET N   H2   sing N N 197 
MET CA  C    sing N N 198 
MET CA  CB   sing N N 199 
MET CA  HA   sing N N 200 
MET C   O    doub N N 201 
MET C   OXT  sing N N 202 
MET CB  CG   sing N N 203 
MET CB  HB2  sing N N 204 
MET CB  HB3  sing N N 205 
MET CG  SD   sing N N 206 
MET CG  HG2  sing N N 207 
MET CG  HG3  sing N N 208 
MET SD  CE   sing N N 209 
MET CE  HE1  sing N N 210 
MET CE  HE2  sing N N 211 
MET CE  HE3  sing N N 212 
MET OXT HXT  sing N N 213 
PHE N   CA   sing N N 214 
PHE N   H    sing N N 215 
PHE N   H2   sing N N 216 
PHE CA  C    sing N N 217 
PHE CA  CB   sing N N 218 
PHE CA  HA   sing N N 219 
PHE C   O    doub N N 220 
PHE C   OXT  sing N N 221 
PHE CB  CG   sing N N 222 
PHE CB  HB2  sing N N 223 
PHE CB  HB3  sing N N 224 
PHE CG  CD1  doub Y N 225 
PHE CG  CD2  sing Y N 226 
PHE CD1 CE1  sing Y N 227 
PHE CD1 HD1  sing N N 228 
PHE CD2 CE2  doub Y N 229 
PHE CD2 HD2  sing N N 230 
PHE CE1 CZ   doub Y N 231 
PHE CE1 HE1  sing N N 232 
PHE CE2 CZ   sing Y N 233 
PHE CE2 HE2  sing N N 234 
PHE CZ  HZ   sing N N 235 
PHE OXT HXT  sing N N 236 
PRO N   CA   sing N N 237 
PRO N   CD   sing N N 238 
PRO N   H    sing N N 239 
PRO CA  C    sing N N 240 
PRO CA  CB   sing N N 241 
PRO CA  HA   sing N N 242 
PRO C   O    doub N N 243 
PRO C   OXT  sing N N 244 
PRO CB  CG   sing N N 245 
PRO CB  HB2  sing N N 246 
PRO CB  HB3  sing N N 247 
PRO CG  CD   sing N N 248 
PRO CG  HG2  sing N N 249 
PRO CG  HG3  sing N N 250 
PRO CD  HD2  sing N N 251 
PRO CD  HD3  sing N N 252 
PRO OXT HXT  sing N N 253 
SER N   CA   sing N N 254 
SER N   H    sing N N 255 
SER N   H2   sing N N 256 
SER CA  C    sing N N 257 
SER CA  CB   sing N N 258 
SER CA  HA   sing N N 259 
SER C   O    doub N N 260 
SER C   OXT  sing N N 261 
SER CB  OG   sing N N 262 
SER CB  HB2  sing N N 263 
SER CB  HB3  sing N N 264 
SER OG  HG   sing N N 265 
SER OXT HXT  sing N N 266 
THR N   CA   sing N N 267 
THR N   H    sing N N 268 
THR N   H2   sing N N 269 
THR CA  C    sing N N 270 
THR CA  CB   sing N N 271 
THR CA  HA   sing N N 272 
THR C   O    doub N N 273 
THR C   OXT  sing N N 274 
THR CB  OG1  sing N N 275 
THR CB  CG2  sing N N 276 
THR CB  HB   sing N N 277 
THR OG1 HG1  sing N N 278 
THR CG2 HG21 sing N N 279 
THR CG2 HG22 sing N N 280 
THR CG2 HG23 sing N N 281 
THR OXT HXT  sing N N 282 
TRP N   CA   sing N N 283 
TRP N   H    sing N N 284 
TRP N   H2   sing N N 285 
TRP CA  C    sing N N 286 
TRP CA  CB   sing N N 287 
TRP CA  HA   sing N N 288 
TRP C   O    doub N N 289 
TRP C   OXT  sing N N 290 
TRP CB  CG   sing N N 291 
TRP CB  HB2  sing N N 292 
TRP CB  HB3  sing N N 293 
TRP CG  CD1  doub Y N 294 
TRP CG  CD2  sing Y N 295 
TRP CD1 NE1  sing Y N 296 
TRP CD1 HD1  sing N N 297 
TRP CD2 CE2  doub Y N 298 
TRP CD2 CE3  sing Y N 299 
TRP NE1 CE2  sing Y N 300 
TRP NE1 HE1  sing N N 301 
TRP CE2 CZ2  sing Y N 302 
TRP CE3 CZ3  doub Y N 303 
TRP CE3 HE3  sing N N 304 
TRP CZ2 CH2  doub Y N 305 
TRP CZ2 HZ2  sing N N 306 
TRP CZ3 CH2  sing Y N 307 
TRP CZ3 HZ3  sing N N 308 
TRP CH2 HH2  sing N N 309 
TRP OXT HXT  sing N N 310 
TYR N   CA   sing N N 311 
TYR N   H    sing N N 312 
TYR N   H2   sing N N 313 
TYR CA  C    sing N N 314 
TYR CA  CB   sing N N 315 
TYR CA  HA   sing N N 316 
TYR C   O    doub N N 317 
TYR C   OXT  sing N N 318 
TYR CB  CG   sing N N 319 
TYR CB  HB2  sing N N 320 
TYR CB  HB3  sing N N 321 
TYR CG  CD1  doub Y N 322 
TYR CG  CD2  sing Y N 323 
TYR CD1 CE1  sing Y N 324 
TYR CD1 HD1  sing N N 325 
TYR CD2 CE2  doub Y N 326 
TYR CD2 HD2  sing N N 327 
TYR CE1 CZ   doub Y N 328 
TYR CE1 HE1  sing N N 329 
TYR CE2 CZ   sing Y N 330 
TYR CE2 HE2  sing N N 331 
TYR CZ  OH   sing N N 332 
TYR OH  HH   sing N N 333 
TYR OXT HXT  sing N N 334 
VAL N   CA   sing N N 335 
VAL N   H    sing N N 336 
VAL N   H2   sing N N 337 
VAL CA  C    sing N N 338 
VAL CA  CB   sing N N 339 
VAL CA  HA   sing N N 340 
VAL C   O    doub N N 341 
VAL C   OXT  sing N N 342 
VAL CB  CG1  sing N N 343 
VAL CB  CG2  sing N N 344 
VAL CB  HB   sing N N 345 
VAL CG1 HG11 sing N N 346 
VAL CG1 HG12 sing N N 347 
VAL CG1 HG13 sing N N 348 
VAL CG2 HG21 sing N N 349 
VAL CG2 HG22 sing N N 350 
VAL CG2 HG23 sing N N 351 
VAL OXT HXT  sing N N 352 
# 
_pdbx_nmr_spectrometer.spectrometer_id   1 
_pdbx_nmr_spectrometer.model             DRX 
_pdbx_nmr_spectrometer.manufacturer      Bruker 
_pdbx_nmr_spectrometer.field_strength    900 
# 
_atom_sites.entry_id                    1WCJ 
_atom_sites.fract_transf_matrix[1][1]   1.000000 
_atom_sites.fract_transf_matrix[1][2]   0.000000 
_atom_sites.fract_transf_matrix[1][3]   0.000000 
_atom_sites.fract_transf_matrix[2][1]   0.000000 
_atom_sites.fract_transf_matrix[2][2]   1.000000 
_atom_sites.fract_transf_matrix[2][3]   0.000000 
_atom_sites.fract_transf_matrix[3][1]   0.000000 
_atom_sites.fract_transf_matrix[3][2]   0.000000 
_atom_sites.fract_transf_matrix[3][3]   1.000000 
_atom_sites.fract_transf_vector[1]      0.00000 
_atom_sites.fract_transf_vector[2]      0.00000 
_atom_sites.fract_transf_vector[3]      0.00000 
# 
loop_
_atom_type.symbol 
C 
H 
N 
O 
S 
# 
loop_
_atom_site.group_PDB 
_atom_site.id 
_atom_site.type_symbol 
_atom_site.label_atom_id 
_atom_site.label_alt_id 
_atom_site.label_comp_id 
_atom_site.label_asym_id 
_atom_site.label_entity_id 
_atom_site.label_seq_id 
_atom_site.pdbx_PDB_ins_code 
_atom_site.Cartn_x 
_atom_site.Cartn_y 
_atom_site.Cartn_z 
_atom_site.occupancy 
_atom_site.B_iso_or_equiv 
_atom_site.pdbx_formal_charge 
_atom_site.auth_seq_id 
_atom_site.auth_comp_id 
_atom_site.auth_asym_id 
_atom_site.auth_atom_id 
_atom_site.pdbx_PDB_model_num 
ATOM 1    N N    . MET A 1 2   ? -4.859  -1.377  -24.248 1.00 0.00 ? 2   MET A N    1 
ATOM 2    C CA   . MET A 1 2   ? -4.456  0.016   -24.416 1.00 0.00 ? 2   MET A CA   1 
ATOM 3    C C    . MET A 1 2   ? -5.600  0.893   -23.920 1.00 0.00 ? 2   MET A C    1 
ATOM 4    O O    . MET A 1 2   ? -6.581  1.086   -24.648 1.00 0.00 ? 2   MET A O    1 
ATOM 5    C CB   . MET A 1 2   ? -4.125  0.276   -25.894 1.00 0.00 ? 2   MET A CB   1 
ATOM 6    C CG   . MET A 1 2   ? -3.165  1.446   -26.128 1.00 0.00 ? 2   MET A CG   1 
ATOM 7    S SD   . MET A 1 2   ? -3.474  2.956   -25.183 1.00 0.00 ? 2   MET A SD   1 
ATOM 8    C CE   . MET A 1 2   ? -2.310  2.761   -23.800 1.00 0.00 ? 2   MET A CE   1 
ATOM 9    H H    . MET A 1 2   ? -5.726  -1.621  -24.683 1.00 0.00 ? 2   MET A H    1 
ATOM 10   H HA   . MET A 1 2   ? -3.567  0.196   -23.814 1.00 0.00 ? 2   MET A HA   1 
ATOM 11   H HB2  . MET A 1 2   ? -3.659  -0.622  -26.296 1.00 0.00 ? 2   MET A HB2  1 
ATOM 12   H HB3  . MET A 1 2   ? -5.055  0.456   -26.437 1.00 0.00 ? 2   MET A HB3  1 
ATOM 13   H HG2  . MET A 1 2   ? -2.159  1.102   -25.892 1.00 0.00 ? 2   MET A HG2  1 
ATOM 14   H HG3  . MET A 1 2   ? -3.214  1.698   -27.185 1.00 0.00 ? 2   MET A HG3  1 
ATOM 15   H HE1  . MET A 1 2   ? -1.297  2.628   -24.180 1.00 0.00 ? 2   MET A HE1  1 
ATOM 16   H HE2  . MET A 1 2   ? -2.332  3.654   -23.178 1.00 0.00 ? 2   MET A HE2  1 
ATOM 17   H HE3  . MET A 1 2   ? -2.580  1.905   -23.186 1.00 0.00 ? 2   MET A HE3  1 
ATOM 18   N N    . SER A 1 3   ? -5.531  1.398   -22.688 1.00 0.00 ? 3   SER A N    1 
ATOM 19   C CA   . SER A 1 3   ? -6.606  2.208   -22.136 1.00 0.00 ? 3   SER A CA   1 
ATOM 20   C C    . SER A 1 3   ? -6.102  3.117   -21.011 1.00 0.00 ? 3   SER A C    1 
ATOM 21   O O    . SER A 1 3   ? -4.980  2.937   -20.535 1.00 0.00 ? 3   SER A O    1 
ATOM 22   C CB   . SER A 1 3   ? -7.741  1.270   -21.718 1.00 0.00 ? 3   SER A CB   1 
ATOM 23   O OG   . SER A 1 3   ? -7.345  0.354   -20.721 1.00 0.00 ? 3   SER A OG   1 
ATOM 24   H H    . SER A 1 3   ? -4.755  1.236   -22.050 1.00 0.00 ? 3   SER A H    1 
ATOM 25   H HA   . SER A 1 3   ? -6.987  2.852   -22.918 1.00 0.00 ? 3   SER A HA   1 
ATOM 26   H HB2  . SER A 1 3   ? -8.567  1.866   -21.334 1.00 0.00 ? 3   SER A HB2  1 
ATOM 27   H HB3  . SER A 1 3   ? -8.068  0.713   -22.600 1.00 0.00 ? 3   SER A HB3  1 
ATOM 28   H HG   . SER A 1 3   ? -8.178  0.093   -20.273 1.00 0.00 ? 3   SER A HG   1 
ATOM 29   N N    . LYS A 1 4   ? -6.916  4.085   -20.568 1.00 0.00 ? 4   LYS A N    1 
ATOM 30   C CA   . LYS A 1 4   ? -6.561  5.061   -19.529 1.00 0.00 ? 4   LYS A CA   1 
ATOM 31   C C    . LYS A 1 4   ? -7.696  5.173   -18.521 1.00 0.00 ? 4   LYS A C    1 
ATOM 32   O O    . LYS A 1 4   ? -8.279  6.241   -18.338 1.00 0.00 ? 4   LYS A O    1 
ATOM 33   C CB   . LYS A 1 4   ? -6.192  6.414   -20.169 1.00 0.00 ? 4   LYS A CB   1 
ATOM 34   C CG   . LYS A 1 4   ? -4.732  6.389   -20.606 1.00 0.00 ? 4   LYS A CG   1 
ATOM 35   C CD   . LYS A 1 4   ? -4.356  7.656   -21.376 1.00 0.00 ? 4   LYS A CD   1 
ATOM 36   C CE   . LYS A 1 4   ? -2.895  7.534   -21.816 1.00 0.00 ? 4   LYS A CE   1 
ATOM 37   N NZ   . LYS A 1 4   ? -2.400  8.738   -22.505 1.00 0.00 ? 4   LYS A NZ   1 
ATOM 38   H H    . LYS A 1 4   ? -7.851  4.166   -20.962 1.00 0.00 ? 4   LYS A H    1 
ATOM 39   H HA   . LYS A 1 4   ? -5.690  4.707   -18.973 1.00 0.00 ? 4   LYS A HA   1 
ATOM 40   H HB2  . LYS A 1 4   ? -6.834  6.596   -21.030 1.00 0.00 ? 4   LYS A HB2  1 
ATOM 41   H HB3  . LYS A 1 4   ? -6.298  7.221   -19.444 1.00 0.00 ? 4   LYS A HB3  1 
ATOM 42   H HG2  . LYS A 1 4   ? -4.100  6.318   -19.720 1.00 0.00 ? 4   LYS A HG2  1 
ATOM 43   H HG3  . LYS A 1 4   ? -4.567  5.518   -21.233 1.00 0.00 ? 4   LYS A HG3  1 
ATOM 44   H HD2  . LYS A 1 4   ? -4.995  7.759   -22.254 1.00 0.00 ? 4   LYS A HD2  1 
ATOM 45   H HD3  . LYS A 1 4   ? -4.486  8.525   -20.730 1.00 0.00 ? 4   LYS A HD3  1 
ATOM 46   H HE2  . LYS A 1 4   ? -2.284  7.377   -20.927 1.00 0.00 ? 4   LYS A HE2  1 
ATOM 47   H HE3  . LYS A 1 4   ? -2.778  6.665   -22.465 1.00 0.00 ? 4   LYS A HE3  1 
ATOM 48   N N    . LYS A 1 5   ? -8.000  4.071   -17.840 1.00 0.00 ? 5   LYS A N    1 
ATOM 49   C CA   . LYS A 1 5   ? -8.952  4.043   -16.734 1.00 0.00 ? 5   LYS A CA   1 
ATOM 50   C C    . LYS A 1 5   ? -8.372  3.082   -15.711 1.00 0.00 ? 5   LYS A C    1 
ATOM 51   O O    . LYS A 1 5   ? -8.543  1.865   -15.822 1.00 0.00 ? 5   LYS A O    1 
ATOM 52   C CB   . LYS A 1 5   ? -10.369 3.709   -17.231 1.00 0.00 ? 5   LYS A CB   1 
ATOM 53   C CG   . LYS A 1 5   ? -11.491 4.481   -16.510 1.00 0.00 ? 5   LYS A CG   1 
ATOM 54   C CD   . LYS A 1 5   ? -11.864 4.006   -15.094 1.00 0.00 ? 5   LYS A CD   1 
ATOM 55   C CE   . LYS A 1 5   ? -11.185 4.815   -13.979 1.00 0.00 ? 5   LYS A CE   1 
ATOM 56   N NZ   . LYS A 1 5   ? -11.974 4.797   -12.722 1.00 0.00 ? 5   LYS A NZ   1 
ATOM 57   H H    . LYS A 1 5   ? -7.387  3.269   -17.977 1.00 0.00 ? 5   LYS A H    1 
ATOM 58   H HA   . LYS A 1 5   ? -8.991  5.041   -16.304 1.00 0.00 ? 5   LYS A HA   1 
ATOM 59   H HB2  . LYS A 1 5   ? -10.411 3.985   -18.284 1.00 0.00 ? 5   LYS A HB2  1 
ATOM 60   H HB3  . LYS A 1 5   ? -10.563 2.641   -17.182 1.00 0.00 ? 5   LYS A HB3  1 
ATOM 61   H HG2  . LYS A 1 5   ? -11.197 5.529   -16.449 1.00 0.00 ? 5   LYS A HG2  1 
ATOM 62   H HG3  . LYS A 1 5   ? -12.382 4.360   -17.128 1.00 0.00 ? 5   LYS A HG3  1 
ATOM 63   H HD2  . LYS A 1 5   ? -12.941 4.128   -14.980 1.00 0.00 ? 5   LYS A HD2  1 
ATOM 64   H HD3  . LYS A 1 5   ? -11.649 2.942   -14.974 1.00 0.00 ? 5   LYS A HD3  1 
ATOM 65   H HE2  . LYS A 1 5   ? -10.199 4.394   -13.786 1.00 0.00 ? 5   LYS A HE2  1 
ATOM 66   H HE3  . LYS A 1 5   ? -11.078 5.850   -14.311 1.00 0.00 ? 5   LYS A HE3  1 
ATOM 67   N N    . VAL A 1 6   ? -7.601  3.636   -14.785 1.00 0.00 ? 6   VAL A N    1 
ATOM 68   C CA   . VAL A 1 6   ? -6.864  2.909   -13.764 1.00 0.00 ? 6   VAL A CA   1 
ATOM 69   C C    . VAL A 1 6   ? -7.854  2.448   -12.688 1.00 0.00 ? 6   VAL A C    1 
ATOM 70   O O    . VAL A 1 6   ? -8.928  3.032   -12.529 1.00 0.00 ? 6   VAL A O    1 
ATOM 71   C CB   . VAL A 1 6   ? -5.737  3.837   -13.256 1.00 0.00 ? 6   VAL A CB   1 
ATOM 72   C CG1  . VAL A 1 6   ? -4.959  3.265   -12.060 1.00 0.00 ? 6   VAL A CG1  1 
ATOM 73   C CG2  . VAL A 1 6   ? -4.744  4.105   -14.397 1.00 0.00 ? 6   VAL A CG2  1 
ATOM 74   H H    . VAL A 1 6   ? -7.609  4.647   -14.715 1.00 0.00 ? 6   VAL A H    1 
ATOM 75   H HA   . VAL A 1 6   ? -6.415  2.021   -14.218 1.00 0.00 ? 6   VAL A HA   1 
ATOM 76   H HB   . VAL A 1 6   ? -6.155  4.805   -12.973 1.00 0.00 ? 6   VAL A HB   1 
ATOM 77   H HG11 . VAL A 1 6   ? -4.605  2.263   -12.292 1.00 0.00 ? 6   VAL A HG11 1 
ATOM 78   H HG12 . VAL A 1 6   ? -4.104  3.902   -11.829 1.00 0.00 ? 6   VAL A HG12 1 
ATOM 79   H HG13 . VAL A 1 6   ? -5.601  3.225   -11.181 1.00 0.00 ? 6   VAL A HG13 1 
ATOM 80   H HG21 . VAL A 1 6   ? -4.319  3.169   -14.765 1.00 0.00 ? 6   VAL A HG21 1 
ATOM 81   H HG22 . VAL A 1 6   ? -5.240  4.615   -15.224 1.00 0.00 ? 6   VAL A HG22 1 
ATOM 82   H HG23 . VAL A 1 6   ? -3.942  4.740   -14.032 1.00 0.00 ? 6   VAL A HG23 1 
ATOM 83   N N    . THR A 1 7   ? -7.515  1.384   -11.963 1.00 0.00 ? 7   THR A N    1 
ATOM 84   C CA   . THR A 1 7   ? -8.430  0.675   -11.080 1.00 0.00 ? 7   THR A CA   1 
ATOM 85   C C    . THR A 1 7   ? -7.685  0.201   -9.843  1.00 0.00 ? 7   THR A C    1 
ATOM 86   O O    . THR A 1 7   ? -6.454  0.191   -9.780  1.00 0.00 ? 7   THR A O    1 
ATOM 87   C CB   . THR A 1 7   ? -8.980  -0.552  -11.838 1.00 0.00 ? 7   THR A CB   1 
ATOM 88   O OG1  . THR A 1 7   ? -7.896  -1.386  -12.205 1.00 0.00 ? 7   THR A OG1  1 
ATOM 89   C CG2  . THR A 1 7   ? -9.763  -0.168  -13.089 1.00 0.00 ? 7   THR A CG2  1 
ATOM 90   H H    . THR A 1 7   ? -6.647  0.895   -12.136 1.00 0.00 ? 7   THR A H    1 
ATOM 91   H HA   . THR A 1 7   ? -9.245  1.339   -10.749 1.00 0.00 ? 7   THR A HA   1 
ATOM 92   H HB   . THR A 1 7   ? -9.643  -1.117  -11.178 1.00 0.00 ? 7   THR A HB   1 
ATOM 93   H HG1  . THR A 1 7   ? -8.014  -1.653  -13.125 1.00 0.00 ? 7   THR A HG1  1 
ATOM 94   H HG21 . THR A 1 7   ? -10.605 0.467   -12.811 1.00 0.00 ? 7   THR A HG21 1 
ATOM 95   H HG22 . THR A 1 7   ? -9.121  0.374   -13.775 1.00 0.00 ? 7   THR A HG22 1 
ATOM 96   H HG23 . THR A 1 7   ? -10.124 -1.070  -13.581 1.00 0.00 ? 7   THR A HG23 1 
ATOM 97   N N    . LYS A 1 8   ? -8.458  -0.236  -8.853  1.00 0.00 ? 8   LYS A N    1 
ATOM 98   C CA   . LYS A 1 8   ? -7.958  -0.863  -7.646  1.00 0.00 ? 8   LYS A CA   1 
ATOM 99   C C    . LYS A 1 8   ? -7.105  -2.081  -8.001  1.00 0.00 ? 8   LYS A C    1 
ATOM 100  O O    . LYS A 1 8   ? -6.082  -2.291  -7.356  1.00 0.00 ? 8   LYS A O    1 
ATOM 101  C CB   . LYS A 1 8   ? -9.148  -1.198  -6.724  1.00 0.00 ? 8   LYS A CB   1 
ATOM 102  C CG   . LYS A 1 8   ? -10.360 -1.737  -7.488  1.00 0.00 ? 8   LYS A CG   1 
ATOM 103  C CD   . LYS A 1 8   ? -11.397 -2.465  -6.631  1.00 0.00 ? 8   LYS A CD   1 
ATOM 104  C CE   . LYS A 1 8   ? -12.336 -1.509  -5.892  1.00 0.00 ? 8   LYS A CE   1 
ATOM 105  N NZ   . LYS A 1 8   ? -13.535 -2.214  -5.387  1.00 0.00 ? 8   LYS A NZ   1 
ATOM 106  H H    . LYS A 1 8   ? -9.461  -0.229  -8.963  1.00 0.00 ? 8   LYS A H    1 
ATOM 107  H HA   . LYS A 1 8   ? -7.303  -0.153  -7.145  1.00 0.00 ? 8   LYS A HA   1 
ATOM 108  H HB2  . LYS A 1 8   ? -8.825  -1.945  -5.999  1.00 0.00 ? 8   LYS A HB2  1 
ATOM 109  H HB3  . LYS A 1 8   ? -9.474  -0.301  -6.206  1.00 0.00 ? 8   LYS A HB3  1 
ATOM 110  H HG2  . LYS A 1 8   ? -10.856 -0.901  -7.978  1.00 0.00 ? 8   LYS A HG2  1 
ATOM 111  H HG3  . LYS A 1 8   ? -9.975  -2.423  -8.233  1.00 0.00 ? 8   LYS A HG3  1 
ATOM 112  H HD2  . LYS A 1 8   ? -12.005 -3.082  -7.295  1.00 0.00 ? 8   LYS A HD2  1 
ATOM 113  H HD3  . LYS A 1 8   ? -10.903 -3.136  -5.931  1.00 0.00 ? 8   LYS A HD3  1 
ATOM 114  H HE2  . LYS A 1 8   ? -11.803 -1.063  -5.054  1.00 0.00 ? 8   LYS A HE2  1 
ATOM 115  H HE3  . LYS A 1 8   ? -12.662 -0.722  -6.576  1.00 0.00 ? 8   LYS A HE3  1 
ATOM 116  N N    . GLU A 1 9   ? -7.462  -2.827  -9.049  1.00 0.00 ? 9   GLU A N    1 
ATOM 117  C CA   . GLU A 1 9   ? -6.703  -3.969  -9.534  1.00 0.00 ? 9   GLU A CA   1 
ATOM 118  C C    . GLU A 1 9   ? -5.286  -3.539  -9.905  1.00 0.00 ? 9   GLU A C    1 
ATOM 119  O O    . GLU A 1 9   ? -4.315  -4.169  -9.483  1.00 0.00 ? 9   GLU A O    1 
ATOM 120  C CB   . GLU A 1 9   ? -7.404  -4.557  -10.773 1.00 0.00 ? 9   GLU A CB   1 
ATOM 121  C CG   . GLU A 1 9   ? -7.870  -5.997  -10.559 1.00 0.00 ? 9   GLU A CG   1 
ATOM 122  C CD   . GLU A 1 9   ? -9.186  -6.012  -9.792  1.00 0.00 ? 9   GLU A CD   1 
ATOM 123  O OE1  . GLU A 1 9   ? -10.248 -5.928  -10.457 1.00 0.00 ? 9   GLU A OE1  1 
ATOM 124  O OE2  . GLU A 1 9   ? -9.140  -6.034  -8.543  1.00 0.00 ? 9   GLU A OE2  1 
ATOM 125  H H    . GLU A 1 9   ? -8.292  -2.607  -9.575  1.00 0.00 ? 9   GLU A H    1 
ATOM 126  H HA   . GLU A 1 9   ? -6.647  -4.714  -8.738  1.00 0.00 ? 9   GLU A HA   1 
ATOM 127  H HB2  . GLU A 1 9   ? -8.274  -3.941  -11.001 1.00 0.00 ? 9   GLU A HB2  1 
ATOM 128  H HB3  . GLU A 1 9   ? -6.724  -4.538  -11.616 1.00 0.00 ? 9   GLU A HB3  1 
ATOM 129  H HG2  . GLU A 1 9   ? -8.023  -6.467  -11.531 1.00 0.00 ? 9   GLU A HG2  1 
ATOM 130  H HG3  . GLU A 1 9   ? -7.108  -6.566  -10.025 1.00 0.00 ? 9   GLU A HG3  1 
ATOM 131  N N    . ASP A 1 10  ? -5.170  -2.470  -10.698 1.00 0.00 ? 10  ASP A N    1 
ATOM 132  C CA   . ASP A 1 10  ? -3.910  -2.031  -11.287 1.00 0.00 ? 10  ASP A CA   1 
ATOM 133  C C    . ASP A 1 10  ? -3.020  -1.417  -10.212 1.00 0.00 ? 10  ASP A C    1 
ATOM 134  O O    . ASP A 1 10  ? -1.800  -1.571  -10.258 1.00 0.00 ? 10  ASP A O    1 
ATOM 135  C CB   . ASP A 1 10  ? -4.162  -1.003  -12.398 1.00 0.00 ? 10  ASP A CB   1 
ATOM 136  C CG   . ASP A 1 10  ? -4.727  -1.617  -13.682 1.00 0.00 ? 10  ASP A CG   1 
ATOM 137  O OD1  . ASP A 1 10  ? -4.217  -2.660  -14.150 1.00 0.00 ? 10  ASP A OD1  1 
ATOM 138  O OD2  . ASP A 1 10  ? -5.681  -1.046  -14.256 1.00 0.00 ? 10  ASP A OD2  1 
ATOM 139  H H    . ASP A 1 10  ? -5.998  -1.934  -10.922 1.00 0.00 ? 10  ASP A H    1 
ATOM 140  H HA   . ASP A 1 10  ? -3.396  -2.890  -11.716 1.00 0.00 ? 10  ASP A HA   1 
ATOM 141  H HB2  . ASP A 1 10  ? -4.857  -0.249  -12.032 1.00 0.00 ? 10  ASP A HB2  1 
ATOM 142  H HB3  . ASP A 1 10  ? -3.206  -0.547  -12.643 1.00 0.00 ? 10  ASP A HB3  1 
ATOM 143  N N    . VAL A 1 11  ? -3.628  -0.739  -9.239  1.00 0.00 ? 11  VAL A N    1 
ATOM 144  C CA   . VAL A 1 11  ? -2.969  -0.148  -8.072  1.00 0.00 ? 11  VAL A CA   1 
ATOM 145  C C    . VAL A 1 11  ? -2.417  -1.226  -7.153  1.00 0.00 ? 11  VAL A C    1 
ATOM 146  O O    . VAL A 1 11  ? -1.282  -1.107  -6.689  1.00 0.00 ? 11  VAL A O    1 
ATOM 147  C CB   . VAL A 1 11  ? -3.964  0.809   -7.391  1.00 0.00 ? 11  VAL A CB   1 
ATOM 148  C CG1  . VAL A 1 11  ? -3.470  1.378   -6.053  1.00 0.00 ? 11  VAL A CG1  1 
ATOM 149  C CG2  . VAL A 1 11  ? -4.237  1.986   -8.340  1.00 0.00 ? 11  VAL A CG2  1 
ATOM 150  H H    . VAL A 1 11  ? -4.637  -0.617  -9.341  1.00 0.00 ? 11  VAL A H    1 
ATOM 151  H HA   . VAL A 1 11  ? -2.093  0.419   -8.367  1.00 0.00 ? 11  VAL A HA   1 
ATOM 152  H HB   . VAL A 1 11  ? -4.902  0.282   -7.208  1.00 0.00 ? 11  VAL A HB   1 
ATOM 153  H HG11 . VAL A 1 11  ? -2.515  1.884   -6.189  1.00 0.00 ? 11  VAL A HG11 1 
ATOM 154  H HG12 . VAL A 1 11  ? -4.199  2.085   -5.655  1.00 0.00 ? 11  VAL A HG12 1 
ATOM 155  H HG13 . VAL A 1 11  ? -3.345  0.575   -5.326  1.00 0.00 ? 11  VAL A HG13 1 
ATOM 156  H HG21 . VAL A 1 11  ? -4.545  1.641   -9.324  1.00 0.00 ? 11  VAL A HG21 1 
ATOM 157  H HG22 . VAL A 1 11  ? -5.029  2.604   -7.940  1.00 0.00 ? 11  VAL A HG22 1 
ATOM 158  H HG23 . VAL A 1 11  ? -3.338  2.587   -8.459  1.00 0.00 ? 11  VAL A HG23 1 
ATOM 159  N N    . LEU A 1 12  ? -3.167  -2.306  -6.934  1.00 0.00 ? 12  LEU A N    1 
ATOM 160  C CA   . LEU A 1 12  ? -2.712  -3.423  -6.133  1.00 0.00 ? 12  LEU A CA   1 
ATOM 161  C C    . LEU A 1 12  ? -1.519  -4.028  -6.852  1.00 0.00 ? 12  LEU A C    1 
ATOM 162  O O    . LEU A 1 12  ? -0.436  -4.134  -6.283  1.00 0.00 ? 12  LEU A O    1 
ATOM 163  C CB   . LEU A 1 12  ? -3.862  -4.426  -5.954  1.00 0.00 ? 12  LEU A CB   1 
ATOM 164  C CG   . LEU A 1 12  ? -4.901  -3.956  -4.918  1.00 0.00 ? 12  LEU A CG   1 
ATOM 165  C CD1  . LEU A 1 12  ? -6.213  -4.733  -5.069  1.00 0.00 ? 12  LEU A CD1  1 
ATOM 166  C CD2  . LEU A 1 12  ? -4.394  -4.139  -3.484  1.00 0.00 ? 12  LEU A CD2  1 
ATOM 167  H H    . LEU A 1 12  ? -4.015  -2.452  -7.473  1.00 0.00 ? 12  LEU A H    1 
ATOM 168  H HA   . LEU A 1 12  ? -2.377  -3.060  -5.161  1.00 0.00 ? 12  LEU A HA   1 
ATOM 169  H HB2  . LEU A 1 12  ? -4.364  -4.550  -6.915  1.00 0.00 ? 12  LEU A HB2  1 
ATOM 170  H HB3  . LEU A 1 12  ? -3.450  -5.381  -5.648  1.00 0.00 ? 12  LEU A HB3  1 
ATOM 171  H HG   . LEU A 1 12  ? -5.110  -2.898  -5.071  1.00 0.00 ? 12  LEU A HG   1 
ATOM 172  H HD11 . LEU A 1 12  ? -6.622  -4.581  -6.068  1.00 0.00 ? 12  LEU A HD11 1 
ATOM 173  H HD12 . LEU A 1 12  ? -6.037  -5.799  -4.923  1.00 0.00 ? 12  LEU A HD12 1 
ATOM 174  H HD13 . LEU A 1 12  ? -6.943  -4.387  -4.341  1.00 0.00 ? 12  LEU A HD13 1 
ATOM 175  H HD21 . LEU A 1 12  ? -4.102  -5.176  -3.331  1.00 0.00 ? 12  LEU A HD21 1 
ATOM 176  H HD22 . LEU A 1 12  ? -3.548  -3.482  -3.302  1.00 0.00 ? 12  LEU A HD22 1 
ATOM 177  H HD23 . LEU A 1 12  ? -5.183  -3.895  -2.772  1.00 0.00 ? 12  LEU A HD23 1 
ATOM 178  N N    . ASN A 1 13  ? -1.683  -4.325  -8.141  1.00 0.00 ? 13  ASN A N    1 
ATOM 179  C CA   . ASN A 1 13  ? -0.656  -4.929  -8.964  1.00 0.00 ? 13  ASN A CA   1 
ATOM 180  C C    . ASN A 1 13  ? 0.616   -4.093  -9.059  1.00 0.00 ? 13  ASN A C    1 
ATOM 181  O O    . ASN A 1 13  ? 1.693   -4.664  -9.232  1.00 0.00 ? 13  ASN A O    1 
ATOM 182  C CB   . ASN A 1 13  ? -1.234  -5.170  -10.364 1.00 0.00 ? 13  ASN A CB   1 
ATOM 183  C CG   . ASN A 1 13  ? -1.459  -6.653  -10.570 1.00 0.00 ? 13  ASN A CG   1 
ATOM 184  O OD1  . ASN A 1 13  ? -0.503  -7.397  -10.754 1.00 0.00 ? 13  ASN A OD1  1 
ATOM 185  N ND2  . ASN A 1 13  ? -2.690  -7.118  -10.444 1.00 0.00 ? 13  ASN A ND2  1 
ATOM 186  H H    . ASN A 1 13  ? -2.575  -4.146  -8.595  1.00 0.00 ? 13  ASN A H    1 
ATOM 187  H HA   . ASN A 1 13  ? -0.378  -5.885  -8.510  1.00 0.00 ? 13  ASN A HA   1 
ATOM 188  H HB2  . ASN A 1 13  ? -2.181  -4.639  -10.465 1.00 0.00 ? 13  ASN A HB2  1 
ATOM 189  H HB3  . ASN A 1 13  ? -0.539  -4.799  -11.104 1.00 0.00 ? 13  ASN A HB3  1 
ATOM 190  H HD21 . ASN A 1 13  ? -3.465  -6.492  -10.262 1.00 0.00 ? 13  ASN A HD21 1 
ATOM 191  H HD22 . ASN A 1 13  ? -2.813  -8.126  -10.465 1.00 0.00 ? 13  ASN A HD22 1 
ATOM 192  N N    . ALA A 1 14  ? 0.534   -2.768  -8.952  1.00 0.00 ? 14  ALA A N    1 
ATOM 193  C CA   . ALA A 1 14  ? 1.706   -1.913  -8.959  1.00 0.00 ? 14  ALA A CA   1 
ATOM 194  C C    . ALA A 1 14  ? 2.435   -2.052  -7.629  1.00 0.00 ? 14  ALA A C    1 
ATOM 195  O O    . ALA A 1 14  ? 3.651   -2.248  -7.599  1.00 0.00 ? 14  ALA A O    1 
ATOM 196  C CB   . ALA A 1 14  ? 1.284   -0.466  -9.187  1.00 0.00 ? 14  ALA A CB   1 
ATOM 197  H H    . ALA A 1 14  ? -0.359  -2.323  -8.799  1.00 0.00 ? 14  ALA A H    1 
ATOM 198  H HA   . ALA A 1 14  ? 2.366   -2.218  -9.773  1.00 0.00 ? 14  ALA A HA   1 
ATOM 199  H HB1  . ALA A 1 14  ? 0.690   -0.421  -10.097 1.00 0.00 ? 14  ALA A HB1  1 
ATOM 200  H HB2  . ALA A 1 14  ? 2.166   0.168   -9.295  1.00 0.00 ? 14  ALA A HB2  1 
ATOM 201  H HB3  . ALA A 1 14  ? 0.684   -0.110  -8.347  1.00 0.00 ? 14  ALA A HB3  1 
ATOM 202  N N    . LEU A 1 15  ? 1.688   -1.946  -6.527  1.00 0.00 ? 15  LEU A N    1 
ATOM 203  C CA   . LEU A 1 15  ? 2.243   -1.978  -5.182  1.00 0.00 ? 15  LEU A CA   1 
ATOM 204  C C    . LEU A 1 15  ? 2.894   -3.322  -4.865  1.00 0.00 ? 15  LEU A C    1 
ATOM 205  O O    . LEU A 1 15  ? 3.880   -3.338  -4.132  1.00 0.00 ? 15  LEU A O    1 
ATOM 206  C CB   . LEU A 1 15  ? 1.161   -1.655  -4.146  1.00 0.00 ? 15  LEU A CB   1 
ATOM 207  C CG   . LEU A 1 15  ? 0.792   -0.163  -4.093  1.00 0.00 ? 15  LEU A CG   1 
ATOM 208  C CD1  . LEU A 1 15  ? -0.540  0.006   -3.355  1.00 0.00 ? 15  LEU A CD1  1 
ATOM 209  C CD2  . LEU A 1 15  ? 1.884   0.645   -3.374  1.00 0.00 ? 15  LEU A CD2  1 
ATOM 210  H H    . LEU A 1 15  ? 0.686   -1.807  -6.622  1.00 0.00 ? 15  LEU A H    1 
ATOM 211  H HA   . LEU A 1 15  ? 3.019   -1.220  -5.142  1.00 0.00 ? 15  LEU A HA   1 
ATOM 212  H HB2  . LEU A 1 15  ? 0.266   -2.224  -4.396  1.00 0.00 ? 15  LEU A HB2  1 
ATOM 213  H HB3  . LEU A 1 15  ? 1.520   -1.961  -3.166  1.00 0.00 ? 15  LEU A HB3  1 
ATOM 214  H HG   . LEU A 1 15  ? 0.679   0.214   -5.114  1.00 0.00 ? 15  LEU A HG   1 
ATOM 215  H HD11 . LEU A 1 15  ? -1.324  -0.544  -3.879  1.00 0.00 ? 15  LEU A HD11 1 
ATOM 216  H HD12 . LEU A 1 15  ? -0.461  -0.370  -2.332  1.00 0.00 ? 15  LEU A HD12 1 
ATOM 217  H HD13 . LEU A 1 15  ? -0.822  1.057   -3.325  1.00 0.00 ? 15  LEU A HD13 1 
ATOM 218  H HD21 . LEU A 1 15  ? 2.055   0.255   -2.372  1.00 0.00 ? 15  LEU A HD21 1 
ATOM 219  H HD22 . LEU A 1 15  ? 2.822   0.602   -3.923  1.00 0.00 ? 15  LEU A HD22 1 
ATOM 220  H HD23 . LEU A 1 15  ? 1.589   1.689   -3.285  1.00 0.00 ? 15  LEU A HD23 1 
ATOM 221  N N    . LYS A 1 16  ? 2.443   -4.413  -5.496  1.00 0.00 ? 16  LYS A N    1 
ATOM 222  C CA   . LYS A 1 16  ? 3.014   -5.766  -5.439  1.00 0.00 ? 16  LYS A CA   1 
ATOM 223  C C    . LYS A 1 16  ? 4.491   -5.869  -5.888  1.00 0.00 ? 16  LYS A C    1 
ATOM 224  O O    . LYS A 1 16  ? 4.975   -6.981  -6.114  1.00 0.00 ? 16  LYS A O    1 
ATOM 225  C CB   . LYS A 1 16  ? 2.112   -6.726  -6.244  1.00 0.00 ? 16  LYS A CB   1 
ATOM 226  C CG   . LYS A 1 16  ? 0.830   -7.089  -5.481  1.00 0.00 ? 16  LYS A CG   1 
ATOM 227  C CD   . LYS A 1 16  ? -0.028  -8.109  -6.247  1.00 0.00 ? 16  LYS A CD   1 
ATOM 228  C CE   . LYS A 1 16  ? -0.506  -9.235  -5.323  1.00 0.00 ? 16  LYS A CE   1 
ATOM 229  N NZ   . LYS A 1 16  ? 0.612   -10.098 -4.889  1.00 0.00 ? 16  LYS A NZ   1 
ATOM 230  H H    . LYS A 1 16  ? 1.581   -4.290  -6.017  1.00 0.00 ? 16  LYS A H    1 
ATOM 231  H HA   . LYS A 1 16  ? 2.970   -6.082  -4.393  1.00 0.00 ? 16  LYS A HA   1 
ATOM 232  H HB2  . LYS A 1 16  ? 1.846   -6.250  -7.189  1.00 0.00 ? 16  LYS A HB2  1 
ATOM 233  H HB3  . LYS A 1 16  ? 2.646   -7.657  -6.427  1.00 0.00 ? 16  LYS A HB3  1 
ATOM 234  H HG2  . LYS A 1 16  ? 1.115   -7.528  -4.525  1.00 0.00 ? 16  LYS A HG2  1 
ATOM 235  H HG3  . LYS A 1 16  ? 0.237   -6.204  -5.279  1.00 0.00 ? 16  LYS A HG3  1 
ATOM 236  H HD2  . LYS A 1 16  ? -0.899  -7.596  -6.655  1.00 0.00 ? 16  LYS A HD2  1 
ATOM 237  H HD3  . LYS A 1 16  ? 0.539   -8.545  -7.072  1.00 0.00 ? 16  LYS A HD3  1 
ATOM 238  H HE2  . LYS A 1 16  ? -0.982  -8.798  -4.444  1.00 0.00 ? 16  LYS A HE2  1 
ATOM 239  H HE3  . LYS A 1 16  ? -1.228  -9.848  -5.863  1.00 0.00 ? 16  LYS A HE3  1 
ATOM 240  N N    . ASN A 1 17  ? 5.210   -4.762  -6.077  1.00 0.00 ? 17  ASN A N    1 
ATOM 241  C CA   . ASN A 1 17  ? 6.637   -4.710  -6.394  1.00 0.00 ? 17  ASN A CA   1 
ATOM 242  C C    . ASN A 1 17  ? 7.416   -4.218  -5.179  1.00 0.00 ? 17  ASN A C    1 
ATOM 243  O O    . ASN A 1 17  ? 8.403   -4.839  -4.780  1.00 0.00 ? 17  ASN A O    1 
ATOM 244  C CB   . ASN A 1 17  ? 6.883   -3.775  -7.590  1.00 0.00 ? 17  ASN A CB   1 
ATOM 245  C CG   . ASN A 1 17  ? 6.352   -4.377  -8.880  1.00 0.00 ? 17  ASN A CG   1 
ATOM 246  O OD1  . ASN A 1 17  ? 6.984   -5.231  -9.497  1.00 0.00 ? 17  ASN A OD1  1 
ATOM 247  N ND2  . ASN A 1 17  ? 5.172   -3.964  -9.304  1.00 0.00 ? 17  ASN A ND2  1 
ATOM 248  H H    . ASN A 1 17  ? 4.760   -3.905  -5.795  1.00 0.00 ? 17  ASN A H    1 
ATOM 249  H HA   . ASN A 1 17  ? 7.005   -5.702  -6.658  1.00 0.00 ? 17  ASN A HA   1 
ATOM 250  H HB2  . ASN A 1 17  ? 6.388   -2.821  -7.406  1.00 0.00 ? 17  ASN A HB2  1 
ATOM 251  H HB3  . ASN A 1 17  ? 7.956   -3.612  -7.697  1.00 0.00 ? 17  ASN A HB3  1 
ATOM 252  H HD21 . ASN A 1 17  ? 4.643   -3.293  -8.748  1.00 0.00 ? 17  ASN A HD21 1 
ATOM 253  H HD22 . ASN A 1 17  ? 4.744   -4.419  -10.097 1.00 0.00 ? 17  ASN A HD22 1 
ATOM 254  N N    . VAL A 1 18  ? 6.966   -3.096  -4.612  1.00 0.00 ? 18  VAL A N    1 
ATOM 255  C CA   . VAL A 1 18  ? 7.595   -2.367  -3.522  1.00 0.00 ? 18  VAL A CA   1 
ATOM 256  C C    . VAL A 1 18  ? 7.667   -3.272  -2.287  1.00 0.00 ? 18  VAL A C    1 
ATOM 257  O O    . VAL A 1 18  ? 6.859   -4.187  -2.149  1.00 0.00 ? 18  VAL A O    1 
ATOM 258  C CB   . VAL A 1 18  ? 6.763   -1.071  -3.327  1.00 0.00 ? 18  VAL A CB   1 
ATOM 259  C CG1  . VAL A 1 18  ? 7.021   -0.334  -2.004  1.00 0.00 ? 18  VAL A CG1  1 
ATOM 260  C CG2  . VAL A 1 18  ? 7.093   -0.106  -4.474  1.00 0.00 ? 18  VAL A CG2  1 
ATOM 261  H H    . VAL A 1 18  ? 6.063   -2.741  -4.878  1.00 0.00 ? 18  VAL A H    1 
ATOM 262  H HA   . VAL A 1 18  ? 8.614   -2.104  -3.810  1.00 0.00 ? 18  VAL A HA   1 
ATOM 263  H HB   . VAL A 1 18  ? 5.686   -1.296  -3.390  1.00 0.00 ? 18  VAL A HB   1 
ATOM 264  H HG11 . VAL A 1 18  ? 8.084   -0.126  -1.894  1.00 0.00 ? 18  VAL A HG11 1 
ATOM 265  H HG12 . VAL A 1 18  ? 6.468   0.605   -1.990  1.00 0.00 ? 18  VAL A HG12 1 
ATOM 266  H HG13 . VAL A 1 18  ? 6.673   -0.945  -1.170  1.00 0.00 ? 18  VAL A HG13 1 
ATOM 267  H HG21 . VAL A 1 18  ? 6.994   -0.595  -5.442  1.00 0.00 ? 18  VAL A HG21 1 
ATOM 268  H HG22 . VAL A 1 18  ? 6.400   0.732   -4.440  1.00 0.00 ? 18  VAL A HG22 1 
ATOM 269  H HG23 . VAL A 1 18  ? 8.110   0.276   -4.376  1.00 0.00 ? 18  VAL A HG23 1 
ATOM 270  N N    . ILE A 1 19  ? 8.584   -3.012  -1.355  1.00 0.00 ? 19  ILE A N    1 
ATOM 271  C CA   . ILE A 1 19  ? 8.692   -3.737  -0.100  1.00 0.00 ? 19  ILE A CA   1 
ATOM 272  C C    . ILE A 1 19  ? 8.741   -2.712  1.028   1.00 0.00 ? 19  ILE A C    1 
ATOM 273  O O    . ILE A 1 19  ? 9.404   -1.677  0.917   1.00 0.00 ? 19  ILE A O    1 
ATOM 274  C CB   . ILE A 1 19  ? 9.940   -4.645  -0.140  1.00 0.00 ? 19  ILE A CB   1 
ATOM 275  C CG1  . ILE A 1 19  ? 9.875   -5.705  -1.262  1.00 0.00 ? 19  ILE A CG1  1 
ATOM 276  C CG2  . ILE A 1 19  ? 10.233  -5.331  1.201   1.00 0.00 ? 19  ILE A CG2  1 
ATOM 277  C CD1  . ILE A 1 19  ? 8.851   -6.833  -1.074  1.00 0.00 ? 19  ILE A CD1  1 
ATOM 278  H H    . ILE A 1 19  ? 9.245   -2.262  -1.486  1.00 0.00 ? 19  ILE A H    1 
ATOM 279  H HA   . ILE A 1 19  ? 7.810   -4.360  0.044   1.00 0.00 ? 19  ILE A HA   1 
ATOM 280  H HB   . ILE A 1 19  ? 10.790  -3.999  -0.350  1.00 0.00 ? 19  ILE A HB   1 
ATOM 281  H HG12 . ILE A 1 19  ? 9.629   -5.189  -2.191  1.00 0.00 ? 19  ILE A HG12 1 
ATOM 282  H HG13 . ILE A 1 19  ? 10.862  -6.150  -1.351  1.00 0.00 ? 19  ILE A HG13 1 
ATOM 283  H HG21 . ILE A 1 19  ? 9.319   -5.773  1.587   1.00 0.00 ? 19  ILE A HG21 1 
ATOM 284  H HG22 . ILE A 1 19  ? 10.989  -6.104  1.070   1.00 0.00 ? 19  ILE A HG22 1 
ATOM 285  H HG23 . ILE A 1 19  ? 10.609  -4.599  1.916   1.00 0.00 ? 19  ILE A HG23 1 
ATOM 286  H HD11 . ILE A 1 19  ? 7.847   -6.419  -1.014  1.00 0.00 ? 19  ILE A HD11 1 
ATOM 287  H HD12 . ILE A 1 19  ? 8.900   -7.508  -1.927  1.00 0.00 ? 19  ILE A HD12 1 
ATOM 288  H HD13 . ILE A 1 19  ? 9.073   -7.401  -0.172  1.00 0.00 ? 19  ILE A HD13 1 
ATOM 289  N N    . ASP A 1 20  ? 8.070   -3.037  2.129   1.00 0.00 ? 20  ASP A N    1 
ATOM 290  C CA   . ASP A 1 20  ? 8.265   -2.397  3.423   1.00 0.00 ? 20  ASP A CA   1 
ATOM 291  C C    . ASP A 1 20  ? 9.577   -2.945  3.962   1.00 0.00 ? 20  ASP A C    1 
ATOM 292  O O    . ASP A 1 20  ? 9.596   -4.093  4.412   1.00 0.00 ? 20  ASP A O    1 
ATOM 293  C CB   . ASP A 1 20  ? 7.127   -2.751  4.404   1.00 0.00 ? 20  ASP A CB   1 
ATOM 294  C CG   . ASP A 1 20  ? 5.953   -1.780  4.406   1.00 0.00 ? 20  ASP A CG   1 
ATOM 295  O OD1  . ASP A 1 20  ? 5.799   -0.973  3.464   1.00 0.00 ? 20  ASP A OD1  1 
ATOM 296  O OD2  . ASP A 1 20  ? 5.164   -1.823  5.375   1.00 0.00 ? 20  ASP A OD2  1 
ATOM 297  H H    . ASP A 1 20  ? 7.580   -3.927  2.131   1.00 0.00 ? 20  ASP A H    1 
ATOM 298  H HA   . ASP A 1 20  ? 8.320   -1.313  3.309   1.00 0.00 ? 20  ASP A HA   1 
ATOM 299  H HB2  . ASP A 1 20  ? 6.757   -3.747  4.157   1.00 0.00 ? 20  ASP A HB2  1 
ATOM 300  H HB3  . ASP A 1 20  ? 7.532   -2.741  5.418   1.00 0.00 ? 20  ASP A HB3  1 
ATOM 301  N N    . PHE A 1 21  ? 10.670  -2.173  3.903   1.00 0.00 ? 21  PHE A N    1 
ATOM 302  C CA   . PHE A 1 21  ? 11.997  -2.612  4.350   1.00 0.00 ? 21  PHE A CA   1 
ATOM 303  C C    . PHE A 1 21  ? 11.938  -3.280  5.726   1.00 0.00 ? 21  PHE A C    1 
ATOM 304  O O    . PHE A 1 21  ? 12.503  -4.354  5.923   1.00 0.00 ? 21  PHE A O    1 
ATOM 305  C CB   . PHE A 1 21  ? 12.979  -1.430  4.407   1.00 0.00 ? 21  PHE A CB   1 
ATOM 306  C CG   . PHE A 1 21  ? 13.506  -0.967  3.068   1.00 0.00 ? 21  PHE A CG   1 
ATOM 307  C CD1  . PHE A 1 21  ? 14.514  -1.705  2.416   1.00 0.00 ? 21  PHE A CD1  1 
ATOM 308  C CD2  . PHE A 1 21  ? 13.018  0.214   2.481   1.00 0.00 ? 21  PHE A CD2  1 
ATOM 309  C CE1  . PHE A 1 21  ? 15.011  -1.278  1.172   1.00 0.00 ? 21  PHE A CE1  1 
ATOM 310  C CE2  . PHE A 1 21  ? 13.523  0.643   1.245   1.00 0.00 ? 21  PHE A CE2  1 
ATOM 311  C CZ   . PHE A 1 21  ? 14.510  -0.105  0.582   1.00 0.00 ? 21  PHE A CZ   1 
ATOM 312  H H    . PHE A 1 21  ? 10.595  -1.300  3.398   1.00 0.00 ? 21  PHE A H    1 
ATOM 313  H HA   . PHE A 1 21  ? 12.374  -3.344  3.635   1.00 0.00 ? 21  PHE A HA   1 
ATOM 314  H HB2  . PHE A 1 21  ? 12.478  -0.591  4.891   1.00 0.00 ? 21  PHE A HB2  1 
ATOM 315  H HB3  . PHE A 1 21  ? 13.840  -1.732  5.004   1.00 0.00 ? 21  PHE A HB3  1 
ATOM 316  H HD1  . PHE A 1 21  ? 14.914  -2.605  2.863   1.00 0.00 ? 21  PHE A HD1  1 
ATOM 317  H HD2  . PHE A 1 21  ? 12.250  0.801   2.963   1.00 0.00 ? 21  PHE A HD2  1 
ATOM 318  H HE1  . PHE A 1 21  ? 15.771  -1.856  0.668   1.00 0.00 ? 21  PHE A HE1  1 
ATOM 319  H HE2  . PHE A 1 21  ? 13.131  1.546   0.800   1.00 0.00 ? 21  PHE A HE2  1 
ATOM 320  H HZ   . PHE A 1 21  ? 14.877  0.217   -0.383  1.00 0.00 ? 21  PHE A HZ   1 
ATOM 321  N N    . GLU A 1 22  ? 11.208  -2.665  6.659   1.00 0.00 ? 22  GLU A N    1 
ATOM 322  C CA   . GLU A 1 22  ? 11.096  -3.048  8.054   1.00 0.00 ? 22  GLU A CA   1 
ATOM 323  C C    . GLU A 1 22  ? 10.480  -4.440  8.258   1.00 0.00 ? 22  GLU A C    1 
ATOM 324  O O    . GLU A 1 22  ? 10.655  -5.046  9.322   1.00 0.00 ? 22  GLU A O    1 
ATOM 325  C CB   . GLU A 1 22  ? 10.276  -1.921  8.709   1.00 0.00 ? 22  GLU A CB   1 
ATOM 326  C CG   . GLU A 1 22  ? 9.962   -2.066  10.200  1.00 0.00 ? 22  GLU A CG   1 
ATOM 327  C CD   . GLU A 1 22  ? 11.176  -2.069  11.135  1.00 0.00 ? 22  GLU A CD   1 
ATOM 328  O OE1  . GLU A 1 22  ? 12.327  -2.296  10.696  1.00 0.00 ? 22  GLU A OE1  1 
ATOM 329  O OE2  . GLU A 1 22  ? 10.987  -1.865  12.358  1.00 0.00 ? 22  GLU A OE2  1 
ATOM 330  H H    . GLU A 1 22  ? 10.725  -1.813  6.432   1.00 0.00 ? 22  GLU A H    1 
ATOM 331  H HA   . GLU A 1 22  ? 12.099  -3.070  8.466   1.00 0.00 ? 22  GLU A HA   1 
ATOM 332  H HB2  . GLU A 1 22  ? 10.833  -0.992  8.577   1.00 0.00 ? 22  GLU A HB2  1 
ATOM 333  H HB3  . GLU A 1 22  ? 9.323   -1.848  8.182   1.00 0.00 ? 22  GLU A HB3  1 
ATOM 334  H HG2  . GLU A 1 22  ? 9.323   -1.233  10.491  1.00 0.00 ? 22  GLU A HG2  1 
ATOM 335  H HG3  . GLU A 1 22  ? 9.408   -2.989  10.322  1.00 0.00 ? 22  GLU A HG3  1 
ATOM 336  N N    . LEU A 1 23  ? 9.785   -4.971  7.247   1.00 0.00 ? 23  LEU A N    1 
ATOM 337  C CA   . LEU A 1 23  ? 9.096   -6.255  7.300   1.00 0.00 ? 23  LEU A CA   1 
ATOM 338  C C    . LEU A 1 23  ? 9.702   -7.230  6.302   1.00 0.00 ? 23  LEU A C    1 
ATOM 339  O O    . LEU A 1 23  ? 9.916   -8.392  6.645   1.00 0.00 ? 23  LEU A O    1 
ATOM 340  C CB   . LEU A 1 23  ? 7.600   -6.080  6.993   1.00 0.00 ? 23  LEU A CB   1 
ATOM 341  C CG   . LEU A 1 23  ? 6.703   -5.604  8.151   1.00 0.00 ? 23  LEU A CG   1 
ATOM 342  C CD1  . LEU A 1 23  ? 6.795   -6.508  9.386   1.00 0.00 ? 23  LEU A CD1  1 
ATOM 343  C CD2  . LEU A 1 23  ? 6.930   -4.144  8.542   1.00 0.00 ? 23  LEU A CD2  1 
ATOM 344  H H    . LEU A 1 23  ? 9.758   -4.461  6.372   1.00 0.00 ? 23  LEU A H    1 
ATOM 345  H HA   . LEU A 1 23  ? 9.212   -6.702  8.285   1.00 0.00 ? 23  LEU A HA   1 
ATOM 346  H HB2  . LEU A 1 23  ? 7.512   -5.350  6.187   1.00 0.00 ? 23  LEU A HB2  1 
ATOM 347  H HB3  . LEU A 1 23  ? 7.221   -7.046  6.654   1.00 0.00 ? 23  LEU A HB3  1 
ATOM 348  H HG   . LEU A 1 23  ? 5.685   -5.661  7.791   1.00 0.00 ? 23  LEU A HG   1 
ATOM 349  H HD11 . LEU A 1 23  ? 6.669   -7.552  9.096   1.00 0.00 ? 23  LEU A HD11 1 
ATOM 350  H HD12 . LEU A 1 23  ? 7.753   -6.376  9.885   1.00 0.00 ? 23  LEU A HD12 1 
ATOM 351  H HD13 . LEU A 1 23  ? 5.993   -6.251  10.079  1.00 0.00 ? 23  LEU A HD13 1 
ATOM 352  H HD21 . LEU A 1 23  ? 6.875   -3.509  7.656   1.00 0.00 ? 23  LEU A HD21 1 
ATOM 353  H HD22 . LEU A 1 23  ? 6.145   -3.833  9.231   1.00 0.00 ? 23  LEU A HD22 1 
ATOM 354  H HD23 . LEU A 1 23  ? 7.893   -4.026  9.030   1.00 0.00 ? 23  LEU A HD23 1 
ATOM 355  N N    . GLY A 1 24  ? 9.933   -6.796  5.065   1.00 0.00 ? 24  GLY A N    1 
ATOM 356  C CA   . GLY A 1 24  ? 10.516  -7.607  4.012   1.00 0.00 ? 24  GLY A CA   1 
ATOM 357  C C    . GLY A 1 24  ? 9.470   -8.171  3.053   1.00 0.00 ? 24  GLY A C    1 
ATOM 358  O O    . GLY A 1 24  ? 9.804   -9.049  2.254   1.00 0.00 ? 24  GLY A O    1 
ATOM 359  H H    . GLY A 1 24  ? 9.677   -5.843  4.827   1.00 0.00 ? 24  GLY A H    1 
ATOM 360  H HA2  . GLY A 1 24  ? 11.200  -6.978  3.449   1.00 0.00 ? 24  GLY A HA2  1 
ATOM 361  H HA3  . GLY A 1 24  ? 11.088  -8.428  4.441   1.00 0.00 ? 24  GLY A HA3  1 
ATOM 362  N N    . LEU A 1 25  ? 8.227   -7.681  3.087   1.00 0.00 ? 25  LEU A N    1 
ATOM 363  C CA   . LEU A 1 25  ? 7.160   -8.077  2.173   1.00 0.00 ? 25  LEU A CA   1 
ATOM 364  C C    . LEU A 1 25  ? 6.493   -6.836  1.579   1.00 0.00 ? 25  LEU A C    1 
ATOM 365  O O    . LEU A 1 25  ? 6.758   -5.719  2.023   1.00 0.00 ? 25  LEU A O    1 
ATOM 366  C CB   . LEU A 1 25  ? 6.143   -8.976  2.906   1.00 0.00 ? 25  LEU A CB   1 
ATOM 367  C CG   . LEU A 1 25  ? 6.006   -10.402 2.333   1.00 0.00 ? 25  LEU A CG   1 
ATOM 368  C CD1  . LEU A 1 25  ? 5.662   -10.444 0.838   1.00 0.00 ? 25  LEU A CD1  1 
ATOM 369  C CD2  . LEU A 1 25  ? 7.263   -11.252 2.567   1.00 0.00 ? 25  LEU A CD2  1 
ATOM 370  H H    . LEU A 1 25  ? 8.038   -6.873  3.661   1.00 0.00 ? 25  LEU A H    1 
ATOM 371  H HA   . LEU A 1 25  ? 7.608   -8.620  1.345   1.00 0.00 ? 25  LEU A HA   1 
ATOM 372  H HB2  . LEU A 1 25  ? 6.466   -9.066  3.942   1.00 0.00 ? 25  LEU A HB2  1 
ATOM 373  H HB3  . LEU A 1 25  ? 5.170   -8.487  2.890   1.00 0.00 ? 25  LEU A HB3  1 
ATOM 374  H HG   . LEU A 1 25  ? 5.183   -10.877 2.865   1.00 0.00 ? 25  LEU A HG   1 
ATOM 375  H HD11 . LEU A 1 25  ? 4.835   -9.774  0.637   1.00 0.00 ? 25  LEU A HD11 1 
ATOM 376  H HD12 . LEU A 1 25  ? 6.518   -10.146 0.231   1.00 0.00 ? 25  LEU A HD12 1 
ATOM 377  H HD13 . LEU A 1 25  ? 5.375   -11.460 0.559   1.00 0.00 ? 25  LEU A HD13 1 
ATOM 378  H HD21 . LEU A 1 25  ? 7.537   -11.216 3.621   1.00 0.00 ? 25  LEU A HD21 1 
ATOM 379  H HD22 . LEU A 1 25  ? 7.085   -12.291 2.288   1.00 0.00 ? 25  LEU A HD22 1 
ATOM 380  H HD23 . LEU A 1 25  ? 8.100   -10.862 1.993   1.00 0.00 ? 25  LEU A HD23 1 
ATOM 381  N N    . ASP A 1 26  ? 5.633   -7.034  0.575   1.00 0.00 ? 26  ASP A N    1 
ATOM 382  C CA   . ASP A 1 26  ? 4.908   -5.940  -0.067  1.00 0.00 ? 26  ASP A CA   1 
ATOM 383  C C    . ASP A 1 26  ? 3.677   -5.609  0.772   1.00 0.00 ? 26  ASP A C    1 
ATOM 384  O O    . ASP A 1 26  ? 3.128   -6.479  1.459   1.00 0.00 ? 26  ASP A O    1 
ATOM 385  C CB   . ASP A 1 26  ? 4.531   -6.293  -1.521  1.00 0.00 ? 26  ASP A CB   1 
ATOM 386  C CG   . ASP A 1 26  ? 3.041   -6.444  -1.793  1.00 0.00 ? 26  ASP A CG   1 
ATOM 387  O OD1  . ASP A 1 26  ? 2.390   -5.430  -2.110  1.00 0.00 ? 26  ASP A OD1  1 
ATOM 388  O OD2  . ASP A 1 26  ? 2.532   -7.588  -1.759  1.00 0.00 ? 26  ASP A OD2  1 
ATOM 389  H H    . ASP A 1 26  ? 5.323   -7.970  0.365   1.00 0.00 ? 26  ASP A H    1 
ATOM 390  H HA   . ASP A 1 26  ? 5.565   -5.069  -0.090  1.00 0.00 ? 26  ASP A HA   1 
ATOM 391  H HB2  . ASP A 1 26  ? 4.892   -5.481  -2.153  1.00 0.00 ? 26  ASP A HB2  1 
ATOM 392  H HB3  . ASP A 1 26  ? 5.045   -7.188  -1.833  1.00 0.00 ? 26  ASP A HB3  1 
ATOM 393  N N    . VAL A 1 27  ? 3.220   -4.367  0.693   1.00 0.00 ? 27  VAL A N    1 
ATOM 394  C CA   . VAL A 1 27  ? 2.054   -3.863  1.380   1.00 0.00 ? 27  VAL A CA   1 
ATOM 395  C C    . VAL A 1 27  ? 0.818   -4.714  1.116   1.00 0.00 ? 27  VAL A C    1 
ATOM 396  O O    . VAL A 1 27  ? 0.063   -4.968  2.050   1.00 0.00 ? 27  VAL A O    1 
ATOM 397  C CB   . VAL A 1 27  ? 1.823   -2.393  1.004   1.00 0.00 ? 27  VAL A CB   1 
ATOM 398  C CG1  . VAL A 1 27  ? 3.032   -1.527  1.351   1.00 0.00 ? 27  VAL A CG1  1 
ATOM 399  C CG2  . VAL A 1 27  ? 1.457   -2.198  -0.473  1.00 0.00 ? 27  VAL A CG2  1 
ATOM 400  H H    . VAL A 1 27  ? 3.696   -3.680  0.117   1.00 0.00 ? 27  VAL A H    1 
ATOM 401  H HA   . VAL A 1 27  ? 2.269   -3.894  2.444   1.00 0.00 ? 27  VAL A HA   1 
ATOM 402  H HB   . VAL A 1 27  ? 0.989   -2.040  1.603   1.00 0.00 ? 27  VAL A HB   1 
ATOM 403  H HG11 . VAL A 1 27  ? 3.322   -1.690  2.387   1.00 0.00 ? 27  VAL A HG11 1 
ATOM 404  H HG12 . VAL A 1 27  ? 3.885   -1.750  0.709   1.00 0.00 ? 27  VAL A HG12 1 
ATOM 405  H HG13 . VAL A 1 27  ? 2.769   -0.479  1.221   1.00 0.00 ? 27  VAL A HG13 1 
ATOM 406  H HG21 . VAL A 1 27  ? 2.122   -2.779  -1.113  1.00 0.00 ? 27  VAL A HG21 1 
ATOM 407  H HG22 . VAL A 1 27  ? 0.435   -2.513  -0.662  1.00 0.00 ? 27  VAL A HG22 1 
ATOM 408  H HG23 . VAL A 1 27  ? 1.531   -1.146  -0.734  1.00 0.00 ? 27  VAL A HG23 1 
ATOM 409  N N    . VAL A 1 28  ? 0.543   -5.127  -0.119  1.00 0.00 ? 28  VAL A N    1 
ATOM 410  C CA   . VAL A 1 28  ? -0.640  -5.904  -0.464  1.00 0.00 ? 28  VAL A CA   1 
ATOM 411  C C    . VAL A 1 28  ? -0.594  -7.216  0.321   1.00 0.00 ? 28  VAL A C    1 
ATOM 412  O O    . VAL A 1 28  ? -1.600  -7.623  0.898   1.00 0.00 ? 28  VAL A O    1 
ATOM 413  C CB   . VAL A 1 28  ? -0.733  -6.070  -2.002  1.00 0.00 ? 28  VAL A CB   1 
ATOM 414  C CG1  . VAL A 1 28  ? -1.964  -6.899  -2.396  1.00 0.00 ? 28  VAL A CG1  1 
ATOM 415  C CG2  . VAL A 1 28  ? -0.834  -4.689  -2.675  1.00 0.00 ? 28  VAL A CG2  1 
ATOM 416  H H    . VAL A 1 28  ? 1.212   -4.959  -0.872  1.00 0.00 ? 28  VAL A H    1 
ATOM 417  H HA   . VAL A 1 28  ? -1.520  -5.353  -0.130  1.00 0.00 ? 28  VAL A HA   1 
ATOM 418  H HB   . VAL A 1 28  ? 0.154   -6.573  -2.393  1.00 0.00 ? 28  VAL A HB   1 
ATOM 419  H HG11 . VAL A 1 28  ? -2.859  -6.482  -1.934  1.00 0.00 ? 28  VAL A HG11 1 
ATOM 420  H HG12 . VAL A 1 28  ? -2.081  -6.911  -3.479  1.00 0.00 ? 28  VAL A HG12 1 
ATOM 421  H HG13 . VAL A 1 28  ? -1.844  -7.925  -2.049  1.00 0.00 ? 28  VAL A HG13 1 
ATOM 422  H HG21 . VAL A 1 28  ? -1.614  -4.094  -2.203  1.00 0.00 ? 28  VAL A HG21 1 
ATOM 423  H HG22 . VAL A 1 28  ? 0.118   -4.164  -2.587  1.00 0.00 ? 28  VAL A HG22 1 
ATOM 424  H HG23 . VAL A 1 28  ? -1.048  -4.803  -3.736  1.00 0.00 ? 28  VAL A HG23 1 
ATOM 425  N N    . SER A 1 29  ? 0.588   -7.817  0.447   1.00 0.00 ? 29  SER A N    1 
ATOM 426  C CA   . SER A 1 29  ? 0.817   -8.985  1.276   1.00 0.00 ? 29  SER A CA   1 
ATOM 427  C C    . SER A 1 29  ? 0.637   -8.667  2.761   1.00 0.00 ? 29  SER A C    1 
ATOM 428  O O    . SER A 1 29  ? 0.050   -9.465  3.495   1.00 0.00 ? 29  SER A O    1 
ATOM 429  C CB   . SER A 1 29  ? 2.205   -9.555  0.982   1.00 0.00 ? 29  SER A CB   1 
ATOM 430  O OG   . SER A 1 29  ? 2.088   -10.654 0.095   1.00 0.00 ? 29  SER A OG   1 
ATOM 431  H H    . SER A 1 29  ? 1.391   -7.371  0.015   1.00 0.00 ? 29  SER A H    1 
ATOM 432  H HA   . SER A 1 29  ? 0.077   -9.732  1.010   1.00 0.00 ? 29  SER A HA   1 
ATOM 433  H HB2  . SER A 1 29  ? 2.827   -8.783  0.529   1.00 0.00 ? 29  SER A HB2  1 
ATOM 434  H HB3  . SER A 1 29  ? 2.668   -9.899  1.906   1.00 0.00 ? 29  SER A HB3  1 
ATOM 435  H HG   . SER A 1 29  ? 1.566   -11.329 0.583   1.00 0.00 ? 29  SER A HG   1 
ATOM 436  N N    . LEU A 1 30  ? 1.123   -7.523  3.232   1.00 0.00 ? 30  LEU A N    1 
ATOM 437  C CA   . LEU A 1 30  ? 0.942   -7.086  4.614   1.00 0.00 ? 30  LEU A CA   1 
ATOM 438  C C    . LEU A 1 30  ? -0.518  -6.758  4.941   1.00 0.00 ? 30  LEU A C    1 
ATOM 439  O O    . LEU A 1 30  ? -0.883  -6.768  6.112   1.00 0.00 ? 30  LEU A O    1 
ATOM 440  C CB   . LEU A 1 30  ? 1.826   -5.859  4.871   1.00 0.00 ? 30  LEU A CB   1 
ATOM 441  C CG   . LEU A 1 30  ? 3.136   -6.210  5.589   1.00 0.00 ? 30  LEU A CG   1 
ATOM 442  C CD1  . LEU A 1 30  ? 4.281   -5.330  5.080   1.00 0.00 ? 30  LEU A CD1  1 
ATOM 443  C CD2  . LEU A 1 30  ? 2.937   -6.026  7.097   1.00 0.00 ? 30  LEU A CD2  1 
ATOM 444  H H    . LEU A 1 30  ? 1.644   -6.924  2.599   1.00 0.00 ? 30  LEU A H    1 
ATOM 445  H HA   . LEU A 1 30  ? 1.243   -7.891  5.281   1.00 0.00 ? 30  LEU A HA   1 
ATOM 446  H HB2  . LEU A 1 30  ? 2.068   -5.399  3.912   1.00 0.00 ? 30  LEU A HB2  1 
ATOM 447  H HB3  . LEU A 1 30  ? 1.274   -5.148  5.483   1.00 0.00 ? 30  LEU A HB3  1 
ATOM 448  H HG   . LEU A 1 30  ? 3.398   -7.250  5.383   1.00 0.00 ? 30  LEU A HG   1 
ATOM 449  H HD11 . LEU A 1 30  ? 4.405   -5.460  4.003   1.00 0.00 ? 30  LEU A HD11 1 
ATOM 450  H HD12 . LEU A 1 30  ? 4.079   -4.280  5.296   1.00 0.00 ? 30  LEU A HD12 1 
ATOM 451  H HD13 . LEU A 1 30  ? 5.205   -5.625  5.566   1.00 0.00 ? 30  LEU A HD13 1 
ATOM 452  H HD21 . LEU A 1 30  ? 2.012   -6.505  7.404   1.00 0.00 ? 30  LEU A HD21 1 
ATOM 453  H HD22 . LEU A 1 30  ? 3.748   -6.495  7.646   1.00 0.00 ? 30  LEU A HD22 1 
ATOM 454  H HD23 . LEU A 1 30  ? 2.884   -4.965  7.356   1.00 0.00 ? 30  LEU A HD23 1 
ATOM 455  N N    . GLY A 1 31  ? -1.356  -6.480  3.943   1.00 0.00 ? 31  GLY A N    1 
ATOM 456  C CA   . GLY A 1 31  ? -2.751  -6.119  4.133   1.00 0.00 ? 31  GLY A CA   1 
ATOM 457  C C    . GLY A 1 31  ? -2.895  -4.802  4.901   1.00 0.00 ? 31  GLY A C    1 
ATOM 458  O O    . GLY A 1 31  ? -3.443  -4.815  6.000   1.00 0.00 ? 31  GLY A O    1 
ATOM 459  H H    . GLY A 1 31  ? -0.977  -6.474  3.006   1.00 0.00 ? 31  GLY A H    1 
ATOM 460  H HA2  . GLY A 1 31  ? -3.238  -6.031  3.161   1.00 0.00 ? 31  GLY A HA2  1 
ATOM 461  H HA3  . GLY A 1 31  ? -3.228  -6.921  4.705   1.00 0.00 ? 31  GLY A HA3  1 
ATOM 462  N N    . LEU A 1 32  ? -2.405  -3.682  4.350   1.00 0.00 ? 32  LEU A N    1 
ATOM 463  C CA   . LEU A 1 32  ? -2.510  -2.348  4.961   1.00 0.00 ? 32  LEU A CA   1 
ATOM 464  C C    . LEU A 1 32  ? -3.528  -1.479  4.241   1.00 0.00 ? 32  LEU A C    1 
ATOM 465  O O    . LEU A 1 32  ? -4.154  -0.634  4.881   1.00 0.00 ? 32  LEU A O    1 
ATOM 466  C CB   . LEU A 1 32  ? -1.171  -1.596  4.975   1.00 0.00 ? 32  LEU A CB   1 
ATOM 467  C CG   . LEU A 1 32  ? -0.021  -2.373  5.644   1.00 0.00 ? 32  LEU A CG   1 
ATOM 468  C CD1  . LEU A 1 32  ? 1.066   -2.619  4.599   1.00 0.00 ? 32  LEU A CD1  1 
ATOM 469  C CD2  . LEU A 1 32  ? 0.565   -1.630  6.840   1.00 0.00 ? 32  LEU A CD2  1 
ATOM 470  H H    . LEU A 1 32  ? -1.970  -3.733  3.435   1.00 0.00 ? 32  LEU A H    1 
ATOM 471  H HA   . LEU A 1 32  ? -2.845  -2.429  5.990   1.00 0.00 ? 32  LEU A HA   1 
ATOM 472  H HB2  . LEU A 1 32  ? -0.885  -1.384  3.944   1.00 0.00 ? 32  LEU A HB2  1 
ATOM 473  H HB3  . LEU A 1 32  ? -1.327  -0.658  5.509   1.00 0.00 ? 32  LEU A HB3  1 
ATOM 474  H HG   . LEU A 1 32  ? -0.374  -3.339  6.001   1.00 0.00 ? 32  LEU A HG   1 
ATOM 475  H HD11 . LEU A 1 32  ? 1.314   -1.691  4.089   1.00 0.00 ? 32  LEU A HD11 1 
ATOM 476  H HD12 . LEU A 1 32  ? 1.970   -2.990  5.078   1.00 0.00 ? 32  LEU A HD12 1 
ATOM 477  H HD13 . LEU A 1 32  ? 0.699   -3.341  3.877   1.00 0.00 ? 32  LEU A HD13 1 
ATOM 478  H HD21 . LEU A 1 32  ? -0.213  -1.386  7.558   1.00 0.00 ? 32  LEU A HD21 1 
ATOM 479  H HD22 . LEU A 1 32  ? 1.301   -2.264  7.332   1.00 0.00 ? 32  LEU A HD22 1 
ATOM 480  H HD23 . LEU A 1 32  ? 1.036   -0.712  6.489   1.00 0.00 ? 32  LEU A HD23 1 
ATOM 481  N N    . VAL A 1 33  ? -3.696  -1.655  2.929   1.00 0.00 ? 33  VAL A N    1 
ATOM 482  C CA   . VAL A 1 33  ? -4.700  -0.972  2.157   1.00 0.00 ? 33  VAL A CA   1 
ATOM 483  C C    . VAL A 1 33  ? -6.071  -1.431  2.666   1.00 0.00 ? 33  VAL A C    1 
ATOM 484  O O    . VAL A 1 33  ? -6.521  -2.558  2.438   1.00 0.00 ? 33  VAL A O    1 
ATOM 485  C CB   . VAL A 1 33  ? -4.468  -1.188  0.647   1.00 0.00 ? 33  VAL A CB   1 
ATOM 486  C CG1  . VAL A 1 33  ? -3.218  -0.435  0.166   1.00 0.00 ? 33  VAL A CG1  1 
ATOM 487  C CG2  . VAL A 1 33  ? -4.394  -2.652  0.169   1.00 0.00 ? 33  VAL A CG2  1 
ATOM 488  H H    . VAL A 1 33  ? -3.095  -2.266  2.391   1.00 0.00 ? 33  VAL A H    1 
ATOM 489  H HA   . VAL A 1 33  ? -4.579  0.096   2.383   1.00 0.00 ? 33  VAL A HA   1 
ATOM 490  H HB   . VAL A 1 33  ? -5.311  -0.736  0.152   1.00 0.00 ? 33  VAL A HB   1 
ATOM 491  H HG11 . VAL A 1 33  ? -3.259  0.598   0.500   1.00 0.00 ? 33  VAL A HG11 1 
ATOM 492  H HG12 . VAL A 1 33  ? -2.311  -0.887  0.549   1.00 0.00 ? 33  VAL A HG12 1 
ATOM 493  H HG13 . VAL A 1 33  ? -3.180  -0.437  -0.925  1.00 0.00 ? 33  VAL A HG13 1 
ATOM 494  H HG21 . VAL A 1 33  ? -3.715  -3.240  0.780   1.00 0.00 ? 33  VAL A HG21 1 
ATOM 495  H HG22 . VAL A 1 33  ? -5.384  -3.102  0.216   1.00 0.00 ? 33  VAL A HG22 1 
ATOM 496  H HG23 . VAL A 1 33  ? -4.051  -2.687  -0.864  1.00 0.00 ? 33  VAL A HG23 1 
ATOM 497  N N    . TYR A 1 34  ? -6.689  -0.564  3.451   1.00 0.00 ? 34  TYR A N    1 
ATOM 498  C CA   . TYR A 1 34  ? -8.026  -0.697  3.974   1.00 0.00 ? 34  TYR A CA   1 
ATOM 499  C C    . TYR A 1 34  ? -9.006  -0.607  2.805   1.00 0.00 ? 34  TYR A C    1 
ATOM 500  O O    . TYR A 1 34  ? -9.771  -1.547  2.577   1.00 0.00 ? 34  TYR A O    1 
ATOM 501  C CB   . TYR A 1 34  ? -8.227  0.398   5.034   1.00 0.00 ? 34  TYR A CB   1 
ATOM 502  C CG   . TYR A 1 34  ? -7.824  -0.013  6.429   1.00 0.00 ? 34  TYR A CG   1 
ATOM 503  C CD1  . TYR A 1 34  ? -8.502  -1.073  7.068   1.00 0.00 ? 34  TYR A CD1  1 
ATOM 504  C CD2  . TYR A 1 34  ? -6.830  0.703   7.115   1.00 0.00 ? 34  TYR A CD2  1 
ATOM 505  C CE1  . TYR A 1 34  ? -8.206  -1.416  8.399   1.00 0.00 ? 34  TYR A CE1  1 
ATOM 506  C CE2  . TYR A 1 34  ? -6.531  0.348   8.444   1.00 0.00 ? 34  TYR A CE2  1 
ATOM 507  C CZ   . TYR A 1 34  ? -7.231  -0.685  9.103   1.00 0.00 ? 34  TYR A CZ   1 
ATOM 508  O OH   . TYR A 1 34  ? -6.934  -0.952  10.401  1.00 0.00 ? 34  TYR A OH   1 
ATOM 509  H H    . TYR A 1 34  ? -6.254  0.343   3.581   1.00 0.00 ? 34  TYR A H    1 
ATOM 510  H HA   . TYR A 1 34  ? -8.138  -1.677  4.436   1.00 0.00 ? 34  TYR A HA   1 
ATOM 511  H HB2  . TYR A 1 34  ? -7.639  1.269   4.743   1.00 0.00 ? 34  TYR A HB2  1 
ATOM 512  H HB3  . TYR A 1 34  ? -9.263  0.683   5.097   1.00 0.00 ? 34  TYR A HB3  1 
ATOM 513  H HD1  . TYR A 1 34  ? -9.301  -1.590  6.553   1.00 0.00 ? 34  TYR A HD1  1 
ATOM 514  H HD2  . TYR A 1 34  ? -6.336  1.549   6.637   1.00 0.00 ? 34  TYR A HD2  1 
ATOM 515  H HE1  . TYR A 1 34  ? -8.758  -2.201  8.896   1.00 0.00 ? 34  TYR A HE1  1 
ATOM 516  H HE2  . TYR A 1 34  ? -5.789  0.879   9.009   1.00 0.00 ? 34  TYR A HE2  1 
ATOM 517  H HH   . TYR A 1 34  ? -7.572  -1.476  10.899  1.00 0.00 ? 34  TYR A HH   1 
ATOM 518  N N    . ASP A 1 35  ? -8.927  0.471   2.016   1.00 0.00 ? 35  ASP A N    1 
ATOM 519  C CA   . ASP A 1 35  ? -9.917  0.823   0.996   1.00 0.00 ? 35  ASP A CA   1 
ATOM 520  C C    . ASP A 1 35  ? -9.211  1.416   -0.216  1.00 0.00 ? 35  ASP A C    1 
ATOM 521  O O    . ASP A 1 35  ? -8.197  2.087   -0.041  1.00 0.00 ? 35  ASP A O    1 
ATOM 522  C CB   . ASP A 1 35  ? -10.843 1.906   1.561   1.00 0.00 ? 35  ASP A CB   1 
ATOM 523  C CG   . ASP A 1 35  ? -12.289 1.821   1.086   1.00 0.00 ? 35  ASP A CG   1 
ATOM 524  O OD1  . ASP A 1 35  ? -12.723 0.767   0.565   1.00 0.00 ? 35  ASP A OD1  1 
ATOM 525  O OD2  . ASP A 1 35  ? -13.017 2.813   1.305   1.00 0.00 ? 35  ASP A OD2  1 
ATOM 526  H H    . ASP A 1 35  ? -8.185  1.144   2.157   1.00 0.00 ? 35  ASP A H    1 
ATOM 527  H HA   . ASP A 1 35  ? -10.483 -0.066  0.709   1.00 0.00 ? 35  ASP A HA   1 
ATOM 528  H HB2  . ASP A 1 35  ? -10.839 1.824   2.647   1.00 0.00 ? 35  ASP A HB2  1 
ATOM 529  H HB3  . ASP A 1 35  ? -10.427 2.881   1.277   1.00 0.00 ? 35  ASP A HB3  1 
ATOM 530  N N    . ILE A 1 36  ? -9.725  1.210   -1.427  1.00 0.00 ? 36  ILE A N    1 
ATOM 531  C CA   . ILE A 1 36  ? -9.107  1.656   -2.679  1.00 0.00 ? 36  ILE A CA   1 
ATOM 532  C C    . ILE A 1 36  ? -10.240 2.072   -3.629  1.00 0.00 ? 36  ILE A C    1 
ATOM 533  O O    . ILE A 1 36  ? -10.931 1.202   -4.170  1.00 0.00 ? 36  ILE A O    1 
ATOM 534  C CB   . ILE A 1 36  ? -8.223  0.536   -3.289  1.00 0.00 ? 36  ILE A CB   1 
ATOM 535  C CG1  . ILE A 1 36  ? -7.078  0.023   -2.385  1.00 0.00 ? 36  ILE A CG1  1 
ATOM 536  C CG2  . ILE A 1 36  ? -7.588  1.038   -4.594  1.00 0.00 ? 36  ILE A CG2  1 
ATOM 537  C CD1  . ILE A 1 36  ? -6.615  -1.381  -2.763  1.00 0.00 ? 36  ILE A CD1  1 
ATOM 538  H H    . ILE A 1 36  ? -10.617 0.736   -1.474  1.00 0.00 ? 36  ILE A H    1 
ATOM 539  H HA   . ILE A 1 36  ? -8.485  2.536   -2.496  1.00 0.00 ? 36  ILE A HA   1 
ATOM 540  H HB   . ILE A 1 36  ? -8.871  -0.308  -3.526  1.00 0.00 ? 36  ILE A HB   1 
ATOM 541  H HG12 . ILE A 1 36  ? -6.237  0.710   -2.474  1.00 0.00 ? 36  ILE A HG12 1 
ATOM 542  H HG13 . ILE A 1 36  ? -7.392  -0.031  -1.347  1.00 0.00 ? 36  ILE A HG13 1 
ATOM 543  H HG21 . ILE A 1 36  ? -6.979  1.917   -4.405  1.00 0.00 ? 36  ILE A HG21 1 
ATOM 544  H HG22 . ILE A 1 36  ? -6.958  0.272   -5.041  1.00 0.00 ? 36  ILE A HG22 1 
ATOM 545  H HG23 . ILE A 1 36  ? -8.365  1.315   -5.301  1.00 0.00 ? 36  ILE A HG23 1 
ATOM 546  H HD11 . ILE A 1 36  ? -6.344  -1.433  -3.815  1.00 0.00 ? 36  ILE A HD11 1 
ATOM 547  H HD12 . ILE A 1 36  ? -5.746  -1.637  -2.166  1.00 0.00 ? 36  ILE A HD12 1 
ATOM 548  H HD13 . ILE A 1 36  ? -7.409  -2.093  -2.549  1.00 0.00 ? 36  ILE A HD13 1 
ATOM 549  N N    . GLN A 1 37  ? -10.414 3.382   -3.837  1.00 0.00 ? 37  GLN A N    1 
ATOM 550  C CA   . GLN A 1 37  ? -11.334 4.036   -4.740  1.00 0.00 ? 37  GLN A CA   1 
ATOM 551  C C    . GLN A 1 37  ? -10.511 4.708   -5.819  1.00 0.00 ? 37  GLN A C    1 
ATOM 552  O O    . GLN A 1 37  ? -9.478  5.306   -5.524  1.00 0.00 ? 37  GLN A O    1 
ATOM 553  C CB   . GLN A 1 37  ? -12.067 5.141   -3.973  1.00 0.00 ? 37  GLN A CB   1 
ATOM 554  C CG   . GLN A 1 37  ? -13.225 4.569   -3.177  1.00 0.00 ? 37  GLN A CG   1 
ATOM 555  C CD   . GLN A 1 37  ? -12.797 3.904   -1.876  1.00 0.00 ? 37  GLN A CD   1 
ATOM 556  O OE1  . GLN A 1 37  ? -12.463 2.726   -1.860  1.00 0.00 ? 37  GLN A OE1  1 
ATOM 557  N NE2  . GLN A 1 37  ? -12.804 4.615   -0.762  1.00 0.00 ? 37  GLN A NE2  1 
ATOM 558  H H    . GLN A 1 37  ? -9.851  4.083   -3.384  1.00 0.00 ? 37  GLN A H    1 
ATOM 559  H HA   . GLN A 1 37  ? -12.033 3.322   -5.182  1.00 0.00 ? 37  GLN A HA   1 
ATOM 560  H HB2  . GLN A 1 37  ? -11.371 5.636   -3.296  1.00 0.00 ? 37  GLN A HB2  1 
ATOM 561  H HB3  . GLN A 1 37  ? -12.478 5.854   -4.691  1.00 0.00 ? 37  GLN A HB3  1 
ATOM 562  H HG2  . GLN A 1 37  ? -13.912 5.380   -2.933  1.00 0.00 ? 37  GLN A HG2  1 
ATOM 563  H HG3  . GLN A 1 37  ? -13.742 3.862   -3.830  1.00 0.00 ? 37  GLN A HG3  1 
ATOM 564  H HE21 . GLN A 1 37  ? -13.265 5.516   -0.718  1.00 0.00 ? 37  GLN A HE21 1 
ATOM 565  H HE22 . GLN A 1 37  ? -12.788 4.036   0.084   1.00 0.00 ? 37  GLN A HE22 1 
ATOM 566  N N    . ILE A 1 38  ? -10.957 4.632   -7.063  1.00 0.00 ? 38  ILE A N    1 
ATOM 567  C CA   . ILE A 1 38  ? -10.226 5.181   -8.182  1.00 0.00 ? 38  ILE A CA   1 
ATOM 568  C C    . ILE A 1 38  ? -11.235 5.901   -9.056  1.00 0.00 ? 38  ILE A C    1 
ATOM 569  O O    . ILE A 1 38  ? -11.975 5.267   -9.815  1.00 0.00 ? 38  ILE A O    1 
ATOM 570  C CB   . ILE A 1 38  ? -9.461  4.088   -8.930  1.00 0.00 ? 38  ILE A CB   1 
ATOM 571  C CG1  . ILE A 1 38  ? -8.872  2.998   -8.012  1.00 0.00 ? 38  ILE A CG1  1 
ATOM 572  C CG2  . ILE A 1 38  ? -8.426  4.733   -9.866  1.00 0.00 ? 38  ILE A CG2  1 
ATOM 573  C CD1  . ILE A 1 38  ? -7.635  3.224   -7.161  1.00 0.00 ? 38  ILE A CD1  1 
ATOM 574  H H    . ILE A 1 38  ? -11.785 4.095   -7.285  1.00 0.00 ? 38  ILE A H    1 
ATOM 575  H HA   . ILE A 1 38  ? -9.501  5.899   -7.807  1.00 0.00 ? 38  ILE A HA   1 
ATOM 576  H HB   . ILE A 1 38  ? -10.172 3.556   -9.565  1.00 0.00 ? 38  ILE A HB   1 
ATOM 577  H HG12 . ILE A 1 38  ? -9.670  2.649   -7.357  1.00 0.00 ? 38  ILE A HG12 1 
ATOM 578  H HG13 . ILE A 1 38  ? -8.523  2.274   -8.698  1.00 0.00 ? 38  ILE A HG13 1 
ATOM 579  H HG21 . ILE A 1 38  ? -7.828  5.468   -9.334  1.00 0.00 ? 38  ILE A HG21 1 
ATOM 580  H HG22 . ILE A 1 38  ? -7.774  3.971   -10.288 1.00 0.00 ? 38  ILE A HG22 1 
ATOM 581  H HG23 . ILE A 1 38  ? -8.942  5.239   -10.685 1.00 0.00 ? 38  ILE A HG23 1 
ATOM 582  H HD11 . ILE A 1 38  ? -6.938  3.865   -7.679  1.00 0.00 ? 38  ILE A HD11 1 
ATOM 583  H HD12 . ILE A 1 38  ? -7.884  3.626   -6.187  1.00 0.00 ? 38  ILE A HD12 1 
ATOM 584  H HD13 . ILE A 1 38  ? -7.180  2.239   -7.027  1.00 0.00 ? 38  ILE A HD13 1 
ATOM 585  N N    . ASP A 1 39  ? -11.279 7.223   -8.917  1.00 0.00 ? 39  ASP A N    1 
ATOM 586  C CA   . ASP A 1 39  ? -12.197 8.066   -9.675  1.00 0.00 ? 39  ASP A CA   1 
ATOM 587  C C    . ASP A 1 39  ? -11.965 7.865   -11.171 1.00 0.00 ? 39  ASP A C    1 
ATOM 588  O O    . ASP A 1 39  ? -10.945 7.324   -11.608 1.00 0.00 ? 39  ASP A O    1 
ATOM 589  C CB   . ASP A 1 39  ? -11.974 9.535   -9.300  1.00 0.00 ? 39  ASP A CB   1 
ATOM 590  C CG   . ASP A 1 39  ? -13.145 10.480  -9.576  1.00 0.00 ? 39  ASP A CG   1 
ATOM 591  O OD1  . ASP A 1 39  ? -14.139 10.113  -10.239 1.00 0.00 ? 39  ASP A OD1  1 
ATOM 592  O OD2  . ASP A 1 39  ? -13.043 11.632  -9.102  1.00 0.00 ? 39  ASP A OD2  1 
ATOM 593  H H    . ASP A 1 39  ? -10.607 7.664   -8.302  1.00 0.00 ? 39  ASP A H    1 
ATOM 594  H HA   . ASP A 1 39  ? -13.220 7.778   -9.425  1.00 0.00 ? 39  ASP A HA   1 
ATOM 595  H HB2  . ASP A 1 39  ? -11.752 9.579   -8.233  1.00 0.00 ? 39  ASP A HB2  1 
ATOM 596  H HB3  . ASP A 1 39  ? -11.113 9.899   -9.860  1.00 0.00 ? 39  ASP A HB3  1 
ATOM 597  N N    . ASP A 1 40  ? -12.892 8.339   -11.982 1.00 0.00 ? 40  ASP A N    1 
ATOM 598  C CA   . ASP A 1 40  ? -12.853 8.204   -13.436 1.00 0.00 ? 40  ASP A CA   1 
ATOM 599  C C    . ASP A 1 40  ? -11.946 9.262   -14.056 1.00 0.00 ? 40  ASP A C    1 
ATOM 600  O O    . ASP A 1 40  ? -11.518 9.142   -15.198 1.00 0.00 ? 40  ASP A O    1 
ATOM 601  C CB   . ASP A 1 40  ? -14.274 8.221   -13.990 1.00 0.00 ? 40  ASP A CB   1 
ATOM 602  C CG   . ASP A 1 40  ? -15.012 6.898   -13.751 1.00 0.00 ? 40  ASP A CG   1 
ATOM 603  O OD1  . ASP A 1 40  ? -14.474 5.983   -13.080 1.00 0.00 ? 40  ASP A OD1  1 
ATOM 604  O OD2  . ASP A 1 40  ? -16.149 6.772   -14.264 1.00 0.00 ? 40  ASP A OD2  1 
ATOM 605  H H    . ASP A 1 40  ? -13.653 8.868   -11.559 1.00 0.00 ? 40  ASP A H    1 
ATOM 606  H HA   . ASP A 1 40  ? -12.419 7.245   -13.701 1.00 0.00 ? 40  ASP A HA   1 
ATOM 607  H HB2  . ASP A 1 40  ? -14.832 9.028   -13.513 1.00 0.00 ? 40  ASP A HB2  1 
ATOM 608  H HB3  . ASP A 1 40  ? -14.225 8.396   -15.065 1.00 0.00 ? 40  ASP A HB3  1 
ATOM 609  N N    . GLN A 1 41  ? -11.530 10.240  -13.253 1.00 0.00 ? 41  GLN A N    1 
ATOM 610  C CA   . GLN A 1 41  ? -10.382 11.091  -13.517 1.00 0.00 ? 41  GLN A CA   1 
ATOM 611  C C    . GLN A 1 41  ? -9.084  10.445  -12.997 1.00 0.00 ? 41  GLN A C    1 
ATOM 612  O O    . GLN A 1 41  ? -8.103  11.144  -12.777 1.00 0.00 ? 41  GLN A O    1 
ATOM 613  C CB   . GLN A 1 41  ? -10.662 12.498  -12.954 1.00 0.00 ? 41  GLN A CB   1 
ATOM 614  C CG   . GLN A 1 41  ? -11.958 13.198  -13.401 1.00 0.00 ? 41  GLN A CG   1 
ATOM 615  C CD   . GLN A 1 41  ? -12.053 13.497  -14.893 1.00 0.00 ? 41  GLN A CD   1 
ATOM 616  O OE1  . GLN A 1 41  ? -12.219 14.633  -15.320 1.00 0.00 ? 41  GLN A OE1  1 
ATOM 617  N NE2  . GLN A 1 41  ? -11.956 12.491  -15.729 1.00 0.00 ? 41  GLN A NE2  1 
ATOM 618  H H    . GLN A 1 41  ? -11.931 10.254  -12.326 1.00 0.00 ? 41  GLN A H    1 
ATOM 619  H HA   . GLN A 1 41  ? -10.231 11.174  -14.589 1.00 0.00 ? 41  GLN A HA   1 
ATOM 620  H HB2  . GLN A 1 41  ? -10.709 12.403  -11.869 1.00 0.00 ? 41  GLN A HB2  1 
ATOM 621  H HB3  . GLN A 1 41  ? -9.823  13.147  -13.203 1.00 0.00 ? 41  GLN A HB3  1 
ATOM 622  H HG2  . GLN A 1 41  ? -12.799 12.560  -13.130 1.00 0.00 ? 41  GLN A HG2  1 
ATOM 623  H HG3  . GLN A 1 41  ? -12.038 14.142  -12.863 1.00 0.00 ? 41  GLN A HG3  1 
ATOM 624  H HE21 . GLN A 1 41  ? -11.855 11.572  -15.335 1.00 0.00 ? 41  GLN A HE21 1 
ATOM 625  H HE22 . GLN A 1 41  ? -12.073 12.611  -16.725 1.00 0.00 ? 41  GLN A HE22 1 
ATOM 626  N N    . ASN A 1 42  ? -9.058  9.124   -12.773 1.00 0.00 ? 42  ASN A N    1 
ATOM 627  C CA   . ASN A 1 42  ? -7.927  8.278   -12.373 1.00 0.00 ? 42  ASN A CA   1 
ATOM 628  C C    . ASN A 1 42  ? -7.215  8.832   -11.142 1.00 0.00 ? 42  ASN A C    1 
ATOM 629  O O    . ASN A 1 42  ? -6.002  8.681   -10.974 1.00 0.00 ? 42  ASN A O    1 
ATOM 630  C CB   . ASN A 1 42  ? -6.958  8.005   -13.530 1.00 0.00 ? 42  ASN A CB   1 
ATOM 631  C CG   . ASN A 1 42  ? -7.579  7.235   -14.662 1.00 0.00 ? 42  ASN A CG   1 
ATOM 632  O OD1  . ASN A 1 42  ? -8.452  6.399   -14.455 1.00 0.00 ? 42  ASN A OD1  1 
ATOM 633  N ND2  . ASN A 1 42  ? -7.049  7.391   -15.851 1.00 0.00 ? 42  ASN A ND2  1 
ATOM 634  H H    . ASN A 1 42  ? -9.930  8.622   -12.819 1.00 0.00 ? 42  ASN A H    1 
ATOM 635  H HA   . ASN A 1 42  ? -8.356  7.311   -12.089 1.00 0.00 ? 42  ASN A HA   1 
ATOM 636  H HB2  . ASN A 1 42  ? -6.578  8.958   -13.898 1.00 0.00 ? 42  ASN A HB2  1 
ATOM 637  H HB3  . ASN A 1 42  ? -6.149  7.360   -13.219 1.00 0.00 ? 42  ASN A HB3  1 
ATOM 638  H HD21 . ASN A 1 42  ? -6.288  8.035   -16.039 1.00 0.00 ? 42  ASN A HD21 1 
ATOM 639  H HD22 . ASN A 1 42  ? -7.520  6.953   -16.617 1.00 0.00 ? 42  ASN A HD22 1 
ATOM 640  N N    . ASN A 1 43  ? -7.996  9.459   -10.261 1.00 0.00 ? 43  ASN A N    1 
ATOM 641  C CA   . ASN A 1 43  ? -7.558  9.879   -8.939  1.00 0.00 ? 43  ASN A CA   1 
ATOM 642  C C    . ASN A 1 43  ? -7.456  8.593   -8.126  1.00 0.00 ? 43  ASN A C    1 
ATOM 643  O O    . ASN A 1 43  ? -8.481  8.067   -7.689  1.00 0.00 ? 43  ASN A O    1 
ATOM 644  C CB   . ASN A 1 43  ? -8.576  10.820  -8.268  1.00 0.00 ? 43  ASN A CB   1 
ATOM 645  C CG   . ASN A 1 43  ? -8.859  12.180  -8.916  1.00 0.00 ? 43  ASN A CG   1 
ATOM 646  O OD1  . ASN A 1 43  ? -9.117  13.139  -8.195  1.00 0.00 ? 43  ASN A OD1  1 
ATOM 647  N ND2  . ASN A 1 43  ? -8.896  12.300  -10.235 1.00 0.00 ? 43  ASN A ND2  1 
ATOM 648  H H    . ASN A 1 43  ? -8.988  9.485   -10.464 1.00 0.00 ? 43  ASN A H    1 
ATOM 649  H HA   . ASN A 1 43  ? -6.578  10.369  -8.998  1.00 0.00 ? 43  ASN A HA   1 
ATOM 650  H HB2  . ASN A 1 43  ? -9.526  10.286  -8.209  1.00 0.00 ? 43  ASN A HB2  1 
ATOM 651  H HB3  . ASN A 1 43  ? -8.200  11.001  -7.260  1.00 0.00 ? 43  ASN A HB3  1 
ATOM 652  H HD21 . ASN A 1 43  ? -8.461  11.605  -10.825 1.00 0.00 ? 43  ASN A HD21 1 
ATOM 653  H HD22 . ASN A 1 43  ? -9.201  13.164  -10.690 1.00 0.00 ? 43  ASN A HD22 1 
ATOM 654  N N    . VAL A 1 44  ? -6.268  8.006   -8.051  1.00 0.00 ? 44  VAL A N    1 
ATOM 655  C CA   . VAL A 1 44  ? -6.022  6.779   -7.313  1.00 0.00 ? 44  VAL A CA   1 
ATOM 656  C C    . VAL A 1 44  ? -6.023  7.125   -5.822  1.00 0.00 ? 44  VAL A C    1 
ATOM 657  O O    . VAL A 1 44  ? -5.175  7.912   -5.397  1.00 0.00 ? 44  VAL A O    1 
ATOM 658  C CB   . VAL A 1 44  ? -4.696  6.196   -7.834  1.00 0.00 ? 44  VAL A CB   1 
ATOM 659  C CG1  . VAL A 1 44  ? -4.088  5.164   -6.876  1.00 0.00 ? 44  VAL A CG1  1 
ATOM 660  C CG2  . VAL A 1 44  ? -4.912  5.565   -9.219  1.00 0.00 ? 44  VAL A CG2  1 
ATOM 661  H H    . VAL A 1 44  ? -5.455  8.452   -8.473  1.00 0.00 ? 44  VAL A H    1 
ATOM 662  H HA   . VAL A 1 44  ? -6.835  6.077   -7.494  1.00 0.00 ? 44  VAL A HA   1 
ATOM 663  H HB   . VAL A 1 44  ? -3.985  7.014   -7.980  1.00 0.00 ? 44  VAL A HB   1 
ATOM 664  H HG11 . VAL A 1 44  ? -4.845  4.449   -6.558  1.00 0.00 ? 44  VAL A HG11 1 
ATOM 665  H HG12 . VAL A 1 44  ? -3.277  4.634   -7.368  1.00 0.00 ? 44  VAL A HG12 1 
ATOM 666  H HG13 . VAL A 1 44  ? -3.688  5.664   -5.996  1.00 0.00 ? 44  VAL A HG13 1 
ATOM 667  H HG21 . VAL A 1 44  ? -5.331  6.302   -9.904  1.00 0.00 ? 44  VAL A HG21 1 
ATOM 668  H HG22 . VAL A 1 44  ? -3.962  5.215   -9.620  1.00 0.00 ? 44  VAL A HG22 1 
ATOM 669  H HG23 . VAL A 1 44  ? -5.586  4.719   -9.156  1.00 0.00 ? 44  VAL A HG23 1 
ATOM 670  N N    . LYS A 1 45  ? -6.970  6.582   -5.036  1.00 0.00 ? 45  LYS A N    1 
ATOM 671  C CA   . LYS A 1 45  ? -7.231  7.089   -3.696  1.00 0.00 ? 45  LYS A CA   1 
ATOM 672  C C    . LYS A 1 45  ? -7.408  5.946   -2.718  1.00 0.00 ? 45  LYS A C    1 
ATOM 673  O O    . LYS A 1 45  ? -8.369  5.176   -2.788  1.00 0.00 ? 45  LYS A O    1 
ATOM 674  C CB   . LYS A 1 45  ? -8.440  8.009   -3.787  1.00 0.00 ? 45  LYS A CB   1 
ATOM 675  C CG   . LYS A 1 45  ? -9.020  8.385   -2.427  1.00 0.00 ? 45  LYS A CG   1 
ATOM 676  C CD   . LYS A 1 45  ? -9.654  9.769   -2.530  1.00 0.00 ? 45  LYS A CD   1 
ATOM 677  C CE   . LYS A 1 45  ? -10.568 9.828   -1.330  1.00 0.00 ? 45  LYS A CE   1 
ATOM 678  N NZ   . LYS A 1 45  ? -11.321 11.094  -1.248  1.00 0.00 ? 45  LYS A NZ   1 
ATOM 679  H H    . LYS A 1 45  ? -7.718  5.958   -5.369  1.00 0.00 ? 45  LYS A H    1 
ATOM 680  H HA   . LYS A 1 45  ? -6.374  7.672   -3.353  1.00 0.00 ? 45  LYS A HA   1 
ATOM 681  H HB2  . LYS A 1 45  ? -8.138  8.923   -4.300  1.00 0.00 ? 45  LYS A HB2  1 
ATOM 682  H HB3  . LYS A 1 45  ? -9.230  7.522   -4.355  1.00 0.00 ? 45  LYS A HB3  1 
ATOM 683  H HG2  . LYS A 1 45  ? -9.798  7.663   -2.176  1.00 0.00 ? 45  LYS A HG2  1 
ATOM 684  H HG3  . LYS A 1 45  ? -8.289  8.351   -1.606  1.00 0.00 ? 45  LYS A HG3  1 
ATOM 685  H HD2  . LYS A 1 45  ? -8.897  10.553  -2.489  1.00 0.00 ? 45  LYS A HD2  1 
ATOM 686  H HD3  . LYS A 1 45  ? -10.241 9.862   -3.447  1.00 0.00 ? 45  LYS A HD3  1 
ATOM 687  H HE2  . LYS A 1 45  ? -11.283 9.006   -1.391  1.00 0.00 ? 45  LYS A HE2  1 
ATOM 688  H HE3  . LYS A 1 45  ? -9.947  9.693   -0.446  1.00 0.00 ? 45  LYS A HE3  1 
ATOM 689  N N    . VAL A 1 46  ? -6.449  5.824   -1.813  1.00 0.00 ? 46  VAL A N    1 
ATOM 690  C CA   . VAL A 1 46  ? -6.263  4.635   -1.009  1.00 0.00 ? 46  VAL A CA   1 
ATOM 691  C C    . VAL A 1 46  ? -6.241  5.032   0.452   1.00 0.00 ? 46  VAL A C    1 
ATOM 692  O O    . VAL A 1 46  ? -5.427  5.866   0.837   1.00 0.00 ? 46  VAL A O    1 
ATOM 693  C CB   . VAL A 1 46  ? -4.961  3.916   -1.414  1.00 0.00 ? 46  VAL A CB   1 
ATOM 694  C CG1  . VAL A 1 46  ? -4.907  2.563   -0.697  1.00 0.00 ? 46  VAL A CG1  1 
ATOM 695  C CG2  . VAL A 1 46  ? -4.841  3.715   -2.933  1.00 0.00 ? 46  VAL A CG2  1 
ATOM 696  H H    . VAL A 1 46  ? -5.777  6.575   -1.717  1.00 0.00 ? 46  VAL A H    1 
ATOM 697  H HA   . VAL A 1 46  ? -7.099  3.958   -1.170  1.00 0.00 ? 46  VAL A HA   1 
ATOM 698  H HB   . VAL A 1 46  ? -4.100  4.511   -1.098  1.00 0.00 ? 46  VAL A HB   1 
ATOM 699  H HG11 . VAL A 1 46  ? -5.869  2.057   -0.766  1.00 0.00 ? 46  VAL A HG11 1 
ATOM 700  H HG12 . VAL A 1 46  ? -4.121  1.946   -1.127  1.00 0.00 ? 46  VAL A HG12 1 
ATOM 701  H HG13 . VAL A 1 46  ? -4.701  2.716   0.359   1.00 0.00 ? 46  VAL A HG13 1 
ATOM 702  H HG21 . VAL A 1 46  ? -5.749  3.251   -3.308  1.00 0.00 ? 46  VAL A HG21 1 
ATOM 703  H HG22 . VAL A 1 46  ? -4.699  4.674   -3.431  1.00 0.00 ? 46  VAL A HG22 1 
ATOM 704  H HG23 . VAL A 1 46  ? -3.981  3.085   -3.160  1.00 0.00 ? 46  VAL A HG23 1 
ATOM 705  N N    . LEU A 1 47  ? -7.074  4.386   1.264   1.00 0.00 ? 47  LEU A N    1 
ATOM 706  C CA   . LEU A 1 47  ? -6.899  4.323   2.704   1.00 0.00 ? 47  LEU A CA   1 
ATOM 707  C C    . LEU A 1 47  ? -5.849  3.267   2.936   1.00 0.00 ? 47  LEU A C    1 
ATOM 708  O O    . LEU A 1 47  ? -6.121  2.074   2.812   1.00 0.00 ? 47  LEU A O    1 
ATOM 709  C CB   . LEU A 1 47  ? -8.217  4.016   3.423   1.00 0.00 ? 47  LEU A CB   1 
ATOM 710  C CG   . LEU A 1 47  ? -8.880  5.296   3.944   1.00 0.00 ? 47  LEU A CG   1 
ATOM 711  C CD1  . LEU A 1 47  ? -9.253  6.296   2.841   1.00 0.00 ? 47  LEU A CD1  1 
ATOM 712  C CD2  . LEU A 1 47  ? -10.134 4.941   4.749   1.00 0.00 ? 47  LEU A CD2  1 
ATOM 713  H H    . LEU A 1 47  ? -7.660  3.663   0.854   1.00 0.00 ? 47  LEU A H    1 
ATOM 714  H HA   . LEU A 1 47  ? -6.504  5.238   3.123   1.00 0.00 ? 47  LEU A HA   1 
ATOM 715  H HB2  . LEU A 1 47  ? -8.894  3.501   2.740   1.00 0.00 ? 47  LEU A HB2  1 
ATOM 716  H HB3  . LEU A 1 47  ? -7.995  3.401   4.291   1.00 0.00 ? 47  LEU A HB3  1 
ATOM 717  H HG   . LEU A 1 47  ? -8.173  5.770   4.622   1.00 0.00 ? 47  LEU A HG   1 
ATOM 718  H HD11 . LEU A 1 47  ? -8.398  6.580   2.221   1.00 0.00 ? 47  LEU A HD11 1 
ATOM 719  H HD12 . LEU A 1 47  ? -10.019 5.871   2.191   1.00 0.00 ? 47  LEU A HD12 1 
ATOM 720  H HD13 . LEU A 1 47  ? -9.632  7.192   3.325   1.00 0.00 ? 47  LEU A HD13 1 
ATOM 721  H HD21 . LEU A 1 47  ? -9.873  4.271   5.570   1.00 0.00 ? 47  LEU A HD21 1 
ATOM 722  H HD22 . LEU A 1 47  ? -10.555 5.853   5.173   1.00 0.00 ? 47  LEU A HD22 1 
ATOM 723  H HD23 . LEU A 1 47  ? -10.875 4.458   4.113   1.00 0.00 ? 47  LEU A HD23 1 
ATOM 724  N N    . MET A 1 48  ? -4.636  3.715   3.235   1.00 0.00 ? 48  MET A N    1 
ATOM 725  C CA   . MET A 1 48  ? -3.597  2.877   3.785   1.00 0.00 ? 48  MET A CA   1 
ATOM 726  C C    . MET A 1 48  ? -3.233  3.441   5.154   1.00 0.00 ? 48  MET A C    1 
ATOM 727  O O    . MET A 1 48  ? -3.781  4.445   5.635   1.00 0.00 ? 48  MET A O    1 
ATOM 728  C CB   . MET A 1 48  ? -2.403  2.790   2.816   1.00 0.00 ? 48  MET A CB   1 
ATOM 729  C CG   . MET A 1 48  ? -1.706  1.427   2.916   1.00 0.00 ? 48  MET A CG   1 
ATOM 730  S SD   . MET A 1 48  ? -0.321  1.163   1.782   1.00 0.00 ? 48  MET A SD   1 
ATOM 731  C CE   . MET A 1 48  ? 1.036   1.641   2.887   1.00 0.00 ? 48  MET A CE   1 
ATOM 732  H H    . MET A 1 48  ? -4.445  4.716   3.280   1.00 0.00 ? 48  MET A H    1 
ATOM 733  H HA   . MET A 1 48  ? -3.999  1.875   3.937   1.00 0.00 ? 48  MET A HA   1 
ATOM 734  H HB2  . MET A 1 48  ? -2.772  2.917   1.797   1.00 0.00 ? 48  MET A HB2  1 
ATOM 735  H HB3  . MET A 1 48  ? -1.693  3.595   3.019   1.00 0.00 ? 48  MET A HB3  1 
ATOM 736  H HG2  . MET A 1 48  ? -1.340  1.307   3.936   1.00 0.00 ? 48  MET A HG2  1 
ATOM 737  H HG3  . MET A 1 48  ? -2.443  0.662   2.705   1.00 0.00 ? 48  MET A HG3  1 
ATOM 738  H HE1  . MET A 1 48  ? 0.895   2.663   3.236   1.00 0.00 ? 48  MET A HE1  1 
ATOM 739  H HE2  . MET A 1 48  ? 1.054   0.971   3.748   1.00 0.00 ? 48  MET A HE2  1 
ATOM 740  H HE3  . MET A 1 48  ? 1.986   1.567   2.359   1.00 0.00 ? 48  MET A HE3  1 
ATOM 741  N N    . THR A 1 49  ? -2.328  2.738   5.805   1.00 0.00 ? 49  THR A N    1 
ATOM 742  C CA   . THR A 1 49  ? -1.669  3.144   7.027   1.00 0.00 ? 49  THR A CA   1 
ATOM 743  C C    . THR A 1 49  ? -0.357  2.346   7.107   1.00 0.00 ? 49  THR A C    1 
ATOM 744  O O    . THR A 1 49  ? 0.069   1.770   6.102   1.00 0.00 ? 49  THR A O    1 
ATOM 745  C CB   . THR A 1 49  ? -2.662  2.995   8.191   1.00 0.00 ? 49  THR A CB   1 
ATOM 746  O OG1  . THR A 1 49  ? -2.112  3.523   9.377   1.00 0.00 ? 49  THR A OG1  1 
ATOM 747  C CG2  . THR A 1 49  ? -3.118  1.557   8.401   1.00 0.00 ? 49  THR A CG2  1 
ATOM 748  H H    . THR A 1 49  ? -1.987  1.883   5.379   1.00 0.00 ? 49  THR A H    1 
ATOM 749  H HA   . THR A 1 49  ? -1.421  4.197   6.949   1.00 0.00 ? 49  THR A HA   1 
ATOM 750  H HB   . THR A 1 49  ? -3.546  3.585   7.965   1.00 0.00 ? 49  THR A HB   1 
ATOM 751  H HG1  . THR A 1 49  ? -2.816  4.047   9.794   1.00 0.00 ? 49  THR A HG1  1 
ATOM 752  H HG21 . THR A 1 49  ? -2.240  0.956   8.625   1.00 0.00 ? 49  THR A HG21 1 
ATOM 753  H HG22 . THR A 1 49  ? -3.790  1.504   9.250   1.00 0.00 ? 49  THR A HG22 1 
ATOM 754  H HG23 . THR A 1 49  ? -3.631  1.149   7.513   1.00 0.00 ? 49  THR A HG23 1 
ATOM 755  N N    . MET A 1 50  ? 0.309   2.346   8.261   1.00 0.00 ? 50  MET A N    1 
ATOM 756  C CA   . MET A 1 50  ? 1.484   1.531   8.559   1.00 0.00 ? 50  MET A CA   1 
ATOM 757  C C    . MET A 1 50  ? 1.117   0.571   9.690   1.00 0.00 ? 50  MET A C    1 
ATOM 758  O O    . MET A 1 50  ? 0.131   0.803   10.400  1.00 0.00 ? 50  MET A O    1 
ATOM 759  C CB   . MET A 1 50  ? 2.646   2.454   8.976   1.00 0.00 ? 50  MET A CB   1 
ATOM 760  C CG   . MET A 1 50  ? 3.384   3.008   7.757   1.00 0.00 ? 50  MET A CG   1 
ATOM 761  S SD   . MET A 1 50  ? 4.397   1.766   6.934   1.00 0.00 ? 50  MET A SD   1 
ATOM 762  C CE   . MET A 1 50  ? 4.540   2.502   5.290   1.00 0.00 ? 50  MET A CE   1 
ATOM 763  H H    . MET A 1 50  ? -0.166  2.763   9.056   1.00 0.00 ? 50  MET A H    1 
ATOM 764  H HA   . MET A 1 50  ? 1.775   0.945   7.684   1.00 0.00 ? 50  MET A HA   1 
ATOM 765  H HB2  . MET A 1 50  ? 2.246   3.283   9.560   1.00 0.00 ? 50  MET A HB2  1 
ATOM 766  H HB3  . MET A 1 50  ? 3.363   1.898   9.583   1.00 0.00 ? 50  MET A HB3  1 
ATOM 767  H HG2  . MET A 1 50  ? 2.654   3.403   7.049   1.00 0.00 ? 50  MET A HG2  1 
ATOM 768  H HG3  . MET A 1 50  ? 4.062   3.803   8.065   1.00 0.00 ? 50  MET A HG3  1 
ATOM 769  H HE1  . MET A 1 50  ? 3.547   2.644   4.866   1.00 0.00 ? 50  MET A HE1  1 
ATOM 770  H HE2  . MET A 1 50  ? 5.068   3.451   5.336   1.00 0.00 ? 50  MET A HE2  1 
ATOM 771  H HE3  . MET A 1 50  ? 5.095   1.814   4.659   1.00 0.00 ? 50  MET A HE3  1 
ATOM 772  N N    . THR A 1 51  ? 1.931   -0.466  9.926   1.00 0.00 ? 51  THR A N    1 
ATOM 773  C CA   . THR A 1 51  ? 1.796   -1.275  11.139  1.00 0.00 ? 51  THR A CA   1 
ATOM 774  C C    . THR A 1 51  ? 1.825   -0.368  12.367  1.00 0.00 ? 51  THR A C    1 
ATOM 775  O O    . THR A 1 51  ? 0.992   -0.519  13.266  1.00 0.00 ? 51  THR A O    1 
ATOM 776  C CB   . THR A 1 51  ? 2.855   -2.402  11.206  1.00 0.00 ? 51  THR A CB   1 
ATOM 777  O OG1  . THR A 1 51  ? 2.787   -3.135  12.409  1.00 0.00 ? 51  THR A OG1  1 
ATOM 778  C CG2  . THR A 1 51  ? 4.309   -1.981  10.977  1.00 0.00 ? 51  THR A CG2  1 
ATOM 779  H H    . THR A 1 51  ? 2.673   -0.694  9.266   1.00 0.00 ? 51  THR A H    1 
ATOM 780  H HA   . THR A 1 51  ? 0.815   -1.750  11.109  1.00 0.00 ? 51  THR A HA   1 
ATOM 781  H HB   . THR A 1 51  ? 2.617   -3.109  10.439  1.00 0.00 ? 51  THR A HB   1 
ATOM 782  H HG1  . THR A 1 51  ? 3.401   -3.900  12.312  1.00 0.00 ? 51  THR A HG1  1 
ATOM 783  H HG21 . THR A 1 51  ? 4.413   -1.465  10.025  1.00 0.00 ? 51  THR A HG21 1 
ATOM 784  H HG22 . THR A 1 51  ? 4.666   -1.346  11.785  1.00 0.00 ? 51  THR A HG22 1 
ATOM 785  H HG23 . THR A 1 51  ? 4.926   -2.877  10.937  1.00 0.00 ? 51  THR A HG23 1 
ATOM 786  N N    . THR A 1 52  ? 2.782   0.566   12.415  1.00 0.00 ? 52  THR A N    1 
ATOM 787  C CA   . THR A 1 52  ? 3.080   1.343   13.605  1.00 0.00 ? 52  THR A CA   1 
ATOM 788  C C    . THR A 1 52  ? 3.676   2.694   13.190  1.00 0.00 ? 52  THR A C    1 
ATOM 789  O O    . THR A 1 52  ? 4.401   2.736   12.196  1.00 0.00 ? 52  THR A O    1 
ATOM 790  C CB   . THR A 1 52  ? 4.104   0.556   14.449  1.00 0.00 ? 52  THR A CB   1 
ATOM 791  O OG1  . THR A 1 52  ? 5.310   0.365   13.727  1.00 0.00 ? 52  THR A OG1  1 
ATOM 792  C CG2  . THR A 1 52  ? 3.627   -0.847  14.849  1.00 0.00 ? 52  THR A CG2  1 
ATOM 793  H H    . THR A 1 52  ? 3.409   0.688   11.634  1.00 0.00 ? 52  THR A H    1 
ATOM 794  H HA   . THR A 1 52  ? 2.164   1.499   14.177  1.00 0.00 ? 52  THR A HA   1 
ATOM 795  H HB   . THR A 1 52  ? 4.314   1.130   15.352  1.00 0.00 ? 52  THR A HB   1 
ATOM 796  H HG1  . THR A 1 52  ? 5.316   0.958   12.962  1.00 0.00 ? 52  THR A HG1  1 
ATOM 797  H HG21 . THR A 1 52  ? 2.646   -0.788  15.318  1.00 0.00 ? 52  THR A HG21 1 
ATOM 798  H HG22 . THR A 1 52  ? 3.579   -1.493  13.966  1.00 0.00 ? 52  THR A HG22 1 
ATOM 799  H HG23 . THR A 1 52  ? 4.316   -1.298  15.556  1.00 0.00 ? 52  THR A HG23 1 
ATOM 800  N N    . PRO A 1 53  ? 3.531   3.777   13.970  1.00 0.00 ? 53  PRO A N    1 
ATOM 801  C CA   . PRO A 1 53  ? 4.190   5.048   13.676  1.00 0.00 ? 53  PRO A CA   1 
ATOM 802  C C    . PRO A 1 53  ? 5.711   5.034   13.924  1.00 0.00 ? 53  PRO A C    1 
ATOM 803  O O    . PRO A 1 53  ? 6.378   6.011   13.571  1.00 0.00 ? 53  PRO A O    1 
ATOM 804  C CB   . PRO A 1 53  ? 3.464   6.085   14.535  1.00 0.00 ? 53  PRO A CB   1 
ATOM 805  C CG   . PRO A 1 53  ? 2.942   5.272   15.715  1.00 0.00 ? 53  PRO A CG   1 
ATOM 806  C CD   . PRO A 1 53  ? 2.667   3.889   15.130  1.00 0.00 ? 53  PRO A CD   1 
ATOM 807  H HA   . PRO A 1 53  ? 4.029   5.296   12.627  1.00 0.00 ? 53  PRO A HA   1 
ATOM 808  H HB2  . PRO A 1 53  ? 4.128   6.889   14.853  1.00 0.00 ? 53  PRO A HB2  1 
ATOM 809  H HB3  . PRO A 1 53  ? 2.620   6.488   13.975  1.00 0.00 ? 53  PRO A HB3  1 
ATOM 810  H HG2  . PRO A 1 53  ? 3.730   5.190   16.463  1.00 0.00 ? 53  PRO A HG2  1 
ATOM 811  H HG3  . PRO A 1 53  ? 2.044   5.715   16.139  1.00 0.00 ? 53  PRO A HG3  1 
ATOM 812  H HD2  . PRO A 1 53  ? 2.887   3.113   15.863  1.00 0.00 ? 53  PRO A HD2  1 
ATOM 813  H HD3  . PRO A 1 53  ? 1.623   3.824   14.817  1.00 0.00 ? 53  PRO A HD3  1 
ATOM 814  N N    . MET A 1 54  ? 6.280   3.956   14.486  1.00 0.00 ? 54  MET A N    1 
ATOM 815  C CA   . MET A 1 54  ? 7.725   3.828   14.730  1.00 0.00 ? 54  MET A CA   1 
ATOM 816  C C    . MET A 1 54  ? 8.523   3.421   13.484  1.00 0.00 ? 54  MET A C    1 
ATOM 817  O O    . MET A 1 54  ? 9.725   3.180   13.601  1.00 0.00 ? 54  MET A O    1 
ATOM 818  C CB   . MET A 1 54  ? 8.026   2.862   15.899  1.00 0.00 ? 54  MET A CB   1 
ATOM 819  C CG   . MET A 1 54  ? 7.600   1.411   15.635  1.00 0.00 ? 54  MET A CG   1 
ATOM 820  S SD   . MET A 1 54  ? 8.265   0.189   16.799  1.00 0.00 ? 54  MET A SD   1 
ATOM 821  C CE   . MET A 1 54  ? 7.312   -1.256  16.263  1.00 0.00 ? 54  MET A CE   1 
ATOM 822  H H    . MET A 1 54  ? 5.699   3.172   14.733  1.00 0.00 ? 54  MET A H    1 
ATOM 823  H HA   . MET A 1 54  ? 8.103   4.803   15.028  1.00 0.00 ? 54  MET A HA   1 
ATOM 824  H HB2  . MET A 1 54  ? 9.103   2.871   16.073  1.00 0.00 ? 54  MET A HB2  1 
ATOM 825  H HB3  . MET A 1 54  ? 7.526   3.215   16.800  1.00 0.00 ? 54  MET A HB3  1 
ATOM 826  H HG2  . MET A 1 54  ? 6.511   1.371   15.683  1.00 0.00 ? 54  MET A HG2  1 
ATOM 827  H HG3  . MET A 1 54  ? 7.911   1.117   14.631  1.00 0.00 ? 54  MET A HG3  1 
ATOM 828  H HE1  . MET A 1 54  ? 7.504   -1.461  15.208  1.00 0.00 ? 54  MET A HE1  1 
ATOM 829  H HE2  . MET A 1 54  ? 7.575   -2.124  16.865  1.00 0.00 ? 54  MET A HE2  1 
ATOM 830  H HE3  . MET A 1 54  ? 6.254   -1.050  16.403  1.00 0.00 ? 54  MET A HE3  1 
ATOM 831  N N    . CYS A 1 55  ? 7.885   3.268   12.316  1.00 0.00 ? 55  CYS A N    1 
ATOM 832  C CA   . CYS A 1 55  ? 8.568   2.745   11.145  1.00 0.00 ? 55  CYS A CA   1 
ATOM 833  C C    . CYS A 1 55  ? 9.809   3.582   10.792  1.00 0.00 ? 55  CYS A C    1 
ATOM 834  O O    . CYS A 1 55  ? 9.790   4.815   10.874  1.00 0.00 ? 55  CYS A O    1 
ATOM 835  C CB   . CYS A 1 55  ? 7.608   2.652   9.968   1.00 0.00 ? 55  CYS A CB   1 
ATOM 836  S SG   . CYS A 1 55  ? 6.437   1.286   10.234  1.00 0.00 ? 55  CYS A SG   1 
ATOM 837  H H    . CYS A 1 55  ? 6.899   3.456   12.230  1.00 0.00 ? 55  CYS A H    1 
ATOM 838  H HA   . CYS A 1 55  ? 8.897   1.741   11.412  1.00 0.00 ? 55  CYS A HA   1 
ATOM 839  H HB2  . CYS A 1 55  ? 7.057   3.587   9.875   1.00 0.00 ? 55  CYS A HB2  1 
ATOM 840  H HB3  . CYS A 1 55  ? 8.191   2.477   9.065   1.00 0.00 ? 55  CYS A HB3  1 
ATOM 841  H HG   . CYS A 1 55  ? 7.286   0.275   10.031  1.00 0.00 ? 55  CYS A HG   1 
ATOM 842  N N    . PRO A 1 56  ? 10.895  2.919   10.383  1.00 0.00 ? 56  PRO A N    1 
ATOM 843  C CA   . PRO A 1 56  ? 12.246  3.376   10.675  1.00 0.00 ? 56  PRO A CA   1 
ATOM 844  C C    . PRO A 1 56  ? 12.640  4.555   9.792   1.00 0.00 ? 56  PRO A C    1 
ATOM 845  O O    . PRO A 1 56  ? 13.026  5.630   10.261  1.00 0.00 ? 56  PRO A O    1 
ATOM 846  C CB   . PRO A 1 56  ? 13.133  2.153   10.422  1.00 0.00 ? 56  PRO A CB   1 
ATOM 847  C CG   . PRO A 1 56  ? 12.346  1.299   9.426   1.00 0.00 ? 56  PRO A CG   1 
ATOM 848  C CD   . PRO A 1 56  ? 10.895  1.604   9.767   1.00 0.00 ? 56  PRO A CD   1 
ATOM 849  H HA   . PRO A 1 56  ? 12.287  3.668   11.722  1.00 0.00 ? 56  PRO A HA   1 
ATOM 850  H HB2  . PRO A 1 56  ? 14.108  2.440   10.031  1.00 0.00 ? 56  PRO A HB2  1 
ATOM 851  H HB3  . PRO A 1 56  ? 13.242  1.591   11.341  1.00 0.00 ? 56  PRO A HB3  1 
ATOM 852  H HG2  . PRO A 1 56  ? 12.561  1.638   8.412   1.00 0.00 ? 56  PRO A HG2  1 
ATOM 853  H HG3  . PRO A 1 56  ? 12.568  0.241   9.553   1.00 0.00 ? 56  PRO A HG3  1 
ATOM 854  H HD2  . PRO A 1 56  ? 10.279  1.597   8.868   1.00 0.00 ? 56  PRO A HD2  1 
ATOM 855  H HD3  . PRO A 1 56  ? 10.531  0.854   10.470  1.00 0.00 ? 56  PRO A HD3  1 
ATOM 856  N N    . LEU A 1 57  ? 12.494  4.344   8.490   1.00 0.00 ? 57  LEU A N    1 
ATOM 857  C CA   . LEU A 1 57  ? 12.651  5.308   7.424   1.00 0.00 ? 57  LEU A CA   1 
ATOM 858  C C    . LEU A 1 57  ? 11.322  5.377   6.691   1.00 0.00 ? 57  LEU A C    1 
ATOM 859  O O    . LEU A 1 57  ? 11.234  5.183   5.480   1.00 0.00 ? 57  LEU A O    1 
ATOM 860  C CB   . LEU A 1 57  ? 13.909  5.024   6.574   1.00 0.00 ? 57  LEU A CB   1 
ATOM 861  C CG   . LEU A 1 57  ? 14.274  3.546   6.313   1.00 0.00 ? 57  LEU A CG   1 
ATOM 862  C CD1  . LEU A 1 57  ? 13.245  2.775   5.487   1.00 0.00 ? 57  LEU A CD1  1 
ATOM 863  C CD2  . LEU A 1 57  ? 15.627  3.482   5.609   1.00 0.00 ? 57  LEU A CD2  1 
ATOM 864  H H    . LEU A 1 57  ? 12.177  3.426   8.215   1.00 0.00 ? 57  LEU A H    1 
ATOM 865  H HA   . LEU A 1 57  ? 12.782  6.290   7.864   1.00 0.00 ? 57  LEU A HA   1 
ATOM 866  H HB2  . LEU A 1 57  ? 13.776  5.509   5.608   1.00 0.00 ? 57  LEU A HB2  1 
ATOM 867  H HB3  . LEU A 1 57  ? 14.748  5.467   7.111   1.00 0.00 ? 57  LEU A HB3  1 
ATOM 868  H HG   . LEU A 1 57  ? 14.379  3.035   7.269   1.00 0.00 ? 57  LEU A HG   1 
ATOM 869  H HD11 . LEU A 1 57  ? 13.083  3.267   4.529   1.00 0.00 ? 57  LEU A HD11 1 
ATOM 870  H HD12 . LEU A 1 57  ? 13.596  1.756   5.318   1.00 0.00 ? 57  LEU A HD12 1 
ATOM 871  H HD13 . LEU A 1 57  ? 12.312  2.723   6.039   1.00 0.00 ? 57  LEU A HD13 1 
ATOM 872  H HD21 . LEU A 1 57  ? 16.376  3.964   6.238   1.00 0.00 ? 57  LEU A HD21 1 
ATOM 873  H HD22 . LEU A 1 57  ? 15.913  2.440   5.485   1.00 0.00 ? 57  LEU A HD22 1 
ATOM 874  H HD23 . LEU A 1 57  ? 15.582  3.976   4.638   1.00 0.00 ? 57  LEU A HD23 1 
ATOM 875  N N    . ALA A 1 58  ? 10.278  5.660   7.478   1.00 0.00 ? 58  ALA A N    1 
ATOM 876  C CA   . ALA A 1 58  ? 8.903   5.792   7.034   1.00 0.00 ? 58  ALA A CA   1 
ATOM 877  C C    . ALA A 1 58  ? 8.826   6.631   5.763   1.00 0.00 ? 58  ALA A C    1 
ATOM 878  O O    . ALA A 1 58  ? 8.259   6.198   4.770   1.00 0.00 ? 58  ALA A O    1 
ATOM 879  C CB   . ALA A 1 58  ? 8.068   6.467   8.122   1.00 0.00 ? 58  ALA A CB   1 
ATOM 880  H H    . ALA A 1 58  ? 10.453  5.783   8.465   1.00 0.00 ? 58  ALA A H    1 
ATOM 881  H HA   . ALA A 1 58  ? 8.492   4.792   6.852   1.00 0.00 ? 58  ALA A HA   1 
ATOM 882  H HB1  . ALA A 1 58  ? 8.543   7.387   8.460   1.00 0.00 ? 58  ALA A HB1  1 
ATOM 883  H HB2  . ALA A 1 58  ? 7.097   6.712   7.685   1.00 0.00 ? 58  ALA A HB2  1 
ATOM 884  H HB3  . ALA A 1 58  ? 7.927   5.790   8.963   1.00 0.00 ? 58  ALA A HB3  1 
ATOM 885  N N    . GLY A 1 59  ? 9.432   7.819   5.779   1.00 0.00 ? 59  GLY A N    1 
ATOM 886  C CA   . GLY A 1 59  ? 9.377   8.756   4.670   1.00 0.00 ? 59  GLY A CA   1 
ATOM 887  C C    . GLY A 1 59  ? 9.958   8.188   3.381   1.00 0.00 ? 59  GLY A C    1 
ATOM 888  O O    . GLY A 1 59  ? 9.587   8.656   2.309   1.00 0.00 ? 59  GLY A O    1 
ATOM 889  H H    . GLY A 1 59  ? 9.943   8.081   6.608   1.00 0.00 ? 59  GLY A H    1 
ATOM 890  H HA2  . GLY A 1 59  ? 8.337   9.022   4.487   1.00 0.00 ? 59  GLY A HA2  1 
ATOM 891  H HA3  . GLY A 1 59  ? 9.930   9.655   4.933   1.00 0.00 ? 59  GLY A HA3  1 
ATOM 892  N N    . MET A 1 60  ? 10.854  7.203   3.454   1.00 0.00 ? 60  MET A N    1 
ATOM 893  C CA   . MET A 1 60  ? 11.386  6.530   2.281   1.00 0.00 ? 60  MET A CA   1 
ATOM 894  C C    . MET A 1 60  ? 10.446  5.410   1.841   1.00 0.00 ? 60  MET A C    1 
ATOM 895  O O    . MET A 1 60  ? 10.144  5.319   0.654   1.00 0.00 ? 60  MET A O    1 
ATOM 896  C CB   . MET A 1 60  ? 12.808  6.026   2.576   1.00 0.00 ? 60  MET A CB   1 
ATOM 897  C CG   . MET A 1 60  ? 13.791  6.545   1.527   1.00 0.00 ? 60  MET A CG   1 
ATOM 898  S SD   . MET A 1 60  ? 13.899  8.361   1.428   1.00 0.00 ? 60  MET A SD   1 
ATOM 899  C CE   . MET A 1 60  ? 13.666  8.586   -0.358  1.00 0.00 ? 60  MET A CE   1 
ATOM 900  H H    . MET A 1 60  ? 11.076  6.808   4.360   1.00 0.00 ? 60  MET A H    1 
ATOM 901  H HA   . MET A 1 60  ? 11.426  7.251   1.465   1.00 0.00 ? 60  MET A HA   1 
ATOM 902  H HB2  . MET A 1 60  ? 13.114  6.385   3.560   1.00 0.00 ? 60  MET A HB2  1 
ATOM 903  H HB3  . MET A 1 60  ? 12.827  4.936   2.579   1.00 0.00 ? 60  MET A HB3  1 
ATOM 904  H HG2  . MET A 1 60  ? 14.781  6.157   1.768   1.00 0.00 ? 60  MET A HG2  1 
ATOM 905  H HG3  . MET A 1 60  ? 13.499  6.148   0.555   1.00 0.00 ? 60  MET A HG3  1 
ATOM 906  H HE1  . MET A 1 60  ? 14.436  8.039   -0.903  1.00 0.00 ? 60  MET A HE1  1 
ATOM 907  H HE2  . MET A 1 60  ? 12.684  8.215   -0.652  1.00 0.00 ? 60  MET A HE2  1 
ATOM 908  H HE3  . MET A 1 60  ? 13.734  9.647   -0.604  1.00 0.00 ? 60  MET A HE3  1 
ATOM 909  N N    . ILE A 1 61  ? 9.931   4.609   2.781   1.00 0.00 ? 61  ILE A N    1 
ATOM 910  C CA   . ILE A 1 61  ? 8.974   3.540   2.496   1.00 0.00 ? 61  ILE A CA   1 
ATOM 911  C C    . ILE A 1 61  ? 7.741   4.141   1.799   1.00 0.00 ? 61  ILE A C    1 
ATOM 912  O O    . ILE A 1 61  ? 7.340   3.675   0.734   1.00 0.00 ? 61  ILE A O    1 
ATOM 913  C CB   . ILE A 1 61  ? 8.606   2.780   3.798   1.00 0.00 ? 61  ILE A CB   1 
ATOM 914  C CG1  . ILE A 1 61  ? 9.827   2.120   4.479   1.00 0.00 ? 61  ILE A CG1  1 
ATOM 915  C CG2  . ILE A 1 61  ? 7.581   1.684   3.483   1.00 0.00 ? 61  ILE A CG2  1 
ATOM 916  C CD1  . ILE A 1 61  ? 9.571   1.718   5.942   1.00 0.00 ? 61  ILE A CD1  1 
ATOM 917  H H    . ILE A 1 61  ? 10.176  4.784   3.749   1.00 0.00 ? 61  ILE A H    1 
ATOM 918  H HA   . ILE A 1 61  ? 9.442   2.840   1.802   1.00 0.00 ? 61  ILE A HA   1 
ATOM 919  H HB   . ILE A 1 61  ? 8.155   3.486   4.495   1.00 0.00 ? 61  ILE A HB   1 
ATOM 920  H HG12 . ILE A 1 61  ? 10.095  1.226   3.915   1.00 0.00 ? 61  ILE A HG12 1 
ATOM 921  H HG13 . ILE A 1 61  ? 10.658  2.819   4.474   1.00 0.00 ? 61  ILE A HG13 1 
ATOM 922  H HG21 . ILE A 1 61  ? 7.975   0.982   2.747   1.00 0.00 ? 61  ILE A HG21 1 
ATOM 923  H HG22 . ILE A 1 61  ? 7.300   1.135   4.383   1.00 0.00 ? 61  ILE A HG22 1 
ATOM 924  H HG23 . ILE A 1 61  ? 6.678   2.141   3.087   1.00 0.00 ? 61  ILE A HG23 1 
ATOM 925  H HD11 . ILE A 1 61  ? 9.292   2.593   6.530   1.00 0.00 ? 61  ILE A HD11 1 
ATOM 926  H HD12 . ILE A 1 61  ? 8.778   0.975   6.009   1.00 0.00 ? 61  ILE A HD12 1 
ATOM 927  H HD13 . ILE A 1 61  ? 10.475  1.285   6.366   1.00 0.00 ? 61  ILE A HD13 1 
ATOM 928  N N    . LEU A 1 62  ? 7.155   5.192   2.378   1.00 0.00 ? 62  LEU A N    1 
ATOM 929  C CA   . LEU A 1 62  ? 5.973   5.881   1.869   1.00 0.00 ? 62  LEU A CA   1 
ATOM 930  C C    . LEU A 1 62  ? 6.260   6.547   0.517   1.00 0.00 ? 62  LEU A C    1 
ATOM 931  O O    . LEU A 1 62  ? 5.359   6.676   -0.314  1.00 0.00 ? 62  LEU A O    1 
ATOM 932  C CB   . LEU A 1 62  ? 5.519   6.961   2.870   1.00 0.00 ? 62  LEU A CB   1 
ATOM 933  C CG   . LEU A 1 62  ? 5.097   6.472   4.268   1.00 0.00 ? 62  LEU A CG   1 
ATOM 934  C CD1  . LEU A 1 62  ? 4.929   7.667   5.209   1.00 0.00 ? 62  LEU A CD1  1 
ATOM 935  C CD2  . LEU A 1 62  ? 3.790   5.684   4.257   1.00 0.00 ? 62  LEU A CD2  1 
ATOM 936  H H    . LEU A 1 62  ? 7.545   5.520   3.255   1.00 0.00 ? 62  LEU A H    1 
ATOM 937  H HA   . LEU A 1 62  ? 5.176   5.151   1.732   1.00 0.00 ? 62  LEU A HA   1 
ATOM 938  H HB2  . LEU A 1 62  ? 6.353   7.651   3.003   1.00 0.00 ? 62  LEU A HB2  1 
ATOM 939  H HB3  . LEU A 1 62  ? 4.680   7.503   2.432   1.00 0.00 ? 62  LEU A HB3  1 
ATOM 940  H HG   . LEU A 1 62  ? 5.858   5.818   4.680   1.00 0.00 ? 62  LEU A HG   1 
ATOM 941  H HD11 . LEU A 1 62  ? 5.861   8.228   5.274   1.00 0.00 ? 62  LEU A HD11 1 
ATOM 942  H HD12 . LEU A 1 62  ? 4.145   8.323   4.836   1.00 0.00 ? 62  LEU A HD12 1 
ATOM 943  H HD13 . LEU A 1 62  ? 4.652   7.324   6.202   1.00 0.00 ? 62  LEU A HD13 1 
ATOM 944  H HD21 . LEU A 1 62  ? 2.985   6.306   3.866   1.00 0.00 ? 62  LEU A HD21 1 
ATOM 945  H HD22 . LEU A 1 62  ? 3.899   4.794   3.642   1.00 0.00 ? 62  LEU A HD22 1 
ATOM 946  H HD23 . LEU A 1 62  ? 3.567   5.384   5.282   1.00 0.00 ? 62  LEU A HD23 1 
ATOM 947  N N    . SER A 1 63  ? 7.491   7.006   0.284   1.00 0.00 ? 63  SER A N    1 
ATOM 948  C CA   . SER A 1 63  ? 7.889   7.587   -0.990  1.00 0.00 ? 63  SER A CA   1 
ATOM 949  C C    . SER A 1 63  ? 7.934   6.485   -2.052  1.00 0.00 ? 63  SER A C    1 
ATOM 950  O O    . SER A 1 63  ? 7.472   6.691   -3.170  1.00 0.00 ? 63  SER A O    1 
ATOM 951  C CB   . SER A 1 63  ? 9.232   8.310   -0.812  1.00 0.00 ? 63  SER A CB   1 
ATOM 952  O OG   . SER A 1 63  ? 9.602   9.129   -1.906  1.00 0.00 ? 63  SER A OG   1 
ATOM 953  H H    . SER A 1 63  ? 8.212   6.854   0.978   1.00 0.00 ? 63  SER A H    1 
ATOM 954  H HA   . SER A 1 63  ? 7.134   8.319   -1.279  1.00 0.00 ? 63  SER A HA   1 
ATOM 955  H HB2  . SER A 1 63  ? 9.149   8.953   0.063   1.00 0.00 ? 63  SER A HB2  1 
ATOM 956  H HB3  . SER A 1 63  ? 10.021  7.585   -0.614  1.00 0.00 ? 63  SER A HB3  1 
ATOM 957  H HG   . SER A 1 63  ? 8.794   9.317   -2.428  1.00 0.00 ? 63  SER A HG   1 
ATOM 958  N N    . ASP A 1 64  ? 8.436   5.297   -1.723  1.00 0.00 ? 64  ASP A N    1 
ATOM 959  C CA   . ASP A 1 64  ? 8.491   4.200   -2.682  1.00 0.00 ? 64  ASP A CA   1 
ATOM 960  C C    . ASP A 1 64  ? 7.107   3.609   -2.941  1.00 0.00 ? 64  ASP A C    1 
ATOM 961  O O    . ASP A 1 64  ? 6.832   3.147   -4.044  1.00 0.00 ? 64  ASP A O    1 
ATOM 962  C CB   . ASP A 1 64  ? 9.489   3.130   -2.239  1.00 0.00 ? 64  ASP A CB   1 
ATOM 963  C CG   . ASP A 1 64  ? 10.369  2.665   -3.401  1.00 0.00 ? 64  ASP A CG   1 
ATOM 964  O OD1  . ASP A 1 64  ? 10.942  3.495   -4.151  1.00 0.00 ? 64  ASP A OD1  1 
ATOM 965  O OD2  . ASP A 1 64  ? 10.618  1.444   -3.483  1.00 0.00 ? 64  ASP A OD2  1 
ATOM 966  H H    . ASP A 1 64  ? 8.832   5.151   -0.800  1.00 0.00 ? 64  ASP A H    1 
ATOM 967  H HA   . ASP A 1 64  ? 8.849   4.614   -3.620  1.00 0.00 ? 64  ASP A HA   1 
ATOM 968  H HB2  . ASP A 1 64  ? 10.128  3.546   -1.459  1.00 0.00 ? 64  ASP A HB2  1 
ATOM 969  H HB3  . ASP A 1 64  ? 8.957   2.271   -1.830  1.00 0.00 ? 64  ASP A HB3  1 
ATOM 970  N N    . ALA A 1 65  ? 6.185   3.686   -1.973  1.00 0.00 ? 65  ALA A N    1 
ATOM 971  C CA   . ALA A 1 65  ? 4.785   3.355   -2.213  1.00 0.00 ? 65  ALA A CA   1 
ATOM 972  C C    . ALA A 1 65  ? 4.213   4.280   -3.296  1.00 0.00 ? 65  ALA A C    1 
ATOM 973  O O    . ALA A 1 65  ? 3.597   3.806   -4.254  1.00 0.00 ? 65  ALA A O    1 
ATOM 974  C CB   . ALA A 1 65  ? 3.983   3.438   -0.909  1.00 0.00 ? 65  ALA A CB   1 
ATOM 975  H H    . ALA A 1 65  ? 6.466   4.023   -1.059  1.00 0.00 ? 65  ALA A H    1 
ATOM 976  H HA   . ALA A 1 65  ? 4.732   2.330   -2.587  1.00 0.00 ? 65  ALA A HA   1 
ATOM 977  H HB1  . ALA A 1 65  ? 4.418   2.768   -0.166  1.00 0.00 ? 65  ALA A HB1  1 
ATOM 978  H HB2  . ALA A 1 65  ? 2.951   3.138   -1.105  1.00 0.00 ? 65  ALA A HB2  1 
ATOM 979  H HB3  . ALA A 1 65  ? 3.987   4.458   -0.529  1.00 0.00 ? 65  ALA A HB3  1 
ATOM 980  N N    . GLU A 1 66  ? 4.454   5.592   -3.191  1.00 0.00 ? 66  GLU A N    1 
ATOM 981  C CA   . GLU A 1 66  ? 4.118   6.556   -4.220  1.00 0.00 ? 66  GLU A CA   1 
ATOM 982  C C    . GLU A 1 66  ? 4.771   6.171   -5.553  1.00 0.00 ? 66  GLU A C    1 
ATOM 983  O O    . GLU A 1 66  ? 4.126   6.281   -6.589  1.00 0.00 ? 66  GLU A O    1 
ATOM 984  C CB   . GLU A 1 66  ? 4.568   7.959   -3.776  1.00 0.00 ? 66  GLU A CB   1 
ATOM 985  C CG   . GLU A 1 66  ? 3.784   9.059   -4.493  1.00 0.00 ? 66  GLU A CG   1 
ATOM 986  C CD   . GLU A 1 66  ? 4.573   10.375  -4.640  1.00 0.00 ? 66  GLU A CD   1 
ATOM 987  O OE1  . GLU A 1 66  ? 5.703   10.350  -5.190  1.00 0.00 ? 66  GLU A OE1  1 
ATOM 988  O OE2  . GLU A 1 66  ? 4.096   11.451  -4.226  1.00 0.00 ? 66  GLU A OE2  1 
ATOM 989  H H    . GLU A 1 66  ? 4.936   5.982   -2.393  1.00 0.00 ? 66  GLU A H    1 
ATOM 990  H HA   . GLU A 1 66  ? 3.036   6.551   -4.344  1.00 0.00 ? 66  GLU A HA   1 
ATOM 991  H HB2  . GLU A 1 66  ? 4.416   8.057   -2.701  1.00 0.00 ? 66  GLU A HB2  1 
ATOM 992  H HB3  . GLU A 1 66  ? 5.622   8.069   -4.007  1.00 0.00 ? 66  GLU A HB3  1 
ATOM 993  H HG2  . GLU A 1 66  ? 3.522   8.708   -5.491  1.00 0.00 ? 66  GLU A HG2  1 
ATOM 994  H HG3  . GLU A 1 66  ? 2.869   9.213   -3.924  1.00 0.00 ? 66  GLU A HG3  1 
ATOM 995  N N    . GLU A 1 67  ? 6.030   5.720   -5.549  1.00 0.00 ? 67  GLU A N    1 
ATOM 996  C CA   . GLU A 1 67  ? 6.789   5.322   -6.730  1.00 0.00 ? 67  GLU A CA   1 
ATOM 997  C C    . GLU A 1 67  ? 6.085   4.238   -7.542  1.00 0.00 ? 67  GLU A C    1 
ATOM 998  O O    . GLU A 1 67  ? 6.094   4.292   -8.775  1.00 0.00 ? 67  GLU A O    1 
ATOM 999  C CB   . GLU A 1 67  ? 8.191   4.861   -6.300  1.00 0.00 ? 67  GLU A CB   1 
ATOM 1000 C CG   . GLU A 1 67  ? 9.193   4.844   -7.448  1.00 0.00 ? 67  GLU A CG   1 
ATOM 1001 C CD   . GLU A 1 67  ? 9.896   6.188   -7.571  1.00 0.00 ? 67  GLU A CD   1 
ATOM 1002 O OE1  . GLU A 1 67  ? 9.351   7.083   -8.255  1.00 0.00 ? 67  GLU A OE1  1 
ATOM 1003 O OE2  . GLU A 1 67  ? 10.994  6.350   -6.982  1.00 0.00 ? 67  GLU A OE2  1 
ATOM 1004 H H    . GLU A 1 67  ? 6.532   5.679   -4.667  1.00 0.00 ? 67  GLU A H    1 
ATOM 1005 H HA   . GLU A 1 67  ? 6.892   6.184   -7.374  1.00 0.00 ? 67  GLU A HA   1 
ATOM 1006 H HB2  . GLU A 1 67  ? 8.554   5.535   -5.524  1.00 0.00 ? 67  GLU A HB2  1 
ATOM 1007 H HB3  . GLU A 1 67  ? 8.138   3.847   -5.914  1.00 0.00 ? 67  GLU A HB3  1 
ATOM 1008 H HG2  . GLU A 1 67  ? 9.938   4.074   -7.252  1.00 0.00 ? 67  GLU A HG2  1 
ATOM 1009 H HG3  . GLU A 1 67  ? 8.688   4.600   -8.379  1.00 0.00 ? 67  GLU A HG3  1 
ATOM 1010 N N    . ALA A 1 68  ? 5.457   3.274   -6.871  1.00 0.00 ? 68  ALA A N    1 
ATOM 1011 C CA   . ALA A 1 68  ? 4.687   2.246   -7.544  1.00 0.00 ? 68  ALA A CA   1 
ATOM 1012 C C    . ALA A 1 68  ? 3.410   2.872   -8.083  1.00 0.00 ? 68  ALA A C    1 
ATOM 1013 O O    . ALA A 1 68  ? 3.120   2.769   -9.273  1.00 0.00 ? 68  ALA A O    1 
ATOM 1014 C CB   . ALA A 1 68  ? 4.368   1.093   -6.593  1.00 0.00 ? 68  ALA A CB   1 
ATOM 1015 H H    . ALA A 1 68  ? 5.419   3.361   -5.861  1.00 0.00 ? 68  ALA A H    1 
ATOM 1016 H HA   . ALA A 1 68  ? 5.268   1.857   -8.379  1.00 0.00 ? 68  ALA A HA   1 
ATOM 1017 H HB1  . ALA A 1 68  ? 4.040   1.477   -5.629  1.00 0.00 ? 68  ALA A HB1  1 
ATOM 1018 H HB2  . ALA A 1 68  ? 3.580   0.475   -7.021  1.00 0.00 ? 68  ALA A HB2  1 
ATOM 1019 H HB3  . ALA A 1 68  ? 5.257   0.480   -6.467  1.00 0.00 ? 68  ALA A HB3  1 
ATOM 1020 N N    . ILE A 1 69  ? 2.653   3.531   -7.207  1.00 0.00 ? 69  ILE A N    1 
ATOM 1021 C CA   . ILE A 1 69  ? 1.346   4.084   -7.522  1.00 0.00 ? 69  ILE A CA   1 
ATOM 1022 C C    . ILE A 1 69  ? 1.431   5.029   -8.727  1.00 0.00 ? 69  ILE A C    1 
ATOM 1023 O O    . ILE A 1 69  ? 0.604   4.937   -9.633  1.00 0.00 ? 69  ILE A O    1 
ATOM 1024 C CB   . ILE A 1 69  ? 0.765   4.739   -6.248  1.00 0.00 ? 69  ILE A CB   1 
ATOM 1025 C CG1  . ILE A 1 69  ? 0.367   3.631   -5.247  1.00 0.00 ? 69  ILE A CG1  1 
ATOM 1026 C CG2  . ILE A 1 69  ? -0.436  5.625   -6.593  1.00 0.00 ? 69  ILE A CG2  1 
ATOM 1027 C CD1  . ILE A 1 69  ? -0.020  4.155   -3.859  1.00 0.00 ? 69  ILE A CD1  1 
ATOM 1028 H H    . ILE A 1 69  ? 2.996   3.616   -6.253  1.00 0.00 ? 69  ILE A H    1 
ATOM 1029 H HA   . ILE A 1 69  ? 0.696   3.257   -7.814  1.00 0.00 ? 69  ILE A HA   1 
ATOM 1030 H HB   . ILE A 1 69  ? 1.529   5.370   -5.793  1.00 0.00 ? 69  ILE A HB   1 
ATOM 1031 H HG12 . ILE A 1 69  ? -0.482  3.084   -5.659  1.00 0.00 ? 69  ILE A HG12 1 
ATOM 1032 H HG13 . ILE A 1 69  ? 1.209   2.957   -5.116  1.00 0.00 ? 69  ILE A HG13 1 
ATOM 1033 H HG21 . ILE A 1 69  ? -1.127  5.064   -7.217  1.00 0.00 ? 69  ILE A HG21 1 
ATOM 1034 H HG22 . ILE A 1 69  ? -0.940  5.962   -5.693  1.00 0.00 ? 69  ILE A HG22 1 
ATOM 1035 H HG23 . ILE A 1 69  ? -0.089  6.502   -7.138  1.00 0.00 ? 69  ILE A HG23 1 
ATOM 1036 H HD11 . ILE A 1 69  ? 0.750   4.831   -3.489  1.00 0.00 ? 69  ILE A HD11 1 
ATOM 1037 H HD12 . ILE A 1 69  ? -0.980  4.665   -3.902  1.00 0.00 ? 69  ILE A HD12 1 
ATOM 1038 H HD13 . ILE A 1 69  ? -0.112  3.319   -3.168  1.00 0.00 ? 69  ILE A HD13 1 
ATOM 1039 N N    . LYS A 1 70  ? 2.413   5.929   -8.773  1.00 0.00 ? 70  LYS A N    1 
ATOM 1040 C CA   . LYS A 1 70  ? 2.516   6.919   -9.841  1.00 0.00 ? 70  LYS A CA   1 
ATOM 1041 C C    . LYS A 1 70  ? 2.876   6.300   -11.194 1.00 0.00 ? 70  LYS A C    1 
ATOM 1042 O O    . LYS A 1 70  ? 2.757   6.987   -12.206 1.00 0.00 ? 70  LYS A O    1 
ATOM 1043 C CB   . LYS A 1 70  ? 3.524   8.014   -9.448  1.00 0.00 ? 70  LYS A CB   1 
ATOM 1044 C CG   . LYS A 1 70  ? 4.983   7.549   -9.576  1.00 0.00 ? 70  LYS A CG   1 
ATOM 1045 C CD   . LYS A 1 70  ? 5.987   8.630   -9.175  1.00 0.00 ? 70  LYS A CD   1 
ATOM 1046 C CE   . LYS A 1 70  ? 6.090   8.730   -7.656  1.00 0.00 ? 70  LYS A CE   1 
ATOM 1047 N NZ   . LYS A 1 70  ? 7.493   8.798   -7.209  1.00 0.00 ? 70  LYS A NZ   1 
ATOM 1048 H H    . LYS A 1 70  ? 3.094   5.957   -8.020  1.00 0.00 ? 70  LYS A H    1 
ATOM 1049 H HA   . LYS A 1 70  ? 1.540   7.390   -9.945  1.00 0.00 ? 70  LYS A HA   1 
ATOM 1050 H HB2  . LYS A 1 70  ? 3.378   8.864   -10.114 1.00 0.00 ? 70  LYS A HB2  1 
ATOM 1051 H HB3  . LYS A 1 70  ? 3.323   8.343   -8.426  1.00 0.00 ? 70  LYS A HB3  1 
ATOM 1052 H HG2  . LYS A 1 70  ? 5.128   6.680   -8.933  1.00 0.00 ? 70  LYS A HG2  1 
ATOM 1053 H HG3  . LYS A 1 70  ? 5.188   7.277   -10.608 1.00 0.00 ? 70  LYS A HG3  1 
ATOM 1054 H HD2  . LYS A 1 70  ? 6.966   8.371   -9.581  1.00 0.00 ? 70  LYS A HD2  1 
ATOM 1055 H HD3  . LYS A 1 70  ? 5.678   9.593   -9.587  1.00 0.00 ? 70  LYS A HD3  1 
ATOM 1056 H HE2  . LYS A 1 70  ? 5.570   9.631   -7.325  1.00 0.00 ? 70  LYS A HE2  1 
ATOM 1057 H HE3  . LYS A 1 70  ? 5.614   7.862   -7.206  1.00 0.00 ? 70  LYS A HE3  1 
ATOM 1058 N N    . LYS A 1 71  ? 3.349   5.049   -11.263 1.00 0.00 ? 71  LYS A N    1 
ATOM 1059 C CA   . LYS A 1 71  ? 3.836   4.498   -12.513 1.00 0.00 ? 71  LYS A CA   1 
ATOM 1060 C C    . LYS A 1 71  ? 2.684   4.070   -13.408 1.00 0.00 ? 71  LYS A C    1 
ATOM 1061 O O    . LYS A 1 71  ? 2.904   3.779   -14.582 1.00 0.00 ? 71  LYS A O    1 
ATOM 1062 C CB   . LYS A 1 71  ? 4.847   3.403   -12.198 1.00 0.00 ? 71  LYS A CB   1 
ATOM 1063 C CG   . LYS A 1 71  ? 4.333   1.961   -12.260 1.00 0.00 ? 71  LYS A CG   1 
ATOM 1064 C CD   . LYS A 1 71  ? 5.542   1.036   -12.220 1.00 0.00 ? 71  LYS A CD   1 
ATOM 1065 C CE   . LYS A 1 71  ? 6.199   0.981   -10.832 1.00 0.00 ? 71  LYS A CE   1 
ATOM 1066 N NZ   . LYS A 1 71  ? 7.424   0.155   -10.804 1.00 0.00 ? 71  LYS A NZ   1 
ATOM 1067 H H    . LYS A 1 71  ? 3.356   4.394   -10.490 1.00 0.00 ? 71  LYS A H    1 
ATOM 1068 H HA   . LYS A 1 71  ? 4.410   5.244   -13.051 1.00 0.00 ? 71  LYS A HA   1 
ATOM 1069 H HB2  . LYS A 1 71  ? 5.647   3.489   -12.933 1.00 0.00 ? 71  LYS A HB2  1 
ATOM 1070 H HB3  . LYS A 1 71  ? 5.278   3.579   -11.216 1.00 0.00 ? 71  LYS A HB3  1 
ATOM 1071 H HG2  . LYS A 1 71  ? 3.668   1.760   -11.420 1.00 0.00 ? 71  LYS A HG2  1 
ATOM 1072 H HG3  . LYS A 1 71  ? 3.827   1.792   -13.205 1.00 0.00 ? 71  LYS A HG3  1 
ATOM 1073 H HD2  . LYS A 1 71  ? 5.235   0.030   -12.505 1.00 0.00 ? 71  LYS A HD2  1 
ATOM 1074 H HD3  . LYS A 1 71  ? 6.240   1.440   -12.951 1.00 0.00 ? 71  LYS A HD3  1 
ATOM 1075 H HE2  . LYS A 1 71  ? 6.461   1.996   -10.534 1.00 0.00 ? 71  LYS A HE2  1 
ATOM 1076 H HE3  . LYS A 1 71  ? 5.483   0.583   -10.111 1.00 0.00 ? 71  LYS A HE3  1 
ATOM 1077 N N    . ILE A 1 72  ? 1.464   4.011   -12.875 1.00 0.00 ? 72  ILE A N    1 
ATOM 1078 C CA   . ILE A 1 72  ? 0.333   3.343   -13.494 1.00 0.00 ? 72  ILE A CA   1 
ATOM 1079 C C    . ILE A 1 72  ? -0.310  4.287   -14.522 1.00 0.00 ? 72  ILE A C    1 
ATOM 1080 O O    . ILE A 1 72  ? -1.462  4.687   -14.364 1.00 0.00 ? 72  ILE A O    1 
ATOM 1081 C CB   . ILE A 1 72  ? -0.669  2.846   -12.426 1.00 0.00 ? 72  ILE A CB   1 
ATOM 1082 C CG1  . ILE A 1 72  ? 0.001   2.170   -11.212 1.00 0.00 ? 72  ILE A CG1  1 
ATOM 1083 C CG2  . ILE A 1 72  ? -1.647  1.842   -13.069 1.00 0.00 ? 72  ILE A CG2  1 
ATOM 1084 C CD1  . ILE A 1 72  ? -0.966  2.074   -10.033 1.00 0.00 ? 72  ILE A CD1  1 
ATOM 1085 H H    . ILE A 1 72  ? 1.357   4.291   -11.911 1.00 0.00 ? 72  ILE A H    1 
ATOM 1086 H HA   . ILE A 1 72  ? 0.741   2.472   -14.007 1.00 0.00 ? 72  ILE A HA   1 
ATOM 1087 H HB   . ILE A 1 72  ? -1.228  3.705   -12.060 1.00 0.00 ? 72  ILE A HB   1 
ATOM 1088 H HG12 . ILE A 1 72  ? 0.320   1.169   -11.501 1.00 0.00 ? 72  ILE A HG12 1 
ATOM 1089 H HG13 . ILE A 1 72  ? 0.861   2.737   -10.861 1.00 0.00 ? 72  ILE A HG13 1 
ATOM 1090 H HG21 . ILE A 1 72  ? -2.135  2.276   -13.942 1.00 0.00 ? 72  ILE A HG21 1 
ATOM 1091 H HG22 . ILE A 1 72  ? -1.106  0.948   -13.386 1.00 0.00 ? 72  ILE A HG22 1 
ATOM 1092 H HG23 . ILE A 1 72  ? -2.417  1.564   -12.356 1.00 0.00 ? 72  ILE A HG23 1 
ATOM 1093 H HD11 . ILE A 1 72  ? -1.384  3.055   -9.809  1.00 0.00 ? 72  ILE A HD11 1 
ATOM 1094 H HD12 . ILE A 1 72  ? -1.772  1.383   -10.267 1.00 0.00 ? 72  ILE A HD12 1 
ATOM 1095 H HD13 . ILE A 1 72  ? -0.433  1.723   -9.154  1.00 0.00 ? 72  ILE A HD13 1 
ATOM 1096 N N    . GLU A 1 73  ? 0.464   4.680   -15.537 1.00 0.00 ? 73  GLU A N    1 
ATOM 1097 C CA   . GLU A 1 73  ? 0.139   5.113   -16.908 1.00 0.00 ? 73  GLU A CA   1 
ATOM 1098 C C    . GLU A 1 73  ? -1.263  5.684   -17.169 1.00 0.00 ? 73  GLU A C    1 
ATOM 1099 O O    . GLU A 1 73  ? -1.873  5.467   -18.219 1.00 0.00 ? 73  GLU A O    1 
ATOM 1100 C CB   . GLU A 1 73  ? 0.491   3.940   -17.845 1.00 0.00 ? 73  GLU A CB   1 
ATOM 1101 C CG   . GLU A 1 73  ? -0.497  2.763   -17.709 1.00 0.00 ? 73  GLU A CG   1 
ATOM 1102 C CD   . GLU A 1 73  ? 0.085   1.447   -18.225 1.00 0.00 ? 73  GLU A CD   1 
ATOM 1103 O OE1  . GLU A 1 73  ? 0.163   1.244   -19.460 1.00 0.00 ? 73  GLU A OE1  1 
ATOM 1104 O OE2  . GLU A 1 73  ? 0.434   0.589   -17.371 1.00 0.00 ? 73  GLU A OE2  1 
ATOM 1105 H H    . GLU A 1 73  ? 1.421   4.335   -15.442 1.00 0.00 ? 73  GLU A H    1 
ATOM 1106 H HA   . GLU A 1 73  ? 0.794   5.959   -17.101 1.00 0.00 ? 73  GLU A HA   1 
ATOM 1107 H HB2  . GLU A 1 73  ? 0.468   4.297   -18.876 1.00 0.00 ? 73  GLU A HB2  1 
ATOM 1108 H HB3  . GLU A 1 73  ? 1.498   3.597   -17.603 1.00 0.00 ? 73  GLU A HB3  1 
ATOM 1109 H HG2  . GLU A 1 73  ? -0.739  2.639   -16.654 1.00 0.00 ? 73  GLU A HG2  1 
ATOM 1110 H HG3  . GLU A 1 73  ? -1.423  3.005   -18.242 1.00 0.00 ? 73  GLU A HG3  1 
ATOM 1111 N N    . GLY A 1 74  ? -1.736  6.533   -16.270 1.00 0.00 ? 74  GLY A N    1 
ATOM 1112 C CA   . GLY A 1 74  ? -3.152  6.856   -16.207 1.00 0.00 ? 74  GLY A CA   1 
ATOM 1113 C C    . GLY A 1 74  ? -3.506  7.590   -14.925 1.00 0.00 ? 74  GLY A C    1 
ATOM 1114 O O    . GLY A 1 74  ? -4.326  8.500   -14.952 1.00 0.00 ? 74  GLY A O    1 
ATOM 1115 H H    . GLY A 1 74  ? -1.150  6.630   -15.451 1.00 0.00 ? 74  GLY A H    1 
ATOM 1116 H HA2  . GLY A 1 74  ? -3.434  7.421   -17.083 1.00 0.00 ? 74  GLY A HA2  1 
ATOM 1117 H HA3  . GLY A 1 74  ? -3.711  5.924   -16.240 1.00 0.00 ? 74  GLY A HA3  1 
ATOM 1118 N N    . VAL A 1 75  ? -2.841  7.212   -13.828 1.00 0.00 ? 75  VAL A N    1 
ATOM 1119 C CA   . VAL A 1 75  ? -2.748  7.762   -12.474 1.00 0.00 ? 75  VAL A CA   1 
ATOM 1120 C C    . VAL A 1 75  ? -2.533  9.277   -12.373 1.00 0.00 ? 75  VAL A C    1 
ATOM 1121 O O    . VAL A 1 75  ? -1.458  9.802   -12.098 1.00 0.00 ? 75  VAL A O    1 
ATOM 1122 C CB   . VAL A 1 75  ? -1.828  6.905   -11.624 1.00 0.00 ? 75  VAL A CB   1 
ATOM 1123 C CG1  . VAL A 1 75  ? -0.398  7.064   -12.101 1.00 0.00 ? 75  VAL A CG1  1 
ATOM 1124 C CG2  . VAL A 1 75  ? -1.999  7.274   -10.152 1.00 0.00 ? 75  VAL A CG2  1 
ATOM 1125 H H    . VAL A 1 75  ? -2.266  6.382   -13.940 1.00 0.00 ? 75  VAL A H    1 
ATOM 1126 H HA   . VAL A 1 75  ? -3.733  7.595   -12.056 1.00 0.00 ? 75  VAL A HA   1 
ATOM 1127 H HB   . VAL A 1 75  ? -2.145  5.875   -11.765 1.00 0.00 ? 75  VAL A HB   1 
ATOM 1128 H HG11 . VAL A 1 75  ? -0.379  7.165   -13.182 1.00 0.00 ? 75  VAL A HG11 1 
ATOM 1129 H HG12 . VAL A 1 75  ? 0.005   7.980   -11.676 1.00 0.00 ? 75  VAL A HG12 1 
ATOM 1130 H HG13 . VAL A 1 75  ? 0.175   6.207   -11.783 1.00 0.00 ? 75  VAL A HG13 1 
ATOM 1131 H HG21 . VAL A 1 75  ? -3.059  7.404   -9.946  1.00 0.00 ? 75  VAL A HG21 1 
ATOM 1132 H HG22 . VAL A 1 75  ? -1.577  6.498   -9.519  1.00 0.00 ? 75  VAL A HG22 1 
ATOM 1133 H HG23 . VAL A 1 75  ? -1.514  8.226   -9.949  1.00 0.00 ? 75  VAL A HG23 1 
ATOM 1134 N N    . ASN A 1 76  ? -3.529  9.985   -12.843 1.00 0.00 ? 76  ASN A N    1 
ATOM 1135 C CA   . ASN A 1 76  ? -3.687  11.423  -12.853 1.00 0.00 ? 76  ASN A CA   1 
ATOM 1136 C C    . ASN A 1 76  ? -3.122  12.088  -11.603 1.00 0.00 ? 76  ASN A C    1 
ATOM 1137 O O    . ASN A 1 76  ? -2.318  13.012  -11.702 1.00 0.00 ? 76  ASN A O    1 
ATOM 1138 C CB   . ASN A 1 76  ? -5.178  11.613  -12.942 1.00 0.00 ? 76  ASN A CB   1 
ATOM 1139 C CG   . ASN A 1 76  ? -5.554  13.075  -13.064 1.00 0.00 ? 76  ASN A CG   1 
ATOM 1140 O OD1  . ASN A 1 76  ? -5.437  13.649  -14.144 1.00 0.00 ? 76  ASN A OD1  1 
ATOM 1141 N ND2  . ASN A 1 76  ? -5.976  13.711  -11.991 1.00 0.00 ? 76  ASN A ND2  1 
ATOM 1142 H H    . ASN A 1 76  ? -4.356  9.423   -13.007 1.00 0.00 ? 76  ASN A H    1 
ATOM 1143 H HA   . ASN A 1 76  ? -3.203  11.852  -13.723 1.00 0.00 ? 76  ASN A HA   1 
ATOM 1144 H HB2  . ASN A 1 76  ? -5.554  11.093  -13.824 1.00 0.00 ? 76  ASN A HB2  1 
ATOM 1145 H HB3  . ASN A 1 76  ? -5.577  11.124  -12.058 1.00 0.00 ? 76  ASN A HB3  1 
ATOM 1146 H HD21 . ASN A 1 76  ? -6.134  13.210  -11.115 1.00 0.00 ? 76  ASN A HD21 1 
ATOM 1147 H HD22 . ASN A 1 76  ? -6.288  14.663  -12.051 1.00 0.00 ? 76  ASN A HD22 1 
ATOM 1148 N N    . ASN A 1 77  ? -3.576  11.641  -10.434 1.00 0.00 ? 77  ASN A N    1 
ATOM 1149 C CA   . ASN A 1 77  ? -3.147  12.065  -9.113  1.00 0.00 ? 77  ASN A CA   1 
ATOM 1150 C C    . ASN A 1 77  ? -3.198  10.915  -8.111  1.00 0.00 ? 77  ASN A C    1 
ATOM 1151 O O    . ASN A 1 77  ? -3.739  9.842   -8.396  1.00 0.00 ? 77  ASN A O    1 
ATOM 1152 C CB   . ASN A 1 77  ? -4.021  13.212  -8.619  1.00 0.00 ? 77  ASN A CB   1 
ATOM 1153 C CG   . ASN A 1 77  ? -5.486  12.882  -8.498  1.00 0.00 ? 77  ASN A CG   1 
ATOM 1154 O OD1  . ASN A 1 77  ? -6.086  12.495  -9.489  1.00 0.00 ? 77  ASN A OD1  1 
ATOM 1155 N ND2  . ASN A 1 77  ? -6.083  13.088  -7.337  1.00 0.00 ? 77  ASN A ND2  1 
ATOM 1156 H H    . ASN A 1 77  ? -4.373  11.028  -10.447 1.00 0.00 ? 77  ASN A H    1 
ATOM 1157 H HA   . ASN A 1 77  ? -2.118  12.416  -9.178  1.00 0.00 ? 77  ASN A HA   1 
ATOM 1158 H HB2  . ASN A 1 77  ? -3.654  13.532  -7.642  1.00 0.00 ? 77  ASN A HB2  1 
ATOM 1159 H HB3  . ASN A 1 77  ? -3.930  14.019  -9.334  1.00 0.00 ? 77  ASN A HB3  1 
ATOM 1160 H HD21 . ASN A 1 77  ? -5.553  13.501  -6.571  1.00 0.00 ? 77  ASN A HD21 1 
ATOM 1161 H HD22 . ASN A 1 77  ? -7.096  13.087  -7.284  1.00 0.00 ? 77  ASN A HD22 1 
ATOM 1162 N N    . VAL A 1 78  ? -2.610  11.165  -6.938  1.00 0.00 ? 78  VAL A N    1 
ATOM 1163 C CA   . VAL A 1 78  ? -2.082  10.165  -6.025  1.00 0.00 ? 78  VAL A CA   1 
ATOM 1164 C C    . VAL A 1 78  ? -2.529  10.541  -4.603  1.00 0.00 ? 78  VAL A C    1 
ATOM 1165 O O    . VAL A 1 78  ? -1.854  11.290  -3.889  1.00 0.00 ? 78  VAL A O    1 
ATOM 1166 C CB   . VAL A 1 78  ? -0.540  10.101  -6.232  1.00 0.00 ? 78  VAL A CB   1 
ATOM 1167 C CG1  . VAL A 1 78  ? 0.118   9.076   -5.301  1.00 0.00 ? 78  VAL A CG1  1 
ATOM 1168 C CG2  . VAL A 1 78  ? -0.161  9.751   -7.686  1.00 0.00 ? 78  VAL A CG2  1 
ATOM 1169 H H    . VAL A 1 78  ? -2.253  12.103  -6.775  1.00 0.00 ? 78  VAL A H    1 
ATOM 1170 H HA   . VAL A 1 78  ? -2.515  9.198   -6.285  1.00 0.00 ? 78  VAL A HA   1 
ATOM 1171 H HB   . VAL A 1 78  ? -0.105  11.075  -6.006  1.00 0.00 ? 78  VAL A HB   1 
ATOM 1172 H HG11 . VAL A 1 78  ? -0.458  8.154   -5.289  1.00 0.00 ? 78  VAL A HG11 1 
ATOM 1173 H HG12 . VAL A 1 78  ? 1.135   8.865   -5.633  1.00 0.00 ? 78  VAL A HG12 1 
ATOM 1174 H HG13 . VAL A 1 78  ? 0.171   9.491   -4.296  1.00 0.00 ? 78  VAL A HG13 1 
ATOM 1175 H HG21 . VAL A 1 78  ? -0.605  8.797   -7.963  1.00 0.00 ? 78  VAL A HG21 1 
ATOM 1176 H HG22 . VAL A 1 78  ? -0.515  10.520  -8.377  1.00 0.00 ? 78  VAL A HG22 1 
ATOM 1177 H HG23 . VAL A 1 78  ? 0.923   9.694   -7.794  1.00 0.00 ? 78  VAL A HG23 1 
ATOM 1178 N N    . GLU A 1 79  ? -3.720  10.093  -4.205  1.00 0.00 ? 79  GLU A N    1 
ATOM 1179 C CA   . GLU A 1 79  ? -4.403  10.454  -2.961  1.00 0.00 ? 79  GLU A CA   1 
ATOM 1180 C C    . GLU A 1 79  ? -4.156  9.338   -1.934  1.00 0.00 ? 79  GLU A C    1 
ATOM 1181 O O    . GLU A 1 79  ? -5.073  8.621   -1.520  1.00 0.00 ? 79  GLU A O    1 
ATOM 1182 C CB   . GLU A 1 79  ? -5.902  10.647  -3.249  1.00 0.00 ? 79  GLU A CB   1 
ATOM 1183 C CG   . GLU A 1 79  ? -6.245  11.885  -4.081  1.00 0.00 ? 79  GLU A CG   1 
ATOM 1184 C CD   . GLU A 1 79  ? -6.427  13.130  -3.215  1.00 0.00 ? 79  GLU A CD   1 
ATOM 1185 O OE1  . GLU A 1 79  ? -5.410  13.800  -2.918  1.00 0.00 ? 79  GLU A OE1  1 
ATOM 1186 O OE2  . GLU A 1 79  ? -7.587  13.466  -2.888  1.00 0.00 ? 79  GLU A OE2  1 
ATOM 1187 H H    . GLU A 1 79  ? -4.230  9.443   -4.800  1.00 0.00 ? 79  GLU A H    1 
ATOM 1188 H HA   . GLU A 1 79  ? -4.011  11.391  -2.561  1.00 0.00 ? 79  GLU A HA   1 
ATOM 1189 H HB2  . GLU A 1 79  ? -6.242  9.773   -3.805  1.00 0.00 ? 79  GLU A HB2  1 
ATOM 1190 H HB3  . GLU A 1 79  ? -6.465  10.689  -2.316  1.00 0.00 ? 79  GLU A HB3  1 
ATOM 1191 H HG2  . GLU A 1 79  ? -5.442  12.065  -4.797  1.00 0.00 ? 79  GLU A HG2  1 
ATOM 1192 H HG3  . GLU A 1 79  ? -7.179  11.699  -4.617  1.00 0.00 ? 79  GLU A HG3  1 
ATOM 1193 N N    . VAL A 1 80  ? -2.899  9.157   -1.532  1.00 0.00 ? 80  VAL A N    1 
ATOM 1194 C CA   . VAL A 1 80  ? -2.521  8.128   -0.566  1.00 0.00 ? 80  VAL A CA   1 
ATOM 1195 C C    . VAL A 1 80  ? -2.862  8.663   0.828   1.00 0.00 ? 80  VAL A C    1 
ATOM 1196 O O    . VAL A 1 80  ? -2.147  9.512   1.367   1.00 0.00 ? 80  VAL A O    1 
ATOM 1197 C CB   . VAL A 1 80  ? -1.028  7.749   -0.712  1.00 0.00 ? 80  VAL A CB   1 
ATOM 1198 C CG1  . VAL A 1 80  ? -0.647  6.593   0.228   1.00 0.00 ? 80  VAL A CG1  1 
ATOM 1199 C CG2  . VAL A 1 80  ? -0.687  7.320   -2.151  1.00 0.00 ? 80  VAL A CG2  1 
ATOM 1200 H H    . VAL A 1 80  ? -2.192  9.799   -1.867  1.00 0.00 ? 80  VAL A H    1 
ATOM 1201 H HA   . VAL A 1 80  ? -3.130  7.240   -0.762  1.00 0.00 ? 80  VAL A HA   1 
ATOM 1202 H HB   . VAL A 1 80  ? -0.407  8.614   -0.469  1.00 0.00 ? 80  VAL A HB   1 
ATOM 1203 H HG11 . VAL A 1 80  ? -1.272  5.721   0.032   1.00 0.00 ? 80  VAL A HG11 1 
ATOM 1204 H HG12 . VAL A 1 80  ? 0.401   6.325   0.093   1.00 0.00 ? 80  VAL A HG12 1 
ATOM 1205 H HG13 . VAL A 1 80  ? -0.791  6.895   1.267   1.00 0.00 ? 80  VAL A HG13 1 
ATOM 1206 H HG21 . VAL A 1 80  ? -1.299  6.463   -2.434  1.00 0.00 ? 80  VAL A HG21 1 
ATOM 1207 H HG22 . VAL A 1 80  ? -0.888  8.140   -2.838  1.00 0.00 ? 80  VAL A HG22 1 
ATOM 1208 H HG23 . VAL A 1 80  ? 0.371   7.065   -2.229  1.00 0.00 ? 80  VAL A HG23 1 
ATOM 1209 N N    . GLU A 1 81  ? -3.969  8.201   1.397   1.00 0.00 ? 81  GLU A N    1 
ATOM 1210 C CA   . GLU A 1 81  ? -4.389  8.530   2.745   1.00 0.00 ? 81  GLU A CA   1 
ATOM 1211 C C    . GLU A 1 81  ? -3.582  7.661   3.700   1.00 0.00 ? 81  GLU A C    1 
ATOM 1212 O O    . GLU A 1 81  ? -3.361  6.473   3.442   1.00 0.00 ? 81  GLU A O    1 
ATOM 1213 C CB   . GLU A 1 81  ? -5.890  8.251   2.869   1.00 0.00 ? 81  GLU A CB   1 
ATOM 1214 C CG   . GLU A 1 81  ? -6.598  8.826   4.099   1.00 0.00 ? 81  GLU A CG   1 
ATOM 1215 C CD   . GLU A 1 81  ? -7.481  10.016  3.723   1.00 0.00 ? 81  GLU A CD   1 
ATOM 1216 O OE1  . GLU A 1 81  ? -8.522  9.834   3.041   1.00 0.00 ? 81  GLU A OE1  1 
ATOM 1217 O OE2  . GLU A 1 81  ? -7.128  11.153  4.109   1.00 0.00 ? 81  GLU A OE2  1 
ATOM 1218 H H    . GLU A 1 81  ? -4.483  7.442   0.956   1.00 0.00 ? 81  GLU A H    1 
ATOM 1219 H HA   . GLU A 1 81  ? -4.195  9.584   2.931   1.00 0.00 ? 81  GLU A HA   1 
ATOM 1220 H HB2  . GLU A 1 81  ? -6.375  8.670   1.985   1.00 0.00 ? 81  GLU A HB2  1 
ATOM 1221 H HB3  . GLU A 1 81  ? -6.038  7.182   2.876   1.00 0.00 ? 81  GLU A HB3  1 
ATOM 1222 H HG2  . GLU A 1 81  ? -7.230  8.049   4.531   1.00 0.00 ? 81  GLU A HG2  1 
ATOM 1223 H HG3  . GLU A 1 81  ? -5.864  9.119   4.850   1.00 0.00 ? 81  GLU A HG3  1 
ATOM 1224 N N    . LEU A 1 82  ? -3.161  8.251   4.813   1.00 0.00 ? 82  LEU A N    1 
ATOM 1225 C CA   . LEU A 1 82  ? -2.291  7.650   5.810   1.00 0.00 ? 82  LEU A CA   1 
ATOM 1226 C C    . LEU A 1 82  ? -3.007  7.770   7.150   1.00 0.00 ? 82  LEU A C    1 
ATOM 1227 O O    . LEU A 1 82  ? -2.770  8.685   7.933   1.00 0.00 ? 82  LEU A O    1 
ATOM 1228 C CB   . LEU A 1 82  ? -0.917  8.339   5.750   1.00 0.00 ? 82  LEU A CB   1 
ATOM 1229 C CG   . LEU A 1 82  ? 0.138   7.680   6.649   1.00 0.00 ? 82  LEU A CG   1 
ATOM 1230 C CD1  . LEU A 1 82  ? 0.583   6.307   6.128   1.00 0.00 ? 82  LEU A CD1  1 
ATOM 1231 C CD2  . LEU A 1 82  ? 1.383   8.569   6.720   1.00 0.00 ? 82  LEU A CD2  1 
ATOM 1232 H H    . LEU A 1 82  ? -3.391  9.229   4.937   1.00 0.00 ? 82  LEU A H    1 
ATOM 1233 H HA   . LEU A 1 82  ? -2.166  6.595   5.575   1.00 0.00 ? 82  LEU A HA   1 
ATOM 1234 H HB2  . LEU A 1 82  ? -0.560  8.304   4.720   1.00 0.00 ? 82  LEU A HB2  1 
ATOM 1235 H HB3  . LEU A 1 82  ? -1.036  9.380   6.050   1.00 0.00 ? 82  LEU A HB3  1 
ATOM 1236 H HG   . LEU A 1 82  ? -0.278  7.565   7.648   1.00 0.00 ? 82  LEU A HG   1 
ATOM 1237 H HD11 . LEU A 1 82  ? -0.271  5.654   5.998   1.00 0.00 ? 82  LEU A HD11 1 
ATOM 1238 H HD12 . LEU A 1 82  ? 1.068   6.422   5.161   1.00 0.00 ? 82  LEU A HD12 1 
ATOM 1239 H HD13 . LEU A 1 82  ? 1.277   5.848   6.834   1.00 0.00 ? 82  LEU A HD13 1 
ATOM 1240 H HD21 . LEU A 1 82  ? 1.723   8.806   5.713   1.00 0.00 ? 82  LEU A HD21 1 
ATOM 1241 H HD22 . LEU A 1 82  ? 1.143   9.497   7.238   1.00 0.00 ? 82  LEU A HD22 1 
ATOM 1242 H HD23 . LEU A 1 82  ? 2.189   8.055   7.238   1.00 0.00 ? 82  LEU A HD23 1 
ATOM 1243 N N    . THR A 1 83  ? -3.982  6.893   7.363   1.00 0.00 ? 83  THR A N    1 
ATOM 1244 C CA   . THR A 1 83  ? -4.937  6.981   8.454   1.00 0.00 ? 83  THR A CA   1 
ATOM 1245 C C    . THR A 1 83  ? -4.271  6.454   9.729   1.00 0.00 ? 83  THR A C    1 
ATOM 1246 O O    . THR A 1 83  ? -4.167  5.239   9.911   1.00 0.00 ? 83  THR A O    1 
ATOM 1247 C CB   . THR A 1 83  ? -6.164  6.162   8.053   1.00 0.00 ? 83  THR A CB   1 
ATOM 1248 O OG1  . THR A 1 83  ? -6.715  6.647   6.843   1.00 0.00 ? 83  THR A OG1  1 
ATOM 1249 C CG2  . THR A 1 83  ? -7.267  6.146   9.111   1.00 0.00 ? 83  THR A CG2  1 
ATOM 1250 H H    . THR A 1 83  ? -4.074  6.112   6.724   1.00 0.00 ? 83  THR A H    1 
ATOM 1251 H HA   . THR A 1 83  ? -5.231  8.022   8.596   1.00 0.00 ? 83  THR A HA   1 
ATOM 1252 H HB   . THR A 1 83  ? -5.817  5.144   7.896   1.00 0.00 ? 83  THR A HB   1 
ATOM 1253 H HG1  . THR A 1 83  ? -6.026  6.606   6.170   1.00 0.00 ? 83  THR A HG1  1 
ATOM 1254 H HG21 . THR A 1 83  ? -7.592  7.158   9.338   1.00 0.00 ? 83  THR A HG21 1 
ATOM 1255 H HG22 . THR A 1 83  ? -8.117  5.563   8.754   1.00 0.00 ? 83  THR A HG22 1 
ATOM 1256 H HG23 . THR A 1 83  ? -6.895  5.698   10.027  1.00 0.00 ? 83  THR A HG23 1 
ATOM 1257 N N    . PHE A 1 84  ? -3.809  7.328   10.616  1.00 0.00 ? 84  PHE A N    1 
ATOM 1258 C CA   . PHE A 1 84  ? -2.799  6.989   11.615  1.00 0.00 ? 84  PHE A CA   1 
ATOM 1259 C C    . PHE A 1 84  ? -3.399  6.752   13.007  1.00 0.00 ? 84  PHE A C    1 
ATOM 1260 O O    . PHE A 1 84  ? -2.737  6.927   14.035  1.00 0.00 ? 84  PHE A O    1 
ATOM 1261 C CB   . PHE A 1 84  ? -1.676  8.050   11.613  1.00 0.00 ? 84  PHE A CB   1 
ATOM 1262 C CG   . PHE A 1 84  ? -0.299  7.483   11.323  1.00 0.00 ? 84  PHE A CG   1 
ATOM 1263 C CD1  . PHE A 1 84  ? 0.124   6.268   11.901  1.00 0.00 ? 84  PHE A CD1  1 
ATOM 1264 C CD2  . PHE A 1 84  ? 0.547   8.158   10.427  1.00 0.00 ? 84  PHE A CD2  1 
ATOM 1265 C CE1  . PHE A 1 84  ? 1.353   5.703   11.529  1.00 0.00 ? 84  PHE A CE1  1 
ATOM 1266 C CE2  . PHE A 1 84  ? 1.798   7.610   10.091  1.00 0.00 ? 84  PHE A CE2  1 
ATOM 1267 C CZ   . PHE A 1 84  ? 2.185   6.367   10.617  1.00 0.00 ? 84  PHE A CZ   1 
ATOM 1268 H H    . PHE A 1 84  ? -4.023  8.307   10.489  1.00 0.00 ? 84  PHE A H    1 
ATOM 1269 H HA   . PHE A 1 84  ? -2.367  6.038   11.297  1.00 0.00 ? 84  PHE A HA   1 
ATOM 1270 H HB2  . PHE A 1 84  ? -1.911  8.785   10.843  1.00 0.00 ? 84  PHE A HB2  1 
ATOM 1271 H HB3  . PHE A 1 84  ? -1.636  8.575   12.568  1.00 0.00 ? 84  PHE A HB3  1 
ATOM 1272 H HD1  . PHE A 1 84  ? -0.509  5.735   12.596  1.00 0.00 ? 84  PHE A HD1  1 
ATOM 1273 H HD2  . PHE A 1 84  ? 0.215   9.085   9.980   1.00 0.00 ? 84  PHE A HD2  1 
ATOM 1274 H HE1  . PHE A 1 84  ? 1.641   4.743   11.936  1.00 0.00 ? 84  PHE A HE1  1 
ATOM 1275 H HE2  . PHE A 1 84  ? 2.446   8.128   9.399   1.00 0.00 ? 84  PHE A HE2  1 
ATOM 1276 H HZ   . PHE A 1 84  ? 3.111   5.901   10.317  1.00 0.00 ? 84  PHE A HZ   1 
ATOM 1277 N N    . ASP A 1 85  ? -4.679  6.403   13.066  1.00 0.00 ? 85  ASP A N    1 
ATOM 1278 C CA   . ASP A 1 85  ? -5.413  6.239   14.318  1.00 0.00 ? 85  ASP A CA   1 
ATOM 1279 C C    . ASP A 1 85  ? -5.732  4.777   14.609  1.00 0.00 ? 85  ASP A C    1 
ATOM 1280 O O    . ASP A 1 85  ? -5.349  4.316   15.687  1.00 0.00 ? 85  ASP A O    1 
ATOM 1281 C CB   . ASP A 1 85  ? -6.713  7.060   14.292  1.00 0.00 ? 85  ASP A CB   1 
ATOM 1282 C CG   . ASP A 1 85  ? -6.870  8.089   15.409  1.00 0.00 ? 85  ASP A CG   1 
ATOM 1283 O OD1  . ASP A 1 85  ? -6.010  8.179   16.314  1.00 0.00 ? 85  ASP A OD1  1 
ATOM 1284 O OD2  . ASP A 1 85  ? -7.884  8.823   15.354  1.00 0.00 ? 85  ASP A OD2  1 
ATOM 1285 H H    . ASP A 1 85  ? -5.166  6.239   12.199  1.00 0.00 ? 85  ASP A H    1 
ATOM 1286 H HA   . ASP A 1 85  ? -4.798  6.587   15.144  1.00 0.00 ? 85  ASP A HA   1 
ATOM 1287 H HB2  . ASP A 1 85  ? -6.754  7.591   13.340  1.00 0.00 ? 85  ASP A HB2  1 
ATOM 1288 H HB3  . ASP A 1 85  ? -7.559  6.378   14.351  1.00 0.00 ? 85  ASP A HB3  1 
ATOM 1289 N N    . PRO A 1 86  ? -6.409  4.034   13.712  1.00 0.00 ? 86  PRO A N    1 
ATOM 1290 C CA   . PRO A 1 86  ? -6.878  2.704   14.046  1.00 0.00 ? 86  PRO A CA   1 
ATOM 1291 C C    . PRO A 1 86  ? -5.715  1.718   14.231  1.00 0.00 ? 86  PRO A C    1 
ATOM 1292 O O    . PRO A 1 86  ? -4.650  1.894   13.629  1.00 0.00 ? 86  PRO A O    1 
ATOM 1293 C CB   . PRO A 1 86  ? -7.775  2.239   12.897  1.00 0.00 ? 86  PRO A CB   1 
ATOM 1294 C CG   . PRO A 1 86  ? -8.095  3.510   12.119  1.00 0.00 ? 86  PRO A CG   1 
ATOM 1295 C CD   . PRO A 1 86  ? -6.893  4.407   12.395  1.00 0.00 ? 86  PRO A CD   1 
ATOM 1296 H HA   . PRO A 1 86  ? -7.470  2.809   14.952  1.00 0.00 ? 86  PRO A HA   1 
ATOM 1297 H HB2  . PRO A 1 86  ? -7.255  1.515   12.267  1.00 0.00 ? 86  PRO A HB2  1 
ATOM 1298 H HB3  . PRO A 1 86  ? -8.683  1.765   13.270  1.00 0.00 ? 86  PRO A HB3  1 
ATOM 1299 H HG2  . PRO A 1 86  ? -8.164  3.290   11.054  1.00 0.00 ? 86  PRO A HG2  1 
ATOM 1300 H HG3  . PRO A 1 86  ? -8.991  3.973   12.533  1.00 0.00 ? 86  PRO A HG3  1 
ATOM 1301 H HD2  . PRO A 1 86  ? -6.118  4.234   11.648  1.00 0.00 ? 86  PRO A HD2  1 
ATOM 1302 H HD3  . PRO A 1 86  ? -7.196  5.449   12.334  1.00 0.00 ? 86  PRO A HD3  1 
ATOM 1303 N N    . PRO A 1 87  ? -5.919  0.644   15.003  1.00 0.00 ? 87  PRO A N    1 
ATOM 1304 C CA   . PRO A 1 87  ? -5.020  -0.492  15.033  1.00 0.00 ? 87  PRO A CA   1 
ATOM 1305 C C    . PRO A 1 87  ? -5.226  -1.303  13.747  1.00 0.00 ? 87  PRO A C    1 
ATOM 1306 O O    . PRO A 1 87  ? -6.362  -1.525  13.324  1.00 0.00 ? 87  PRO A O    1 
ATOM 1307 C CB   . PRO A 1 87  ? -5.400  -1.247  16.306  1.00 0.00 ? 87  PRO A CB   1 
ATOM 1308 C CG   . PRO A 1 87  ? -6.887  -0.949  16.495  1.00 0.00 ? 87  PRO A CG   1 
ATOM 1309 C CD   . PRO A 1 87  ? -7.128  0.369   15.753  1.00 0.00 ? 87  PRO A CD   1 
ATOM 1310 H HA   . PRO A 1 87  ? -3.986  -0.151  15.105  1.00 0.00 ? 87  PRO A HA   1 
ATOM 1311 H HB2  . PRO A 1 87  ? -5.207  -2.316  16.215  1.00 0.00 ? 87  PRO A HB2  1 
ATOM 1312 H HB3  . PRO A 1 87  ? -4.848  -0.827  17.146  1.00 0.00 ? 87  PRO A HB3  1 
ATOM 1313 H HG2  . PRO A 1 87  ? -7.469  -1.736  16.016  1.00 0.00 ? 87  PRO A HG2  1 
ATOM 1314 H HG3  . PRO A 1 87  ? -7.129  -0.854  17.551  1.00 0.00 ? 87  PRO A HG3  1 
ATOM 1315 H HD2  . PRO A 1 87  ? -7.982  0.260   15.083  1.00 0.00 ? 87  PRO A HD2  1 
ATOM 1316 H HD3  . PRO A 1 87  ? -7.321  1.206   16.425  1.00 0.00 ? 87  PRO A HD3  1 
ATOM 1317 N N    . TRP A 1 88  ? -4.128  -1.707  13.102  1.00 0.00 ? 88  TRP A N    1 
ATOM 1318 C CA   . TRP A 1 88  ? -4.131  -2.431  11.832  1.00 0.00 ? 88  TRP A CA   1 
ATOM 1319 C C    . TRP A 1 88  ? -4.657  -3.859  12.033  1.00 0.00 ? 88  TRP A C    1 
ATOM 1320 O O    . TRP A 1 88  ? -5.870  -4.058  11.955  1.00 0.00 ? 88  TRP A O    1 
ATOM 1321 C CB   . TRP A 1 88  ? -2.757  -2.275  11.164  1.00 0.00 ? 88  TRP A CB   1 
ATOM 1322 C CG   . TRP A 1 88  ? -2.281  -3.331  10.214  1.00 0.00 ? 88  TRP A CG   1 
ATOM 1323 C CD1  . TRP A 1 88  ? -2.855  -3.758  9.063   1.00 0.00 ? 88  TRP A CD1  1 
ATOM 1324 C CD2  . TRP A 1 88  ? -1.109  -4.167  10.387  1.00 0.00 ? 88  TRP A CD2  1 
ATOM 1325 N NE1  . TRP A 1 88  ? -2.042  -4.689  8.459   1.00 0.00 ? 88  TRP A NE1  1 
ATOM 1326 C CE2  . TRP A 1 88  ? -0.994  -5.041  9.273   1.00 0.00 ? 88  TRP A CE2  1 
ATOM 1327 C CE3  . TRP A 1 88  ? -0.171  -4.309  11.424  1.00 0.00 ? 88  TRP A CE3  1 
ATOM 1328 C CZ2  . TRP A 1 88  ? -0.009  -6.028  9.200   1.00 0.00 ? 88  TRP A CZ2  1 
ATOM 1329 C CZ3  . TRP A 1 88  ? 0.848   -5.271  11.347  1.00 0.00 ? 88  TRP A CZ3  1 
ATOM 1330 C CH2  . TRP A 1 88  ? 0.921   -6.134  10.240  1.00 0.00 ? 88  TRP A CH2  1 
ATOM 1331 H H    . TRP A 1 88  ? -3.225  -1.438  13.479  1.00 0.00 ? 88  TRP A H    1 
ATOM 1332 H HA   . TRP A 1 88  ? -4.837  -1.950  11.174  1.00 0.00 ? 88  TRP A HA   1 
ATOM 1333 H HB2  . TRP A 1 88  ? -2.771  -1.332  10.618  1.00 0.00 ? 88  TRP A HB2  1 
ATOM 1334 H HB3  . TRP A 1 88  ? -2.005  -2.206  11.950  1.00 0.00 ? 88  TRP A HB3  1 
ATOM 1335 H HD1  . TRP A 1 88  ? -3.763  -3.396  8.605   1.00 0.00 ? 88  TRP A HD1  1 
ATOM 1336 H HE1  . TRP A 1 88  ? -2.245  -5.084  7.540   1.00 0.00 ? 88  TRP A HE1  1 
ATOM 1337 H HE3  . TRP A 1 88  ? -0.268  -3.665  12.287  1.00 0.00 ? 88  TRP A HE3  1 
ATOM 1338 H HZ2  . TRP A 1 88  ? 0.009   -6.718  8.378   1.00 0.00 ? 88  TRP A HZ2  1 
ATOM 1339 H HZ3  . TRP A 1 88  ? 1.549   -5.393  12.161  1.00 0.00 ? 88  TRP A HZ3  1 
ATOM 1340 H HH2  . TRP A 1 88  ? 1.633   -6.937  10.228  1.00 0.00 ? 88  TRP A HH2  1 
ATOM 1341 N N    . THR A 1 89  ? -3.765  -4.832  12.249  1.00 0.00 ? 89  THR A N    1 
ATOM 1342 C CA   . THR A 1 89  ? -3.900  -6.200  12.754  1.00 0.00 ? 89  THR A CA   1 
ATOM 1343 C C    . THR A 1 89  ? -2.651  -6.967  12.267  1.00 0.00 ? 89  THR A C    1 
ATOM 1344 O O    . THR A 1 89  ? -2.535  -7.183  11.064  1.00 0.00 ? 89  THR A O    1 
ATOM 1345 C CB   . THR A 1 89  ? -5.205  -6.914  12.332  1.00 0.00 ? 89  THR A CB   1 
ATOM 1346 O OG1  . THR A 1 89  ? -6.361  -6.364  12.914  1.00 0.00 ? 89  THR A OG1  1 
ATOM 1347 C CG2  . THR A 1 89  ? -5.207  -8.371  12.781  1.00 0.00 ? 89  THR A CG2  1 
ATOM 1348 H H    . THR A 1 89  ? -2.803  -4.548  12.142  1.00 0.00 ? 89  THR A H    1 
ATOM 1349 H HA   . THR A 1 89  ? -3.891  -6.130  13.837  1.00 0.00 ? 89  THR A HA   1 
ATOM 1350 H HB   . THR A 1 89  ? -5.308  -6.865  11.249  1.00 0.00 ? 89  THR A HB   1 
ATOM 1351 H HG1  . THR A 1 89  ? -6.290  -5.397  12.764  1.00 0.00 ? 89  THR A HG1  1 
ATOM 1352 H HG21 . THR A 1 89  ? -5.030  -8.432  13.851  1.00 0.00 ? 89  THR A HG21 1 
ATOM 1353 H HG22 . THR A 1 89  ? -6.174  -8.817  12.571  1.00 0.00 ? 89  THR A HG22 1 
ATOM 1354 H HG23 . THR A 1 89  ? -4.433  -8.915  12.254  1.00 0.00 ? 89  THR A HG23 1 
ATOM 1355 N N    . PRO A 1 90  ? -1.724  -7.444  13.116  1.00 0.00 ? 90  PRO A N    1 
ATOM 1356 C CA   . PRO A 1 90  ? -0.525  -8.137  12.634  1.00 0.00 ? 90  PRO A CA   1 
ATOM 1357 C C    . PRO A 1 90  ? -0.804  -9.418  11.836  1.00 0.00 ? 90  PRO A C    1 
ATOM 1358 O O    . PRO A 1 90  ? -0.010  -9.817  10.981  1.00 0.00 ? 90  PRO A O    1 
ATOM 1359 C CB   . PRO A 1 90  ? 0.346   -8.352  13.868  1.00 0.00 ? 90  PRO A CB   1 
ATOM 1360 C CG   . PRO A 1 90  ? -0.661  -8.370  15.014  1.00 0.00 ? 90  PRO A CG   1 
ATOM 1361 C CD   . PRO A 1 90  ? -1.704  -7.345  14.566  1.00 0.00 ? 90  PRO A CD   1 
ATOM 1362 H HA   . PRO A 1 90  ? 0.014   -7.495  11.963  1.00 0.00 ? 90  PRO A HA   1 
ATOM 1363 H HB2  . PRO A 1 90  ? 0.915   -9.280  13.808  1.00 0.00 ? 90  PRO A HB2  1 
ATOM 1364 H HB3  . PRO A 1 90  ? 1.022   -7.503  13.990  1.00 0.00 ? 90  PRO A HB3  1 
ATOM 1365 H HG2  . PRO A 1 90  ? -1.125  -9.355  15.072  1.00 0.00 ? 90  PRO A HG2  1 
ATOM 1366 H HG3  . PRO A 1 90  ? -0.192  -8.096  15.956  1.00 0.00 ? 90  PRO A HG3  1 
ATOM 1367 H HD2  . PRO A 1 90  ? -2.679  -7.572  14.996  1.00 0.00 ? 90  PRO A HD2  1 
ATOM 1368 H HD3  . PRO A 1 90  ? -1.390  -6.342  14.862  1.00 0.00 ? 90  PRO A HD3  1 
ATOM 1369 N N    . GLU A 1 91  ? -1.968  -10.023 12.048  1.00 0.00 ? 91  GLU A N    1 
ATOM 1370 C CA   . GLU A 1 91  ? -2.418  -11.230 11.374  1.00 0.00 ? 91  GLU A CA   1 
ATOM 1371 C C    . GLU A 1 91  ? -2.720  -10.996 9.876   1.00 0.00 ? 91  GLU A C    1 
ATOM 1372 O O    . GLU A 1 91  ? -2.958  -11.955 9.144   1.00 0.00 ? 91  GLU A O    1 
ATOM 1373 C CB   . GLU A 1 91  ? -3.617  -11.804 12.164  1.00 0.00 ? 91  GLU A CB   1 
ATOM 1374 C CG   . GLU A 1 91  ? -4.970  -11.583 11.471  1.00 0.00 ? 91  GLU A CG   1 
ATOM 1375 C CD   . GLU A 1 91  ? -6.190  -11.657 12.379  1.00 0.00 ? 91  GLU A CD   1 
ATOM 1376 O OE1  . GLU A 1 91  ? -6.149  -12.316 13.439  1.00 0.00 ? 91  GLU A OE1  1 
ATOM 1377 O OE2  . GLU A 1 91  ? -7.230  -11.086 11.987  1.00 0.00 ? 91  GLU A OE2  1 
ATOM 1378 H H    . GLU A 1 91  ? -2.578  -9.616  12.736  1.00 0.00 ? 91  GLU A H    1 
ATOM 1379 H HA   . GLU A 1 91  ? -1.608  -11.952 11.435  1.00 0.00 ? 91  GLU A HA   1 
ATOM 1380 H HB2  . GLU A 1 91  ? -3.466  -12.878 12.271  1.00 0.00 ? 91  GLU A HB2  1 
ATOM 1381 H HB3  . GLU A 1 91  ? -3.641  -11.361 13.163  1.00 0.00 ? 91  GLU A HB3  1 
ATOM 1382 H HG2  . GLU A 1 91  ? -4.956  -10.598 11.004  1.00 0.00 ? 91  GLU A HG2  1 
ATOM 1383 H HG3  . GLU A 1 91  ? -5.077  -12.345 10.707  1.00 0.00 ? 91  GLU A HG3  1 
ATOM 1384 N N    . ARG A 1 92  ? -2.774  -9.747  9.390   1.00 0.00 ? 92  ARG A N    1 
ATOM 1385 C CA   . ARG A 1 92  ? -3.111  -9.456  7.986   1.00 0.00 ? 92  ARG A CA   1 
ATOM 1386 C C    . ARG A 1 92  ? -2.036  -10.005 7.036   1.00 0.00 ? 92  ARG A C    1 
ATOM 1387 O O    . ARG A 1 92  ? -2.312  -10.276 5.863   1.00 0.00 ? 92  ARG A O    1 
ATOM 1388 C CB   . ARG A 1 92  ? -3.261  -7.943  7.788   1.00 0.00 ? 92  ARG A CB   1 
ATOM 1389 C CG   . ARG A 1 92  ? -4.324  -7.255  8.662   1.00 0.00 ? 92  ARG A CG   1 
ATOM 1390 C CD   . ARG A 1 92  ? -5.507  -6.654  7.896   1.00 0.00 ? 92  ARG A CD   1 
ATOM 1391 N NE   . ARG A 1 92  ? -6.629  -7.599  7.792   1.00 0.00 ? 92  ARG A NE   1 
ATOM 1392 C CZ   . ARG A 1 92  ? -7.476  -7.700  6.761   1.00 0.00 ? 92  ARG A CZ   1 
ATOM 1393 N NH1  . ARG A 1 92  ? -7.428  -6.849  5.741   1.00 0.00 ? 92  ARG A NH1  1 
ATOM 1394 N NH2  . ARG A 1 92  ? -8.398  -8.654  6.762   1.00 0.00 ? 92  ARG A NH2  1 
ATOM 1395 H H    . ARG A 1 92  ? -2.556  -8.969  10.006  1.00 0.00 ? 92  ARG A H    1 
ATOM 1396 H HA   . ARG A 1 92  ? -4.058  -9.934  7.732   1.00 0.00 ? 92  ARG A HA   1 
ATOM 1397 H HB2  . ARG A 1 92  ? -2.302  -7.489  8.030   1.00 0.00 ? 92  ARG A HB2  1 
ATOM 1398 H HB3  . ARG A 1 92  ? -3.466  -7.752  6.736   1.00 0.00 ? 92  ARG A HB3  1 
ATOM 1399 H HG2  . ARG A 1 92  ? -4.708  -7.979  9.380   1.00 0.00 ? 92  ARG A HG2  1 
ATOM 1400 H HG3  . ARG A 1 92  ? -3.821  -6.434  9.165   1.00 0.00 ? 92  ARG A HG3  1 
ATOM 1401 H HD2  . ARG A 1 92  ? -5.851  -5.766  8.427   1.00 0.00 ? 92  ARG A HD2  1 
ATOM 1402 H HD3  . ARG A 1 92  ? -5.176  -6.350  6.905   1.00 0.00 ? 92  ARG A HD3  1 
ATOM 1403 H HE   . ARG A 1 92  ? -6.741  -8.224  8.592   1.00 0.00 ? 92  ARG A HE   1 
ATOM 1404 H HH11 . ARG A 1 92  ? -6.853  -6.005  5.796   1.00 0.00 ? 92  ARG A HH11 1 
ATOM 1405 H HH12 . ARG A 1 92  ? -8.070  -6.910  4.951   1.00 0.00 ? 92  ARG A HH12 1 
ATOM 1406 N N    . MET A 1 93  ? -0.815  -10.183 7.545   1.00 0.00 ? 93  MET A N    1 
ATOM 1407 C CA   . MET A 1 93  ? 0.291   -10.833 6.861   1.00 0.00 ? 93  MET A CA   1 
ATOM 1408 C C    . MET A 1 93  ? -0.031  -12.299 6.521   1.00 0.00 ? 93  MET A C    1 
ATOM 1409 O O    . MET A 1 93  ? -1.024  -12.879 6.979   1.00 0.00 ? 93  MET A O    1 
ATOM 1410 C CB   . MET A 1 93  ? 1.561   -10.771 7.730   1.00 0.00 ? 93  MET A CB   1 
ATOM 1411 C CG   . MET A 1 93  ? 2.021   -9.344  8.036   1.00 0.00 ? 93  MET A CG   1 
ATOM 1412 S SD   . MET A 1 93  ? 3.735   -9.223  8.623   1.00 0.00 ? 93  MET A SD   1 
ATOM 1413 C CE   . MET A 1 93  ? 3.575   -9.896  10.296  1.00 0.00 ? 93  MET A CE   1 
ATOM 1414 H H    . MET A 1 93  ? -0.679  -9.870  8.492   1.00 0.00 ? 93  MET A H    1 
ATOM 1415 H HA   . MET A 1 93  ? 0.463   -10.285 5.929   1.00 0.00 ? 93  MET A HA   1 
ATOM 1416 H HB2  . MET A 1 93  ? 1.367   -11.288 8.670   1.00 0.00 ? 93  MET A HB2  1 
ATOM 1417 H HB3  . MET A 1 93  ? 2.369   -11.263 7.189   1.00 0.00 ? 93  MET A HB3  1 
ATOM 1418 H HG2  . MET A 1 93  ? 1.936   -8.761  7.119   1.00 0.00 ? 93  MET A HG2  1 
ATOM 1419 H HG3  . MET A 1 93  ? 1.351   -8.889  8.773   1.00 0.00 ? 93  MET A HG3  1 
ATOM 1420 H HE1  . MET A 1 93  ? 2.826   -9.326  10.848  1.00 0.00 ? 93  MET A HE1  1 
ATOM 1421 H HE2  . MET A 1 93  ? 3.277   -10.944 10.248  1.00 0.00 ? 93  MET A HE2  1 
ATOM 1422 H HE3  . MET A 1 93  ? 4.535   -9.814  10.806  1.00 0.00 ? 93  MET A HE3  1 
ATOM 1423 N N    . SER A 1 94  ? 0.845   -12.918 5.727   1.00 0.00 ? 94  SER A N    1 
ATOM 1424 C CA   . SER A 1 94  ? 0.743   -14.312 5.312   1.00 0.00 ? 94  SER A CA   1 
ATOM 1425 C C    . SER A 1 94  ? 0.698   -15.236 6.531   1.00 0.00 ? 94  SER A C    1 
ATOM 1426 O O    . SER A 1 94  ? 1.313   -14.917 7.548   1.00 0.00 ? 94  SER A O    1 
ATOM 1427 C CB   . SER A 1 94  ? 1.967   -14.688 4.475   1.00 0.00 ? 94  SER A CB   1 
ATOM 1428 O OG   . SER A 1 94  ? 2.185   -13.764 3.432   1.00 0.00 ? 94  SER A OG   1 
ATOM 1429 H H    . SER A 1 94  ? 1.628   -12.392 5.362   1.00 0.00 ? 94  SER A H    1 
ATOM 1430 H HA   . SER A 1 94  ? -0.163  -14.426 4.715   1.00 0.00 ? 94  SER A HA   1 
ATOM 1431 H HB2  . SER A 1 94  ? 2.844   -14.693 5.123   1.00 0.00 ? 94  SER A HB2  1 
ATOM 1432 H HB3  . SER A 1 94  ? 1.833   -15.689 4.062   1.00 0.00 ? 94  SER A HB3  1 
ATOM 1433 H HG   . SER A 1 94  ? 3.148   -13.796 3.234   1.00 0.00 ? 94  SER A HG   1 
ATOM 1434 N N    . PRO A 1 95  ? 0.092   -16.428 6.420   1.00 0.00 ? 95  PRO A N    1 
ATOM 1435 C CA   . PRO A 1 95  ? 0.068   -17.392 7.513   1.00 0.00 ? 95  PRO A CA   1 
ATOM 1436 C C    . PRO A 1 95  ? 1.481   -17.855 7.897   1.00 0.00 ? 95  PRO A C    1 
ATOM 1437 O O    . PRO A 1 95  ? 1.763   -18.038 9.082   1.00 0.00 ? 95  PRO A O    1 
ATOM 1438 C CB   . PRO A 1 95  ? -0.835  -18.525 7.015   1.00 0.00 ? 95  PRO A CB   1 
ATOM 1439 C CG   . PRO A 1 95  ? -0.748  -18.438 5.492   1.00 0.00 ? 95  PRO A CG   1 
ATOM 1440 C CD   . PRO A 1 95  ? -0.611  -16.941 5.251   1.00 0.00 ? 95  PRO A CD   1 
ATOM 1441 H HA   . PRO A 1 95  ? -0.388  -16.936 8.392   1.00 0.00 ? 95  PRO A HA   1 
ATOM 1442 H HB2  . PRO A 1 95  ? -0.518  -19.497 7.390   1.00 0.00 ? 95  PRO A HB2  1 
ATOM 1443 H HB3  . PRO A 1 95  ? -1.855  -18.303 7.313   1.00 0.00 ? 95  PRO A HB3  1 
ATOM 1444 H HG2  . PRO A 1 95  ? 0.156   -18.944 5.153   1.00 0.00 ? 95  PRO A HG2  1 
ATOM 1445 H HG3  . PRO A 1 95  ? -1.635  -18.846 5.008   1.00 0.00 ? 95  PRO A HG3  1 
ATOM 1446 H HD2  . PRO A 1 95  ? -0.053  -16.747 4.337   1.00 0.00 ? 95  PRO A HD2  1 
ATOM 1447 H HD3  . PRO A 1 95  ? -1.599  -16.483 5.190   1.00 0.00 ? 95  PRO A HD3  1 
ATOM 1448 N N    . GLU A 1 96  ? 2.387   -17.965 6.921   1.00 0.00 ? 96  GLU A N    1 
ATOM 1449 C CA   . GLU A 1 96  ? 3.778   -18.333 7.148   1.00 0.00 ? 96  GLU A CA   1 
ATOM 1450 C C    . GLU A 1 96  ? 4.487   -17.191 7.891   1.00 0.00 ? 96  GLU A C    1 
ATOM 1451 O O    . GLU A 1 96  ? 5.266   -17.429 8.809   1.00 0.00 ? 96  GLU A O    1 
ATOM 1452 C CB   . GLU A 1 96  ? 4.411   -18.658 5.780   1.00 0.00 ? 96  GLU A CB   1 
ATOM 1453 C CG   . GLU A 1 96  ? 5.594   -19.636 5.831   1.00 0.00 ? 96  GLU A CG   1 
ATOM 1454 C CD   . GLU A 1 96  ? 6.925   -18.975 6.168   1.00 0.00 ? 96  GLU A CD   1 
ATOM 1455 O OE1  . GLU A 1 96  ? 7.487   -18.271 5.294   1.00 0.00 ? 96  GLU A OE1  1 
ATOM 1456 O OE2  . GLU A 1 96  ? 7.416   -19.128 7.306   1.00 0.00 ? 96  GLU A OE2  1 
ATOM 1457 H H    . GLU A 1 96  ? 2.117   -17.794 5.969   1.00 0.00 ? 96  GLU A H    1 
ATOM 1458 H HA   . GLU A 1 96  ? 3.802   -19.225 7.777   1.00 0.00 ? 96  GLU A HA   1 
ATOM 1459 H HB2  . GLU A 1 96  ? 3.637   -19.124 5.170   1.00 0.00 ? 96  GLU A HB2  1 
ATOM 1460 H HB3  . GLU A 1 96  ? 4.702   -17.737 5.272   1.00 0.00 ? 96  GLU A HB3  1 
ATOM 1461 H HG2  . GLU A 1 96  ? 5.385   -20.404 6.574   1.00 0.00 ? 96  GLU A HG2  1 
ATOM 1462 H HG3  . GLU A 1 96  ? 5.700   -20.084 4.842   1.00 0.00 ? 96  GLU A HG3  1 
ATOM 1463 N N    . LEU A 1 97  ? 4.179   -15.929 7.552   1.00 0.00 ? 97  LEU A N    1 
ATOM 1464 C CA   . LEU A 1 97  ? 4.741   -14.787 8.262   1.00 0.00 ? 97  LEU A CA   1 
ATOM 1465 C C    . LEU A 1 97  ? 4.242   -14.671 9.686   1.00 0.00 ? 97  LEU A C    1 
ATOM 1466 O O    . LEU A 1 97  ? 4.988   -14.181 10.525  1.00 0.00 ? 97  LEU A O    1 
ATOM 1467 C CB   . LEU A 1 97  ? 4.458   -13.441 7.586   1.00 0.00 ? 97  LEU A CB   1 
ATOM 1468 C CG   . LEU A 1 97  ? 5.544   -13.042 6.591   1.00 0.00 ? 97  LEU A CG   1 
ATOM 1469 C CD1  . LEU A 1 97  ? 5.066   -11.804 5.842   1.00 0.00 ? 97  LEU A CD1  1 
ATOM 1470 C CD2  . LEU A 1 97  ? 6.865   -12.704 7.268   1.00 0.00 ? 97  LEU A CD2  1 
ATOM 1471 H H    . LEU A 1 97  ? 3.514   -15.758 6.821   1.00 0.00 ? 97  LEU A H    1 
ATOM 1472 H HA   . LEU A 1 97  ? 5.804   -14.964 8.304   1.00 0.00 ? 97  LEU A HA   1 
ATOM 1473 H HB2  . LEU A 1 97  ? 3.507   -13.512 7.058   1.00 0.00 ? 97  LEU A HB2  1 
ATOM 1474 H HB3  . LEU A 1 97  ? 4.400   -12.654 8.340   1.00 0.00 ? 97  LEU A HB3  1 
ATOM 1475 H HG   . LEU A 1 97  ? 5.704   -13.858 5.900   1.00 0.00 ? 97  LEU A HG   1 
ATOM 1476 H HD11 . LEU A 1 97  ? 4.875   -11.000 6.553   1.00 0.00 ? 97  LEU A HD11 1 
ATOM 1477 H HD12 . LEU A 1 97  ? 5.829   -11.477 5.143   1.00 0.00 ? 97  LEU A HD12 1 
ATOM 1478 H HD13 . LEU A 1 97  ? 4.149   -12.031 5.308   1.00 0.00 ? 97  LEU A HD13 1 
ATOM 1479 H HD21 . LEU A 1 97  ? 7.207   -13.533 7.877   1.00 0.00 ? 97  LEU A HD21 1 
ATOM 1480 H HD22 . LEU A 1 97  ? 7.624   -12.516 6.509   1.00 0.00 ? 97  LEU A HD22 1 
ATOM 1481 H HD23 . LEU A 1 97  ? 6.728   -11.822 7.889   1.00 0.00 ? 97  LEU A HD23 1 
ATOM 1482 N N    . ARG A 1 98  ? 3.002   -15.075 9.957   1.00 0.00 ? 98  ARG A N    1 
ATOM 1483 C CA   . ARG A 1 98  ? 2.470   -15.038 11.309  1.00 0.00 ? 98  ARG A CA   1 
ATOM 1484 C C    . ARG A 1 98  ? 3.328   -15.925 12.192  1.00 0.00 ? 98  ARG A C    1 
ATOM 1485 O O    . ARG A 1 98  ? 3.903   -15.436 13.162  1.00 0.00 ? 98  ARG A O    1 
ATOM 1486 C CB   . ARG A 1 98  ? 1.002   -15.467 11.325  1.00 0.00 ? 98  ARG A CB   1 
ATOM 1487 C CG   . ARG A 1 98  ? 0.080   -14.392 10.739  1.00 0.00 ? 98  ARG A CG   1 
ATOM 1488 C CD   . ARG A 1 98  ? -1.356  -14.911 10.655  1.00 0.00 ? 98  ARG A CD   1 
ATOM 1489 N NE   . ARG A 1 98  ? -1.948  -14.569 9.354   1.00 0.00 ? 98  ARG A NE   1 
ATOM 1490 C CZ   . ARG A 1 98  ? -2.804  -15.310 8.652   1.00 0.00 ? 98  ARG A CZ   1 
ATOM 1491 N NH1  . ARG A 1 98  ? -3.386  -16.363 9.219   1.00 0.00 ? 98  ARG A NH1  1 
ATOM 1492 N NH2  . ARG A 1 98  ? -3.034  -14.986 7.386   1.00 0.00 ? 98  ARG A NH2  1 
ATOM 1493 H H    . ARG A 1 98  ? 2.433   -15.439 9.201   1.00 0.00 ? 98  ARG A H    1 
ATOM 1494 H HA   . ARG A 1 98  ? 2.561   -14.025 11.690  1.00 0.00 ? 98  ARG A HA   1 
ATOM 1495 H HB2  . ARG A 1 98  ? 0.896   -16.380 10.738  1.00 0.00 ? 98  ARG A HB2  1 
ATOM 1496 H HB3  . ARG A 1 98  ? 0.704   -15.659 12.349  1.00 0.00 ? 98  ARG A HB3  1 
ATOM 1497 H HG2  . ARG A 1 98  ? 0.104   -13.513 11.382  1.00 0.00 ? 98  ARG A HG2  1 
ATOM 1498 H HG3  . ARG A 1 98  ? 0.434   -14.114 9.748   1.00 0.00 ? 98  ARG A HG3  1 
ATOM 1499 H HD2  . ARG A 1 98  ? -1.352  -15.995 10.770  1.00 0.00 ? 98  ARG A HD2  1 
ATOM 1500 H HD3  . ARG A 1 98  ? -1.945  -14.478 11.467  1.00 0.00 ? 98  ARG A HD3  1 
ATOM 1501 H HE   . ARG A 1 98  ? -1.638  -13.692 8.935   1.00 0.00 ? 98  ARG A HE   1 
ATOM 1502 H HH11 . ARG A 1 98  ? -3.239  -16.546 10.202  1.00 0.00 ? 98  ARG A HH11 1 
ATOM 1503 H HH12 . ARG A 1 98  ? -3.981  -17.032 8.735   1.00 0.00 ? 98  ARG A HH12 1 
ATOM 1504 N N    . GLU A 1 99  ? 3.478   -17.191 11.804  1.00 0.00 ? 99  GLU A N    1 
ATOM 1505 C CA   . GLU A 1 99  ? 4.315   -18.140 12.523  1.00 0.00 ? 99  GLU A CA   1 
ATOM 1506 C C    . GLU A 1 99  ? 5.757   -17.641 12.600  1.00 0.00 ? 99  GLU A C    1 
ATOM 1507 O O    . GLU A 1 99  ? 6.370   -17.745 13.662  1.00 0.00 ? 99  GLU A O    1 
ATOM 1508 C CB   . GLU A 1 99  ? 4.232   -19.523 11.861  1.00 0.00 ? 99  GLU A CB   1 
ATOM 1509 C CG   . GLU A 1 99  ? 2.881   -20.183 12.172  1.00 0.00 ? 99  GLU A CG   1 
ATOM 1510 C CD   . GLU A 1 99  ? 2.687   -21.491 11.408  1.00 0.00 ? 99  GLU A CD   1 
ATOM 1511 O OE1  . GLU A 1 99  ? 3.431   -22.462 11.657  1.00 0.00 ? 99  GLU A OE1  1 
ATOM 1512 O OE2  . GLU A 1 99  ? 1.750   -21.569 10.580  1.00 0.00 ? 99  GLU A OE2  1 
ATOM 1513 H H    . GLU A 1 99  ? 2.998   -17.507 10.971  1.00 0.00 ? 99  GLU A H    1 
ATOM 1514 H HA   . GLU A 1 99  ? 3.944   -18.214 13.547  1.00 0.00 ? 99  GLU A HA   1 
ATOM 1515 H HB2  . GLU A 1 99  ? 4.342   -19.414 10.782  1.00 0.00 ? 99  GLU A HB2  1 
ATOM 1516 H HB3  . GLU A 1 99  ? 5.026   -20.160 12.251  1.00 0.00 ? 99  GLU A HB3  1 
ATOM 1517 H HG2  . GLU A 1 99  ? 2.834   -20.391 13.241  1.00 0.00 ? 99  GLU A HG2  1 
ATOM 1518 H HG3  . GLU A 1 99  ? 2.076   -19.496 11.913  1.00 0.00 ? 99  GLU A HG3  1 
ATOM 1519 N N    . LYS A 1 100 ? 6.295   -17.073 11.512  1.00 0.00 ? 100 LYS A N    1 
ATOM 1520 C CA   . LYS A 1 100 ? 7.638   -16.505 11.497  1.00 0.00 ? 100 LYS A CA   1 
ATOM 1521 C C    . LYS A 1 100 ? 7.779   -15.418 12.559  1.00 0.00 ? 100 LYS A C    1 
ATOM 1522 O O    . LYS A 1 100 ? 8.631   -15.546 13.436  1.00 0.00 ? 100 LYS A O    1 
ATOM 1523 C CB   . LYS A 1 100 ? 7.998   -15.979 10.099  1.00 0.00 ? 100 LYS A CB   1 
ATOM 1524 C CG   . LYS A 1 100 ? 9.409   -15.376 10.107  1.00 0.00 ? 100 LYS A CG   1 
ATOM 1525 C CD   . LYS A 1 100 ? 9.960   -15.054 8.713   1.00 0.00 ? 100 LYS A CD   1 
ATOM 1526 C CE   . LYS A 1 100 ? 11.095  -14.050 8.931   1.00 0.00 ? 100 LYS A CE   1 
ATOM 1527 N NZ   . LYS A 1 100 ? 12.215  -14.194 7.984   1.00 0.00 ? 100 LYS A NZ   1 
ATOM 1528 H H    . LYS A 1 100 ? 5.757   -17.078 10.650  1.00 0.00 ? 100 LYS A H    1 
ATOM 1529 H HA   . LYS A 1 100 ? 8.333   -17.306 11.751  1.00 0.00 ? 100 LYS A HA   1 
ATOM 1530 H HB2  . LYS A 1 100 ? 7.958   -16.801 9.384   1.00 0.00 ? 100 LYS A HB2  1 
ATOM 1531 H HB3  . LYS A 1 100 ? 7.295   -15.203 9.805   1.00 0.00 ? 100 LYS A HB3  1 
ATOM 1532 H HG2  . LYS A 1 100 ? 9.377   -14.450 10.682  1.00 0.00 ? 100 LYS A HG2  1 
ATOM 1533 H HG3  . LYS A 1 100 ? 10.098  -16.071 10.595  1.00 0.00 ? 100 LYS A HG3  1 
ATOM 1534 H HD2  . LYS A 1 100 ? 10.337  -15.959 8.237   1.00 0.00 ? 100 LYS A HD2  1 
ATOM 1535 H HD3  . LYS A 1 100 ? 9.198   -14.599 8.083   1.00 0.00 ? 100 LYS A HD3  1 
ATOM 1536 H HE2  . LYS A 1 100 ? 10.692  -13.041 8.843   1.00 0.00 ? 100 LYS A HE2  1 
ATOM 1537 H HE3  . LYS A 1 100 ? 11.495  -14.205 9.935   1.00 0.00 ? 100 LYS A HE3  1 
ATOM 1538 N N    . PHE A 1 101 ? 7.053   -14.307 12.414  1.00 0.00 ? 101 PHE A N    1 
ATOM 1539 C CA   . PHE A 1 101 ? 7.225   -13.135 13.257  1.00 0.00 ? 101 PHE A CA   1 
ATOM 1540 C C    . PHE A 1 101 ? 6.866   -13.456 14.708  1.00 0.00 ? 101 PHE A C    1 
ATOM 1541 O O    . PHE A 1 101 ? 7.657   -13.130 15.596  1.00 0.00 ? 101 PHE A O    1 
ATOM 1542 C CB   . PHE A 1 101 ? 6.427   -11.943 12.707  1.00 0.00 ? 101 PHE A CB   1 
ATOM 1543 C CG   . PHE A 1 101 ? 7.210   -11.098 11.717  1.00 0.00 ? 101 PHE A CG   1 
ATOM 1544 C CD1  . PHE A 1 101 ? 7.639   -11.633 10.487  1.00 0.00 ? 101 PHE A CD1  1 
ATOM 1545 C CD2  . PHE A 1 101 ? 7.593   -9.787  12.071  1.00 0.00 ? 101 PHE A CD2  1 
ATOM 1546 C CE1  . PHE A 1 101 ? 8.502   -10.889 9.657   1.00 0.00 ? 101 PHE A CE1  1 
ATOM 1547 C CE2  . PHE A 1 101 ? 8.427   -9.035  11.227  1.00 0.00 ? 101 PHE A CE2  1 
ATOM 1548 C CZ   . PHE A 1 101 ? 8.891   -9.591  10.023  1.00 0.00 ? 101 PHE A CZ   1 
ATOM 1549 H H    . PHE A 1 101 ? 6.361   -14.259 11.670  1.00 0.00 ? 101 PHE A H    1 
ATOM 1550 H HA   . PHE A 1 101 ? 8.279   -12.862 13.247  1.00 0.00 ? 101 PHE A HA   1 
ATOM 1551 H HB2  . PHE A 1 101 ? 5.518   -12.307 12.227  1.00 0.00 ? 101 PHE A HB2  1 
ATOM 1552 H HB3  . PHE A 1 101 ? 6.180   -11.308 13.553  1.00 0.00 ? 101 PHE A HB3  1 
ATOM 1553 H HD1  . PHE A 1 101 ? 7.305   -12.617 10.179  1.00 0.00 ? 101 PHE A HD1  1 
ATOM 1554 H HD2  . PHE A 1 101 ? 7.268   -9.359  13.010  1.00 0.00 ? 101 PHE A HD2  1 
ATOM 1555 H HE1  . PHE A 1 101 ? 8.862   -11.306 8.726   1.00 0.00 ? 101 PHE A HE1  1 
ATOM 1556 H HE2  . PHE A 1 101 ? 8.735   -8.038  11.510  1.00 0.00 ? 101 PHE A HE2  1 
ATOM 1557 H HZ   . PHE A 1 101 ? 9.546   -9.014  9.383   1.00 0.00 ? 101 PHE A HZ   1 
ATOM 1558 N N    . GLY A 1 102 ? 5.736   -14.129 14.940  1.00 0.00 ? 102 GLY A N    1 
ATOM 1559 C CA   . GLY A 1 102 ? 5.290   -14.567 16.254  1.00 0.00 ? 102 GLY A CA   1 
ATOM 1560 C C    . GLY A 1 102 ? 3.863   -14.123 16.569  1.00 0.00 ? 102 GLY A C    1 
ATOM 1561 O O    . GLY A 1 102 ? 3.595   -13.672 17.683  1.00 0.00 ? 102 GLY A O    1 
ATOM 1562 H H    . GLY A 1 102 ? 5.153   -14.413 14.157  1.00 0.00 ? 102 GLY A H    1 
ATOM 1563 H HA2  . GLY A 1 102 ? 5.326   -15.652 16.274  1.00 0.00 ? 102 GLY A HA2  1 
ATOM 1564 H HA3  . GLY A 1 102 ? 5.951   -14.185 17.028  1.00 0.00 ? 102 GLY A HA3  1 
ATOM 1565 N N    . VAL A 1 103 ? 2.964   -14.200 15.593  1.00 0.00 ? 103 VAL A N    1 
ATOM 1566 C CA   . VAL A 1 103 ? 1.560   -13.811 15.682  1.00 0.00 ? 103 VAL A CA   1 
ATOM 1567 C C    . VAL A 1 103 ? 0.743   -14.880 14.954  1.00 0.00 ? 103 VAL A C    1 
ATOM 1568 O O    . VAL A 1 103 ? -0.319  -14.546 14.383  1.00 0.00 ? 103 VAL A O    1 
ATOM 1569 C CB   . VAL A 1 103 ? 1.360   -12.377 15.134  1.00 0.00 ? 103 VAL A CB   1 
ATOM 1570 C CG1  . VAL A 1 103 ? 1.978   -11.318 16.061  1.00 0.00 ? 103 VAL A CG1  1 
ATOM 1571 C CG2  . VAL A 1 103 ? 1.910   -12.212 13.706  1.00 0.00 ? 103 VAL A CG2  1 
ATOM 1572 H H    . VAL A 1 103 ? 3.183   -14.718 14.747  1.00 0.00 ? 103 VAL A H    1 
ATOM 1573 H HA   . VAL A 1 103 ? 1.239   -13.836 16.724  1.00 0.00 ? 103 VAL A HA   1 
ATOM 1574 H HB   . VAL A 1 103 ? 0.290   -12.178 15.108  1.00 0.00 ? 103 VAL A HB   1 
ATOM 1575 H HG11 . VAL A 1 103 ? 3.051   -11.474 16.177  1.00 0.00 ? 103 VAL A HG11 1 
ATOM 1576 H HG12 . VAL A 1 103 ? 1.794   -10.317 15.676  1.00 0.00 ? 103 VAL A HG12 1 
ATOM 1577 H HG13 . VAL A 1 103 ? 1.502   -11.384 17.037  1.00 0.00 ? 103 VAL A HG13 1 
ATOM 1578 H HG21 . VAL A 1 103 ? 2.975   -12.438 13.656  1.00 0.00 ? 103 VAL A HG21 1 
ATOM 1579 H HG22 . VAL A 1 103 ? 1.370   -12.900 13.064  1.00 0.00 ? 103 VAL A HG22 1 
ATOM 1580 H HG23 . VAL A 1 103 ? 1.725   -11.211 13.325  1.00 0.00 ? 103 VAL A HG23 1 
# 
